data_3PEO
#
_entry.id   3PEO
#
_cell.length_a   124.699
_cell.length_b   147.574
_cell.length_c   148.857
_cell.angle_alpha   90.00
_cell.angle_beta   90.00
_cell.angle_gamma   90.00
#
_symmetry.space_group_name_H-M   'P 21 21 21'
#
loop_
_entity.id
_entity.type
_entity.pdbx_description
1 polymer 'Soluble acetylcholine receptor'
2 non-polymer "6,6',7',12'-tetramethoxy-2,2,2',2'-tetramethyltubocuraran-2,2'-diium"
3 water water
#
_entity_poly.entity_id   1
_entity_poly.type   'polypeptide(L)'
_entity_poly.pdbx_seq_one_letter_code
;DYKDDDDKLHSQANLMRLKSDLFNRSPMYPGPTKDDPLTVTLGFTLQDIVKADSSTNEVDLVYYEQQRWKLNSLMWDPNE
YGNITDFRTSAADIWTPDITAYSSTRPVQVLSPQIAVVTHDGSVMFIPAQRLSFMCDPTGVDSEEGATCAVKFGSWVYSG
FEIDLKTDTDQVDLSSYYASSKYEILSATQTRQVQHYSCCPEPYIDVNLVVKFRERRAGNGFFRNLFD
;
_entity_poly.pdbx_strand_id   A,B,C,D,E,F,G,H,I,J
#
loop_
_chem_comp.id
_chem_comp.type
_chem_comp.name
_chem_comp.formula
CU9 non-polymer 6,6',7',12'-tetramethoxy-2,2,2',2'-tetramethyltubocuraran-2,2'-diium 'C40 H48 N2 O6 2'
#
# COMPACT_ATOMS: atom_id res chain seq x y z
N SER A 11 -7.98 17.49 -3.83
CA SER A 11 -8.94 16.80 -2.91
C SER A 11 -9.42 15.49 -3.55
N GLN A 12 -9.71 15.54 -4.84
CA GLN A 12 -9.75 14.32 -5.66
C GLN A 12 -8.38 13.65 -5.59
N ALA A 13 -7.36 14.51 -5.57
CA ALA A 13 -5.97 14.11 -5.29
C ALA A 13 -5.91 13.21 -4.04
N ASN A 14 -6.39 13.80 -2.95
CA ASN A 14 -6.43 13.20 -1.64
C ASN A 14 -7.19 11.88 -1.56
N LEU A 15 -8.39 11.83 -2.16
CA LEU A 15 -9.22 10.60 -2.20
C LEU A 15 -8.54 9.39 -2.87
N MET A 16 -7.95 9.58 -4.07
CA MET A 16 -7.27 8.48 -4.78
C MET A 16 -6.07 7.97 -4.01
N ARG A 17 -5.36 8.89 -3.34
CA ARG A 17 -4.20 8.52 -2.51
C ARG A 17 -4.57 7.65 -1.26
N LEU A 18 -5.60 8.07 -0.51
CA LEU A 18 -6.23 7.22 0.54
C LEU A 18 -6.65 5.79 0.08
N LYS A 19 -7.45 5.72 -0.97
CA LYS A 19 -7.81 4.43 -1.60
C LYS A 19 -6.56 3.67 -2.02
N SER A 20 -5.63 4.38 -2.66
CA SER A 20 -4.26 3.88 -2.94
C SER A 20 -3.65 3.17 -1.70
N ASP A 21 -3.35 3.95 -0.65
CA ASP A 21 -2.81 3.45 0.64
C ASP A 21 -3.51 2.20 1.23
N LEU A 22 -4.84 2.26 1.34
CA LEU A 22 -5.63 1.28 2.10
C LEU A 22 -5.80 -0.11 1.52
N PHE A 23 -5.92 -0.20 0.19
CA PHE A 23 -6.30 -1.48 -0.45
C PHE A 23 -5.11 -2.40 -0.71
N ASN A 24 -3.94 -1.78 -0.90
CA ASN A 24 -2.75 -2.48 -1.38
C ASN A 24 -1.61 -2.80 -0.35
N TYR A 29 -7.87 -7.69 3.60
CA TYR A 29 -8.78 -8.33 4.57
C TYR A 29 -9.48 -9.59 4.05
N PRO A 30 -9.01 -10.78 4.48
CA PRO A 30 -9.53 -12.03 3.93
C PRO A 30 -10.72 -12.64 4.71
N GLY A 31 -11.47 -11.84 5.49
CA GLY A 31 -12.57 -12.40 6.33
C GLY A 31 -12.15 -12.77 7.76
N PRO A 32 -13.11 -12.94 8.69
CA PRO A 32 -12.76 -13.19 10.08
C PRO A 32 -12.35 -14.65 10.38
N THR A 33 -11.64 -14.82 11.49
CA THR A 33 -11.17 -16.09 12.04
C THR A 33 -11.60 -16.17 13.52
N LYS A 34 -11.43 -17.35 14.11
CA LYS A 34 -11.72 -17.53 15.53
C LYS A 34 -10.90 -16.59 16.46
N ASP A 35 -9.69 -16.23 16.07
CA ASP A 35 -8.84 -15.36 16.89
C ASP A 35 -9.02 -13.89 16.50
N ASP A 36 -9.47 -13.63 15.26
CA ASP A 36 -9.76 -12.26 14.83
C ASP A 36 -11.25 -12.17 14.39
N PRO A 37 -12.19 -12.37 15.33
CA PRO A 37 -13.60 -12.49 14.90
C PRO A 37 -14.21 -11.14 14.51
N LEU A 38 -15.35 -11.18 13.81
CA LEU A 38 -15.99 -9.95 13.35
C LEU A 38 -17.41 -9.88 13.93
N THR A 39 -17.80 -8.73 14.44
CA THR A 39 -19.18 -8.50 14.84
C THR A 39 -19.86 -7.67 13.72
N VAL A 40 -20.97 -8.21 13.13
CA VAL A 40 -21.74 -7.44 12.15
C VAL A 40 -23.01 -6.88 12.79
N THR A 41 -23.25 -5.58 12.64
CA THR A 41 -24.53 -5.07 13.11
C THR A 41 -25.58 -5.19 12.02
N LEU A 42 -26.73 -5.79 12.33
CA LEU A 42 -27.81 -5.83 11.33
C LEU A 42 -29.02 -4.98 11.76
N GLY A 43 -29.74 -4.41 10.80
CA GLY A 43 -31.05 -3.74 11.11
C GLY A 43 -31.88 -3.82 9.87
N PHE A 44 -33.20 -3.83 10.00
CA PHE A 44 -34.03 -3.91 8.83
C PHE A 44 -34.95 -2.72 8.75
N THR A 45 -35.09 -2.19 7.54
CA THR A 45 -36.09 -1.18 7.16
C THR A 45 -37.12 -1.89 6.33
N LEU A 46 -38.29 -2.16 6.89
CA LEU A 46 -39.33 -2.81 6.20
C LEU A 46 -40.06 -1.76 5.30
N GLN A 47 -40.04 -1.96 3.96
CA GLN A 47 -40.68 -1.05 3.03
C GLN A 47 -42.05 -1.53 2.59
N ASP A 48 -42.20 -2.82 2.38
CA ASP A 48 -43.52 -3.30 1.93
C ASP A 48 -43.65 -4.83 2.07
N ILE A 49 -44.79 -5.32 2.53
CA ILE A 49 -45.17 -6.68 2.24
C ILE A 49 -45.91 -6.68 0.94
N VAL A 50 -45.25 -7.14 -0.14
CA VAL A 50 -45.76 -6.97 -1.45
C VAL A 50 -46.86 -8.06 -1.73
N LYS A 51 -46.67 -9.28 -1.19
CA LYS A 51 -47.47 -10.47 -1.56
C LYS A 51 -47.51 -11.42 -0.42
N ALA A 52 -48.63 -12.09 -0.22
CA ALA A 52 -48.72 -13.20 0.79
C ALA A 52 -49.53 -14.29 0.13
N ASP A 53 -48.86 -15.37 -0.24
CA ASP A 53 -49.49 -16.35 -1.05
C ASP A 53 -49.89 -17.51 -0.11
N SER A 54 -51.20 -17.64 0.10
CA SER A 54 -51.71 -18.68 0.96
C SER A 54 -51.80 -20.02 0.27
N SER A 55 -51.55 -20.09 -1.05
CA SER A 55 -51.54 -21.36 -1.75
C SER A 55 -50.20 -22.07 -1.61
N THR A 56 -49.13 -21.29 -1.41
CA THR A 56 -47.80 -21.85 -1.18
C THR A 56 -47.20 -21.53 0.21
N ASN A 57 -47.82 -20.63 0.99
CA ASN A 57 -47.16 -20.18 2.24
C ASN A 57 -45.80 -19.53 2.01
N GLU A 58 -45.78 -18.52 1.13
CA GLU A 58 -44.66 -17.68 0.81
C GLU A 58 -45.14 -16.25 0.97
N VAL A 59 -44.31 -15.42 1.58
CA VAL A 59 -44.59 -14.00 1.73
C VAL A 59 -43.45 -13.28 1.04
N ASP A 60 -43.71 -12.17 0.30
CA ASP A 60 -42.64 -11.43 -0.31
C ASP A 60 -42.54 -10.06 0.35
N LEU A 61 -41.36 -9.73 0.85
CA LEU A 61 -41.09 -8.50 1.53
C LEU A 61 -40.04 -7.74 0.73
N VAL A 62 -40.20 -6.42 0.68
CA VAL A 62 -39.16 -5.50 0.17
C VAL A 62 -38.64 -4.78 1.40
N TYR A 63 -37.32 -4.79 1.62
CA TYR A 63 -36.68 -4.14 2.78
C TYR A 63 -35.22 -3.73 2.47
N TYR A 64 -34.68 -2.81 3.28
CA TYR A 64 -33.26 -2.50 3.23
C TYR A 64 -32.61 -3.35 4.33
N GLU A 65 -31.51 -4.05 4.02
CA GLU A 65 -30.78 -4.85 5.01
C GLU A 65 -29.55 -4.02 5.39
N GLN A 66 -29.66 -3.37 6.55
CA GLN A 66 -28.63 -2.51 7.04
C GLN A 66 -27.48 -3.36 7.59
N GLN A 67 -26.28 -3.21 7.04
CA GLN A 67 -25.14 -4.01 7.51
C GLN A 67 -24.00 -3.08 7.88
N ARG A 68 -23.33 -3.40 8.99
CA ARG A 68 -22.17 -2.61 9.38
C ARG A 68 -21.18 -3.44 10.13
N TRP A 69 -19.92 -3.26 9.77
CA TRP A 69 -18.88 -3.85 10.60
C TRP A 69 -17.68 -2.89 10.58
N LYS A 70 -16.65 -3.17 11.37
CA LYS A 70 -15.50 -2.25 11.46
C LYS A 70 -14.23 -3.04 11.36
N LEU A 71 -13.30 -2.56 10.55
CA LEU A 71 -12.04 -3.22 10.33
C LEU A 71 -10.85 -2.28 10.65
N ASN A 72 -9.86 -2.80 11.39
CA ASN A 72 -8.60 -2.05 11.68
C ASN A 72 -7.89 -1.54 10.42
N SER A 73 -7.73 -2.45 9.46
CA SER A 73 -7.35 -2.15 8.08
C SER A 73 -7.87 -0.83 7.47
N LEU A 74 -9.06 -0.39 7.85
CA LEU A 74 -9.61 0.73 7.11
C LEU A 74 -9.63 2.01 7.92
N MET A 75 -8.85 2.08 9.01
CA MET A 75 -8.79 3.36 9.76
C MET A 75 -7.81 4.33 9.05
N TRP A 76 -8.10 5.64 9.14
CA TRP A 76 -7.17 6.69 8.68
C TRP A 76 -7.46 8.00 9.42
N ASP A 77 -6.50 8.95 9.35
CA ASP A 77 -6.67 10.28 9.90
C ASP A 77 -7.20 11.23 8.82
N PRO A 78 -8.38 11.84 9.02
CA PRO A 78 -8.88 12.87 8.09
C PRO A 78 -7.92 14.06 7.98
N ASN A 79 -6.86 13.99 8.77
CA ASN A 79 -5.81 14.99 8.80
C ASN A 79 -4.67 14.64 7.85
N GLU A 80 -4.31 13.36 7.75
CA GLU A 80 -3.32 12.96 6.72
C GLU A 80 -3.87 12.93 5.26
N TYR A 81 -5.07 13.51 5.03
CA TYR A 81 -5.84 13.33 3.78
C TYR A 81 -6.94 14.39 3.54
N GLY A 82 -6.63 15.67 3.69
CA GLY A 82 -7.51 16.72 3.19
C GLY A 82 -8.90 16.84 3.83
N ASN A 83 -8.99 16.45 5.11
CA ASN A 83 -10.27 16.36 5.85
C ASN A 83 -11.31 15.36 5.27
N ILE A 84 -10.80 14.30 4.65
CA ILE A 84 -11.62 13.18 4.10
C ILE A 84 -11.98 12.21 5.23
N THR A 85 -13.25 12.26 5.60
CA THR A 85 -13.73 11.45 6.70
C THR A 85 -14.33 10.10 6.21
N ASP A 86 -14.63 10.00 4.90
CA ASP A 86 -15.24 8.78 4.35
C ASP A 86 -15.18 8.72 2.83
N PHE A 87 -15.41 7.53 2.25
CA PHE A 87 -15.56 7.39 0.79
C PHE A 87 -16.60 6.30 0.43
N ARG A 88 -16.99 6.28 -0.84
CA ARG A 88 -17.80 5.23 -1.36
C ARG A 88 -16.99 4.24 -2.21
N THR A 89 -17.30 2.94 -2.10
CA THR A 89 -16.63 1.96 -2.95
C THR A 89 -17.58 0.79 -3.29
N SER A 90 -17.42 0.28 -4.50
CA SER A 90 -18.13 -0.87 -4.98
C SER A 90 -18.00 -2.00 -3.97
N ALA A 91 -19.10 -2.66 -3.67
CA ALA A 91 -19.05 -3.75 -2.69
C ALA A 91 -18.21 -4.88 -3.23
N ALA A 92 -18.11 -4.93 -4.56
CA ALA A 92 -17.21 -5.91 -5.19
C ALA A 92 -15.71 -5.71 -4.92
N ASP A 93 -15.24 -4.52 -4.56
CA ASP A 93 -13.82 -4.32 -4.14
C ASP A 93 -13.50 -4.72 -2.73
N ILE A 94 -14.49 -5.11 -1.92
CA ILE A 94 -14.18 -5.33 -0.53
C ILE A 94 -14.82 -6.65 -0.05
N TRP A 95 -14.31 -7.19 1.04
CA TRP A 95 -14.96 -8.28 1.69
C TRP A 95 -16.31 -7.76 2.21
N THR A 96 -17.38 -8.53 2.01
CA THR A 96 -18.69 -8.27 2.69
C THR A 96 -19.21 -9.58 3.31
N PRO A 97 -19.98 -9.46 4.41
CA PRO A 97 -20.37 -10.70 5.06
C PRO A 97 -21.50 -11.39 4.26
N ASP A 98 -21.63 -12.71 4.43
CA ASP A 98 -22.49 -13.55 3.57
C ASP A 98 -23.83 -13.71 4.32
N ILE A 99 -24.41 -12.58 4.73
CA ILE A 99 -25.69 -12.59 5.43
C ILE A 99 -26.77 -13.18 4.60
N THR A 100 -27.47 -14.15 5.17
CA THR A 100 -28.42 -14.97 4.34
C THR A 100 -29.62 -15.22 5.17
N ALA A 101 -30.80 -15.20 4.52
CA ALA A 101 -32.03 -15.57 5.18
C ALA A 101 -31.96 -17.07 5.30
N TYR A 102 -32.48 -17.62 6.42
CA TYR A 102 -32.50 -19.07 6.63
C TYR A 102 -33.78 -19.80 6.27
N SER A 103 -34.78 -19.10 5.75
CA SER A 103 -35.99 -19.75 5.24
C SER A 103 -36.54 -19.06 3.96
N SER A 104 -35.65 -18.51 3.13
CA SER A 104 -36.03 -18.09 1.77
C SER A 104 -36.48 -19.26 0.94
N THR A 105 -37.34 -18.96 -0.02
CA THR A 105 -37.80 -19.91 -1.03
C THR A 105 -37.33 -19.58 -2.48
N ARG A 106 -36.74 -18.38 -2.66
CA ARG A 106 -36.22 -17.95 -3.95
C ARG A 106 -34.96 -17.20 -3.73
N PRO A 107 -34.10 -17.11 -4.75
CA PRO A 107 -32.98 -16.21 -4.50
C PRO A 107 -33.43 -14.77 -4.24
N VAL A 108 -32.75 -14.10 -3.33
CA VAL A 108 -33.05 -12.69 -3.08
C VAL A 108 -32.80 -11.84 -4.33
N GLN A 109 -33.63 -10.81 -4.61
CA GLN A 109 -33.35 -9.93 -5.74
C GLN A 109 -32.88 -8.59 -5.19
N VAL A 110 -31.78 -8.05 -5.72
CA VAL A 110 -31.18 -6.91 -5.09
C VAL A 110 -31.76 -5.72 -5.84
N LEU A 111 -32.20 -4.69 -5.10
CA LEU A 111 -32.91 -3.60 -5.82
C LEU A 111 -32.05 -2.35 -5.96
N SER A 112 -30.90 -2.32 -5.31
CA SER A 112 -30.21 -1.07 -5.27
C SER A 112 -28.72 -1.26 -5.68
N PRO A 113 -27.99 -0.15 -5.99
CA PRO A 113 -26.54 -0.30 -6.30
C PRO A 113 -25.77 -0.99 -5.19
N GLN A 114 -24.79 -1.82 -5.55
CA GLN A 114 -24.00 -2.48 -4.54
C GLN A 114 -22.76 -1.65 -4.24
N ILE A 115 -22.88 -0.74 -3.27
CA ILE A 115 -21.86 0.21 -3.05
C ILE A 115 -21.87 0.38 -1.55
N ALA A 116 -20.67 0.39 -0.98
CA ALA A 116 -20.49 0.49 0.46
C ALA A 116 -19.89 1.90 0.82
N VAL A 117 -19.97 2.28 2.09
CA VAL A 117 -19.53 3.59 2.51
C VAL A 117 -18.55 3.17 3.55
N VAL A 118 -17.30 3.63 3.42
CA VAL A 118 -16.32 3.37 4.44
C VAL A 118 -16.04 4.67 5.17
N THR A 119 -16.03 4.61 6.53
CA THR A 119 -15.67 5.77 7.37
C THR A 119 -14.23 5.68 7.98
N HIS A 120 -13.64 6.83 8.30
CA HIS A 120 -12.21 6.86 8.75
C HIS A 120 -11.96 6.05 10.03
N ASP A 121 -13.02 5.92 10.85
CA ASP A 121 -12.96 5.03 12.01
C ASP A 121 -12.91 3.55 11.60
N GLY A 122 -12.87 3.26 10.28
CA GLY A 122 -12.71 1.85 9.81
C GLY A 122 -14.04 1.05 9.74
N SER A 123 -15.14 1.76 9.87
CA SER A 123 -16.43 1.17 9.82
C SER A 123 -16.88 1.14 8.33
N VAL A 124 -17.51 0.02 7.98
CA VAL A 124 -18.10 -0.16 6.66
C VAL A 124 -19.60 -0.24 6.79
N MET A 125 -20.33 0.49 5.96
CA MET A 125 -21.77 0.39 5.98
C MET A 125 -22.17 -0.01 4.62
N PHE A 126 -23.04 -1.02 4.52
CA PHE A 126 -23.51 -1.52 3.27
C PHE A 126 -25.01 -1.82 3.44
N ILE A 127 -25.86 -1.21 2.63
CA ILE A 127 -27.28 -1.35 2.92
C ILE A 127 -27.95 -1.67 1.57
N PRO A 128 -27.98 -2.95 1.18
CA PRO A 128 -28.80 -3.29 -0.01
C PRO A 128 -30.29 -3.29 0.22
N ALA A 129 -31.06 -2.76 -0.73
CA ALA A 129 -32.46 -2.99 -0.74
C ALA A 129 -32.66 -4.28 -1.58
N GLN A 130 -33.60 -5.12 -1.15
CA GLN A 130 -33.75 -6.50 -1.60
C GLN A 130 -35.19 -6.86 -1.60
N ARG A 131 -35.58 -7.79 -2.48
CA ARG A 131 -36.89 -8.42 -2.37
C ARG A 131 -36.64 -9.88 -1.99
N LEU A 132 -37.41 -10.38 -1.02
CA LEU A 132 -37.16 -11.73 -0.47
C LEU A 132 -38.51 -12.43 -0.38
N SER A 133 -38.59 -13.66 -0.92
CA SER A 133 -39.67 -14.62 -0.62
C SER A 133 -39.18 -15.57 0.46
N PHE A 134 -39.99 -15.74 1.49
CA PHE A 134 -39.64 -16.64 2.58
C PHE A 134 -40.90 -17.39 3.08
N MET A 135 -40.66 -18.43 3.86
CA MET A 135 -41.67 -19.35 4.29
C MET A 135 -42.52 -18.70 5.40
N CYS A 136 -43.81 -18.62 5.13
CA CYS A 136 -44.72 -17.89 5.95
C CYS A 136 -46.13 -18.30 5.57
N ASP A 137 -46.85 -18.77 6.60
CA ASP A 137 -48.27 -19.03 6.54
C ASP A 137 -49.02 -17.77 6.92
N PRO A 138 -49.71 -17.11 5.94
CA PRO A 138 -50.43 -15.90 6.23
C PRO A 138 -51.84 -16.09 6.82
N THR A 139 -52.20 -17.29 7.29
CA THR A 139 -53.55 -17.48 7.86
C THR A 139 -53.80 -16.49 8.99
N GLY A 140 -54.97 -15.87 8.98
CA GLY A 140 -55.26 -14.83 10.00
C GLY A 140 -54.99 -13.41 9.45
N VAL A 141 -54.42 -13.32 8.25
CA VAL A 141 -54.08 -12.01 7.75
C VAL A 141 -55.36 -11.20 7.52
N ASP A 142 -56.50 -11.85 7.24
CA ASP A 142 -57.80 -11.12 7.06
C ASP A 142 -58.62 -11.05 8.35
N SER A 143 -57.98 -10.86 9.47
CA SER A 143 -58.67 -10.86 10.74
C SER A 143 -58.06 -9.70 11.47
N GLU A 144 -58.68 -9.31 12.58
CA GLU A 144 -58.12 -8.21 13.37
C GLU A 144 -56.76 -8.53 14.04
N GLU A 145 -56.58 -9.77 14.54
CA GLU A 145 -55.31 -10.26 15.13
C GLU A 145 -54.14 -10.35 14.07
N GLY A 146 -54.53 -10.47 12.79
CA GLY A 146 -53.60 -10.66 11.63
C GLY A 146 -52.70 -11.90 11.69
N ALA A 147 -51.64 -11.92 10.88
CA ALA A 147 -50.81 -13.10 10.75
C ALA A 147 -49.51 -12.78 11.44
N THR A 148 -48.70 -13.77 11.72
CA THR A 148 -47.36 -13.57 12.31
C THR A 148 -46.35 -14.47 11.62
N CYS A 149 -45.29 -13.88 11.11
CA CYS A 149 -44.26 -14.67 10.46
C CYS A 149 -42.90 -14.28 10.95
N ALA A 150 -41.91 -15.19 10.82
CA ALA A 150 -40.51 -14.99 11.25
C ALA A 150 -39.54 -15.52 10.20
N VAL A 151 -38.45 -14.79 10.02
CA VAL A 151 -37.25 -15.21 9.22
C VAL A 151 -36.01 -14.73 9.92
N LYS A 152 -34.95 -15.56 9.99
CA LYS A 152 -33.77 -15.41 10.80
C LYS A 152 -32.72 -15.06 9.71
N PHE A 153 -31.73 -14.25 10.05
CA PHE A 153 -30.68 -13.86 9.09
C PHE A 153 -29.39 -14.12 9.78
N GLY A 154 -28.37 -14.50 9.02
CA GLY A 154 -27.06 -14.72 9.65
C GLY A 154 -26.10 -15.18 8.61
N SER A 155 -24.86 -15.36 9.00
CA SER A 155 -23.83 -15.81 8.06
C SER A 155 -24.21 -17.26 7.66
N TRP A 156 -23.86 -17.69 6.44
CA TRP A 156 -24.13 -19.08 6.01
C TRP A 156 -22.90 -19.93 6.38
N VAL A 157 -21.68 -19.41 6.12
CA VAL A 157 -20.47 -20.28 6.21
C VAL A 157 -19.56 -19.99 7.43
N TYR A 158 -19.71 -18.83 8.09
CA TYR A 158 -18.94 -18.51 9.32
C TYR A 158 -19.69 -18.84 10.59
N SER A 159 -19.05 -19.58 11.49
CA SER A 159 -19.71 -20.01 12.71
C SER A 159 -19.81 -18.86 13.65
N GLY A 160 -20.45 -19.09 14.77
CA GLY A 160 -20.44 -18.02 15.74
C GLY A 160 -19.08 -17.82 16.37
N PHE A 161 -18.08 -18.65 16.04
CA PHE A 161 -16.71 -18.41 16.46
C PHE A 161 -16.04 -17.31 15.64
N GLU A 162 -16.52 -17.07 14.40
CA GLU A 162 -15.84 -16.14 13.48
C GLU A 162 -16.71 -14.92 13.27
N ILE A 163 -18.03 -15.15 13.23
CA ILE A 163 -18.92 -14.00 13.07
C ILE A 163 -19.97 -13.95 14.18
N ASP A 164 -20.06 -12.76 14.81
CA ASP A 164 -21.09 -12.47 15.80
C ASP A 164 -22.01 -11.38 15.21
N LEU A 165 -23.22 -11.24 15.75
CA LEU A 165 -24.15 -10.26 15.23
C LEU A 165 -24.69 -9.42 16.40
N LYS A 166 -25.30 -8.29 16.08
CA LYS A 166 -26.00 -7.50 17.08
C LYS A 166 -26.87 -6.56 16.33
N THR A 167 -27.90 -6.02 16.97
CA THR A 167 -28.77 -4.99 16.43
C THR A 167 -28.46 -3.72 17.21
N ASP A 168 -28.76 -2.53 16.65
CA ASP A 168 -28.59 -1.26 17.35
C ASP A 168 -29.84 -0.97 18.17
N THR A 169 -30.91 -1.67 17.81
CA THR A 169 -32.23 -1.49 18.36
C THR A 169 -33.07 -2.73 18.06
N ASP A 170 -34.08 -3.02 18.88
CA ASP A 170 -35.01 -4.12 18.54
C ASP A 170 -36.22 -3.76 17.72
N GLN A 171 -36.43 -2.46 17.55
CA GLN A 171 -37.46 -1.91 16.66
C GLN A 171 -37.00 -1.98 15.21
N VAL A 172 -37.80 -2.62 14.38
CA VAL A 172 -37.53 -2.62 12.94
C VAL A 172 -37.83 -1.16 12.55
N ASP A 173 -36.97 -0.57 11.74
CA ASP A 173 -37.27 0.70 11.09
C ASP A 173 -38.49 0.67 10.14
N LEU A 174 -39.59 1.27 10.59
CA LEU A 174 -40.78 1.35 9.75
C LEU A 174 -41.05 2.76 9.20
N SER A 175 -40.06 3.62 9.27
CA SER A 175 -40.32 4.97 8.85
C SER A 175 -40.51 5.04 7.32
N SER A 176 -40.14 4.00 6.58
CA SER A 176 -40.35 4.01 5.14
C SER A 176 -41.41 3.04 4.70
N TYR A 177 -42.18 2.50 5.63
CA TYR A 177 -43.14 1.50 5.27
C TYR A 177 -44.15 2.13 4.33
N TYR A 178 -44.48 1.46 3.22
CA TYR A 178 -45.40 2.01 2.18
C TYR A 178 -46.85 2.17 2.70
N ALA A 179 -47.34 3.41 2.80
CA ALA A 179 -48.63 3.68 3.50
C ALA A 179 -49.79 3.07 2.78
N SER A 180 -49.59 2.79 1.49
CA SER A 180 -50.68 2.18 0.75
C SER A 180 -50.52 0.68 0.42
N SER A 181 -49.64 -0.03 1.13
CA SER A 181 -49.44 -1.48 0.92
C SER A 181 -50.80 -2.20 1.11
N LYS A 182 -50.98 -3.39 0.49
CA LYS A 182 -52.12 -4.23 0.83
C LYS A 182 -52.08 -4.64 2.28
N TYR A 183 -50.91 -4.50 2.93
CA TYR A 183 -50.72 -4.98 4.31
C TYR A 183 -50.22 -3.93 5.24
N GLU A 184 -50.92 -3.77 6.35
CA GLU A 184 -50.38 -2.95 7.46
C GLU A 184 -49.54 -3.73 8.47
N ILE A 185 -48.55 -3.07 9.03
CA ILE A 185 -47.71 -3.69 10.01
C ILE A 185 -48.25 -3.38 11.41
N LEU A 186 -48.56 -4.44 12.13
CA LEU A 186 -48.97 -4.36 13.52
C LEU A 186 -47.76 -4.31 14.43
N SER A 187 -46.74 -5.16 14.23
CA SER A 187 -45.41 -4.93 14.88
C SER A 187 -44.30 -5.58 14.08
N ALA A 188 -43.07 -5.19 14.33
CA ALA A 188 -41.97 -5.77 13.65
C ALA A 188 -40.74 -5.55 14.59
N THR A 189 -40.13 -6.67 14.99
CA THR A 189 -39.02 -6.68 15.91
C THR A 189 -37.83 -7.37 15.26
N GLN A 190 -36.63 -6.96 15.61
CA GLN A 190 -35.48 -7.65 15.10
C GLN A 190 -34.68 -8.01 16.35
N THR A 191 -34.24 -9.28 16.56
CA THR A 191 -33.64 -9.69 17.83
C THR A 191 -32.53 -10.70 17.61
N ARG A 192 -31.34 -10.39 18.13
CA ARG A 192 -30.25 -11.29 18.09
C ARG A 192 -30.64 -12.54 18.93
N GLN A 193 -30.36 -13.72 18.33
CA GLN A 193 -30.50 -14.96 19.03
C GLN A 193 -29.17 -15.72 19.03
N VAL A 194 -28.85 -16.35 20.14
CA VAL A 194 -27.72 -17.31 20.19
C VAL A 194 -28.27 -18.67 20.57
N GLN A 195 -27.96 -19.68 19.74
CA GLN A 195 -28.43 -21.02 19.98
C GLN A 195 -27.29 -21.99 20.07
N HIS A 196 -27.44 -23.02 20.92
CA HIS A 196 -26.52 -24.14 21.02
C HIS A 196 -27.28 -25.46 20.77
N TYR A 197 -26.66 -26.40 20.05
CA TYR A 197 -27.34 -27.66 19.73
C TYR A 197 -26.35 -28.78 19.99
N SER A 198 -26.88 -29.89 20.51
CA SER A 198 -26.01 -31.07 20.84
C SER A 198 -25.20 -31.55 19.67
N CYS A 199 -25.78 -31.58 18.47
CA CYS A 199 -25.01 -31.97 17.26
C CYS A 199 -23.69 -31.25 17.09
N CYS A 200 -23.64 -30.00 17.54
CA CYS A 200 -22.68 -29.08 16.99
C CYS A 200 -21.96 -28.25 18.04
N PRO A 201 -20.64 -28.15 17.94
CA PRO A 201 -19.78 -27.42 18.87
C PRO A 201 -19.52 -25.95 18.56
N GLU A 202 -20.29 -25.29 17.68
CA GLU A 202 -20.16 -23.82 17.52
C GLU A 202 -21.49 -23.17 17.91
N PRO A 203 -21.46 -21.92 18.45
CA PRO A 203 -22.79 -21.27 18.68
C PRO A 203 -23.45 -20.90 17.32
N TYR A 204 -24.76 -21.05 17.19
CA TYR A 204 -25.57 -20.62 16.02
C TYR A 204 -26.15 -19.23 16.33
N ILE A 205 -25.59 -18.20 15.66
CA ILE A 205 -26.00 -16.78 15.94
C ILE A 205 -26.81 -16.21 14.77
N ASP A 206 -27.88 -15.50 15.06
CA ASP A 206 -28.72 -14.97 13.97
C ASP A 206 -29.52 -13.78 14.49
N VAL A 207 -30.22 -13.05 13.58
CA VAL A 207 -31.09 -11.94 13.98
C VAL A 207 -32.40 -12.39 13.41
N ASN A 208 -33.39 -12.49 14.29
CA ASN A 208 -34.72 -13.00 13.96
C ASN A 208 -35.67 -11.85 13.71
N LEU A 209 -36.30 -11.79 12.54
CA LEU A 209 -37.16 -10.70 12.18
C LEU A 209 -38.62 -11.24 12.31
N VAL A 210 -39.43 -10.66 13.20
CA VAL A 210 -40.78 -11.22 13.43
C VAL A 210 -41.73 -10.10 13.02
N VAL A 211 -42.62 -10.36 12.09
CA VAL A 211 -43.59 -9.36 11.64
C VAL A 211 -44.98 -9.87 11.81
N LYS A 212 -45.81 -9.00 12.37
CA LYS A 212 -47.24 -9.28 12.58
C LYS A 212 -47.98 -8.33 11.67
N PHE A 213 -48.92 -8.81 10.87
CA PHE A 213 -49.43 -7.90 9.89
C PHE A 213 -50.78 -8.34 9.51
N ARG A 214 -51.57 -7.48 8.87
CA ARG A 214 -52.93 -7.84 8.42
C ARG A 214 -53.32 -7.00 7.23
N GLU A 215 -54.31 -7.49 6.49
CA GLU A 215 -54.87 -6.75 5.35
C GLU A 215 -55.29 -5.37 5.84
N ARG A 216 -54.85 -4.35 5.10
CA ARG A 216 -55.14 -2.92 5.45
C ARG A 216 -56.67 -2.65 5.44
N ARG A 217 -57.17 -2.05 6.53
CA ARG A 217 -58.54 -1.49 6.54
C ARG A 217 -58.67 -0.24 7.43
N LYS B 8 -3.90 -11.21 16.22
CA LYS B 8 -5.08 -10.80 15.40
C LYS B 8 -4.68 -10.22 14.04
N LEU B 9 -3.75 -9.25 14.05
CA LEU B 9 -3.16 -8.74 12.80
C LEU B 9 -2.26 -9.87 12.31
N HIS B 10 -1.74 -10.61 13.30
CA HIS B 10 -0.97 -11.85 13.07
C HIS B 10 -1.79 -13.02 12.57
N SER B 11 -2.98 -13.28 13.12
CA SER B 11 -3.80 -14.42 12.63
C SER B 11 -4.25 -14.22 11.16
N GLN B 12 -4.68 -13.01 10.84
CA GLN B 12 -4.90 -12.55 9.47
C GLN B 12 -3.67 -12.81 8.54
N ALA B 13 -2.46 -12.49 9.02
CA ALA B 13 -1.26 -12.82 8.26
C ALA B 13 -1.17 -14.30 8.02
N ASN B 14 -1.39 -15.08 9.06
CA ASN B 14 -1.28 -16.51 8.90
C ASN B 14 -2.35 -17.13 7.97
N LEU B 15 -3.57 -16.55 7.97
CA LEU B 15 -4.66 -17.05 7.08
C LEU B 15 -4.29 -16.83 5.63
N MET B 16 -3.95 -15.59 5.25
CA MET B 16 -3.48 -15.26 3.86
C MET B 16 -2.26 -16.10 3.40
N ARG B 17 -1.33 -16.31 4.33
CA ARG B 17 -0.19 -17.22 4.05
C ARG B 17 -0.60 -18.69 3.79
N LEU B 18 -1.40 -19.28 4.69
CA LEU B 18 -1.95 -20.64 4.47
C LEU B 18 -2.61 -20.77 3.07
N LYS B 19 -3.49 -19.81 2.77
CA LYS B 19 -4.21 -19.80 1.54
C LYS B 19 -3.25 -19.73 0.39
N SER B 20 -2.37 -18.74 0.45
CA SER B 20 -1.30 -18.62 -0.53
C SER B 20 -0.43 -19.92 -0.72
N ASP B 21 0.08 -20.53 0.36
CA ASP B 21 0.72 -21.87 0.26
C ASP B 21 -0.12 -22.98 -0.45
N LEU B 22 -1.40 -23.07 -0.14
CA LEU B 22 -2.23 -24.15 -0.68
C LEU B 22 -2.60 -23.92 -2.13
N PHE B 23 -2.83 -22.65 -2.48
CA PHE B 23 -3.41 -22.27 -3.76
C PHE B 23 -2.44 -21.77 -4.86
N ASN B 24 -1.22 -21.37 -4.45
CA ASN B 24 -0.03 -21.10 -5.33
C ASN B 24 1.13 -22.01 -4.98
N ARG B 25 0.91 -23.31 -5.19
CA ARG B 25 1.93 -24.37 -5.03
C ARG B 25 1.46 -25.51 -5.93
N SER B 26 0.30 -26.12 -5.63
CA SER B 26 -0.25 -27.17 -6.52
C SER B 26 -1.72 -27.60 -6.29
N TYR B 29 -5.06 -29.34 -7.36
CA TYR B 29 -5.96 -30.57 -7.53
C TYR B 29 -6.89 -30.48 -8.74
N PRO B 30 -6.64 -31.30 -9.78
CA PRO B 30 -7.40 -31.20 -11.04
C PRO B 30 -8.73 -32.03 -11.10
N GLY B 31 -9.23 -32.55 -9.98
CA GLY B 31 -10.47 -33.33 -10.08
C GLY B 31 -10.07 -34.78 -10.01
N PRO B 32 -11.04 -35.66 -9.70
CA PRO B 32 -10.67 -37.06 -9.46
C PRO B 32 -10.50 -37.84 -10.76
N THR B 33 -9.76 -38.95 -10.68
CA THR B 33 -9.49 -39.82 -11.81
C THR B 33 -9.67 -41.30 -11.34
N LYS B 34 -9.74 -42.25 -12.28
CA LYS B 34 -9.72 -43.67 -11.99
C LYS B 34 -8.54 -44.07 -11.08
N ASP B 35 -7.40 -43.41 -11.27
CA ASP B 35 -6.24 -43.63 -10.40
C ASP B 35 -6.28 -42.92 -9.05
N ASP B 36 -7.25 -42.02 -8.86
CA ASP B 36 -7.26 -41.12 -7.70
C ASP B 36 -8.71 -40.83 -7.43
N PRO B 37 -9.48 -41.86 -7.12
CA PRO B 37 -10.91 -41.62 -7.02
C PRO B 37 -11.26 -40.83 -5.75
N LEU B 38 -12.45 -40.26 -5.71
CA LEU B 38 -12.85 -39.49 -4.59
C LEU B 38 -14.20 -40.00 -4.07
N THR B 39 -14.34 -40.10 -2.77
CA THR B 39 -15.63 -40.40 -2.13
C THR B 39 -16.27 -39.11 -1.66
N VAL B 40 -17.45 -38.79 -2.19
CA VAL B 40 -18.24 -37.64 -1.77
C VAL B 40 -19.34 -38.20 -0.86
N THR B 41 -19.42 -37.70 0.37
CA THR B 41 -20.54 -38.02 1.28
C THR B 41 -21.68 -36.98 1.07
N LEU B 42 -22.89 -37.47 0.81
CA LEU B 42 -24.01 -36.59 0.54
C LEU B 42 -25.06 -36.80 1.58
N GLY B 43 -25.65 -35.71 2.04
CA GLY B 43 -26.82 -35.75 2.93
C GLY B 43 -27.79 -34.59 2.65
N PHE B 44 -29.11 -34.90 2.78
CA PHE B 44 -30.21 -33.93 2.51
C PHE B 44 -30.92 -33.51 3.76
N THR B 45 -31.30 -32.24 3.81
CA THR B 45 -32.12 -31.65 4.90
C THR B 45 -33.26 -31.03 4.09
N LEU B 46 -34.49 -31.53 4.24
CA LEU B 46 -35.62 -31.02 3.52
C LEU B 46 -36.21 -29.92 4.38
N GLN B 47 -36.34 -28.70 3.82
CA GLN B 47 -36.91 -27.59 4.54
C GLN B 47 -38.38 -27.29 4.19
N ASP B 48 -38.72 -27.45 2.93
CA ASP B 48 -40.09 -27.23 2.62
C ASP B 48 -40.45 -27.86 1.30
N ILE B 49 -41.68 -28.28 1.15
CA ILE B 49 -42.22 -28.55 -0.18
C ILE B 49 -43.07 -27.33 -0.46
N VAL B 50 -42.61 -26.48 -1.37
CA VAL B 50 -43.23 -25.17 -1.55
C VAL B 50 -44.51 -25.28 -2.38
N LYS B 51 -44.50 -26.13 -3.39
CA LYS B 51 -45.59 -26.14 -4.40
C LYS B 51 -45.60 -27.55 -5.02
N ALA B 52 -46.80 -28.07 -5.32
CA ALA B 52 -46.95 -29.33 -6.07
C ALA B 52 -47.88 -28.98 -7.23
N ASP B 53 -47.50 -29.16 -8.49
CA ASP B 53 -48.36 -28.65 -9.58
C ASP B 53 -48.93 -29.83 -10.37
N SER B 54 -50.21 -30.13 -10.19
CA SER B 54 -50.73 -31.32 -10.80
C SER B 54 -51.06 -31.04 -12.25
N SER B 55 -50.88 -29.80 -12.71
CA SER B 55 -51.09 -29.56 -14.17
C SER B 55 -49.88 -29.92 -15.01
N THR B 56 -48.67 -29.92 -14.40
CA THR B 56 -47.46 -30.25 -15.18
C THR B 56 -46.71 -31.38 -14.50
N ASN B 57 -47.21 -31.89 -13.39
CA ASN B 57 -46.42 -32.85 -12.60
C ASN B 57 -45.02 -32.38 -12.24
N GLU B 58 -44.97 -31.14 -11.73
CA GLU B 58 -43.75 -30.63 -11.09
C GLU B 58 -43.96 -30.37 -9.64
N VAL B 59 -42.98 -30.74 -8.83
CA VAL B 59 -42.96 -30.42 -7.40
C VAL B 59 -41.73 -29.57 -7.06
N ASP B 60 -41.91 -28.57 -6.20
CA ASP B 60 -40.79 -27.66 -5.84
C ASP B 60 -40.37 -27.92 -4.39
N LEU B 61 -39.09 -28.19 -4.18
CA LEU B 61 -38.52 -28.40 -2.87
C LEU B 61 -37.51 -27.35 -2.51
N VAL B 62 -37.47 -27.05 -1.21
CA VAL B 62 -36.31 -26.29 -0.70
C VAL B 62 -35.60 -27.19 0.27
N TYR B 63 -34.32 -27.40 0.03
CA TYR B 63 -33.61 -28.34 0.84
C TYR B 63 -32.15 -27.91 0.92
N TYR B 64 -31.36 -28.50 1.85
CA TYR B 64 -29.90 -28.21 1.90
C TYR B 64 -29.22 -29.50 1.47
N GLU B 65 -28.14 -29.37 0.71
CA GLU B 65 -27.35 -30.49 0.22
C GLU B 65 -25.99 -30.43 0.87
N GLN B 66 -25.72 -31.29 1.86
CA GLN B 66 -24.41 -31.25 2.51
C GLN B 66 -23.47 -32.17 1.72
N GLN B 67 -22.37 -31.60 1.20
CA GLN B 67 -21.39 -32.34 0.43
C GLN B 67 -20.08 -32.30 1.17
N ARG B 68 -19.40 -33.44 1.22
CA ARG B 68 -18.14 -33.55 2.00
C ARG B 68 -17.24 -34.46 1.22
N TRP B 69 -16.00 -34.03 1.11
CA TRP B 69 -14.93 -34.82 0.58
C TRP B 69 -13.62 -34.36 1.21
N LYS B 70 -12.58 -35.10 0.88
CA LYS B 70 -11.29 -34.87 1.57
C LYS B 70 -10.11 -35.03 0.61
N LEU B 71 -9.21 -34.06 0.60
CA LEU B 71 -8.03 -34.10 -0.27
C LEU B 71 -6.74 -33.93 0.49
N ASN B 72 -5.75 -34.76 0.13
CA ASN B 72 -4.35 -34.56 0.59
C ASN B 72 -3.79 -33.19 0.28
N SER B 73 -4.10 -32.65 -0.88
CA SER B 73 -3.55 -31.35 -1.27
C SER B 73 -4.10 -30.19 -0.45
N LEU B 74 -5.02 -30.47 0.47
CA LEU B 74 -5.61 -29.42 1.25
C LEU B 74 -5.34 -29.53 2.76
N MET B 75 -4.46 -30.47 3.15
CA MET B 75 -4.13 -30.69 4.57
C MET B 75 -3.04 -29.70 4.99
N TRP B 76 -3.03 -29.30 6.27
CA TRP B 76 -1.94 -28.50 6.79
C TRP B 76 -1.84 -28.77 8.27
N ASP B 77 -0.72 -28.34 8.86
CA ASP B 77 -0.52 -28.46 10.29
C ASP B 77 -0.90 -27.12 10.90
N PRO B 78 -1.99 -27.05 11.71
CA PRO B 78 -2.37 -25.79 12.35
C PRO B 78 -1.20 -25.08 13.12
N ASN B 79 -0.30 -25.89 13.69
CA ASN B 79 0.86 -25.34 14.43
C ASN B 79 1.71 -24.41 13.59
N GLU B 80 1.86 -24.74 12.31
CA GLU B 80 2.60 -23.91 11.35
C GLU B 80 1.89 -22.64 10.88
N TYR B 81 0.65 -22.40 11.32
CA TYR B 81 -0.14 -21.30 10.79
C TYR B 81 -0.93 -20.67 11.85
N GLY B 82 -0.29 -20.43 12.98
CA GLY B 82 -0.92 -19.66 14.02
C GLY B 82 -2.15 -20.33 14.62
N ASN B 83 -2.15 -21.66 14.65
CA ASN B 83 -3.27 -22.48 15.16
C ASN B 83 -4.61 -22.45 14.31
N ILE B 84 -4.53 -21.93 13.09
CA ILE B 84 -5.68 -21.95 12.18
C ILE B 84 -6.10 -23.41 11.84
N THR B 85 -7.32 -23.77 12.16
CA THR B 85 -7.76 -25.15 11.89
C THR B 85 -8.69 -25.24 10.70
N ASP B 86 -9.23 -24.12 10.22
CA ASP B 86 -10.05 -24.14 9.02
C ASP B 86 -10.12 -22.75 8.44
N PHE B 87 -10.69 -22.66 7.23
CA PHE B 87 -10.88 -21.40 6.61
C PHE B 87 -12.02 -21.53 5.57
N ARG B 88 -12.58 -20.40 5.19
CA ARG B 88 -13.64 -20.33 4.18
C ARG B 88 -13.06 -19.91 2.87
N THR B 89 -13.53 -20.50 1.81
CA THR B 89 -13.13 -20.00 0.56
C THR B 89 -14.27 -20.15 -0.45
N SER B 90 -14.23 -19.31 -1.47
CA SER B 90 -15.22 -19.32 -2.49
C SER B 90 -15.08 -20.63 -3.22
N ALA B 91 -16.22 -21.21 -3.61
CA ALA B 91 -16.30 -22.48 -4.31
C ALA B 91 -15.67 -22.45 -5.72
N ALA B 92 -15.75 -21.30 -6.40
CA ALA B 92 -14.90 -20.99 -7.58
C ALA B 92 -13.39 -21.19 -7.35
N ASP B 93 -12.92 -21.16 -6.11
CA ASP B 93 -11.46 -21.24 -5.84
C ASP B 93 -10.95 -22.71 -5.86
N ILE B 94 -11.90 -23.67 -5.70
CA ILE B 94 -11.54 -25.07 -5.53
C ILE B 94 -12.42 -25.92 -6.40
N TRP B 95 -11.92 -27.13 -6.67
CA TRP B 95 -12.69 -28.13 -7.37
C TRP B 95 -13.86 -28.44 -6.48
N THR B 96 -15.06 -28.57 -7.04
CA THR B 96 -16.23 -29.11 -6.30
C THR B 96 -16.95 -30.13 -7.16
N PRO B 97 -17.64 -31.04 -6.52
CA PRO B 97 -18.26 -32.11 -7.27
C PRO B 97 -19.48 -31.64 -8.03
N ASP B 98 -19.69 -32.21 -9.20
CA ASP B 98 -20.83 -31.74 -10.08
C ASP B 98 -22.09 -32.56 -9.78
N ILE B 99 -22.45 -32.58 -8.50
CA ILE B 99 -23.62 -33.30 -8.07
C ILE B 99 -24.85 -32.70 -8.69
N THR B 100 -25.73 -33.51 -9.33
CA THR B 100 -26.85 -32.92 -10.09
C THR B 100 -28.07 -33.78 -9.89
N ALA B 101 -29.25 -33.17 -9.74
CA ALA B 101 -30.55 -33.90 -9.79
C ALA B 101 -30.81 -34.43 -11.19
N TYR B 102 -31.20 -35.70 -11.34
CA TYR B 102 -31.30 -36.27 -12.69
C TYR B 102 -32.67 -36.02 -13.35
N SER B 103 -33.65 -35.47 -12.63
CA SER B 103 -34.97 -35.27 -13.24
C SER B 103 -35.51 -33.86 -12.84
N SER B 104 -34.64 -32.83 -12.86
CA SER B 104 -35.04 -31.49 -12.57
C SER B 104 -35.79 -31.03 -13.80
N THR B 105 -36.72 -30.05 -13.67
CA THR B 105 -37.45 -29.53 -14.84
C THR B 105 -37.02 -28.07 -15.09
N ARG B 106 -36.19 -27.49 -14.21
CA ARG B 106 -35.79 -26.07 -14.28
CA ARG B 106 -35.77 -26.08 -14.31
C ARG B 106 -34.42 -25.97 -13.67
N PRO B 107 -33.58 -24.98 -14.09
CA PRO B 107 -32.27 -24.89 -13.38
C PRO B 107 -32.56 -24.68 -11.89
N VAL B 108 -31.81 -25.38 -11.04
CA VAL B 108 -31.88 -25.19 -9.61
CA VAL B 108 -31.85 -25.18 -9.59
C VAL B 108 -31.56 -23.71 -9.26
N GLN B 109 -32.22 -23.18 -8.27
CA GLN B 109 -31.90 -21.82 -7.87
C GLN B 109 -31.17 -21.91 -6.52
N VAL B 110 -30.01 -21.26 -6.45
CA VAL B 110 -29.13 -21.37 -5.31
C VAL B 110 -29.52 -20.28 -4.26
N LEU B 111 -29.74 -20.69 -3.00
CA LEU B 111 -30.27 -19.79 -1.98
C LEU B 111 -29.16 -19.32 -1.05
N SER B 112 -28.01 -19.94 -1.15
CA SER B 112 -26.98 -19.65 -0.20
C SER B 112 -25.66 -19.29 -0.91
N PRO B 113 -24.74 -18.66 -0.16
CA PRO B 113 -23.42 -18.20 -0.67
C PRO B 113 -22.61 -19.41 -1.19
N GLN B 114 -21.98 -19.25 -2.36
CA GLN B 114 -21.17 -20.28 -2.96
C GLN B 114 -19.78 -20.19 -2.37
N ILE B 115 -19.70 -20.59 -1.09
CA ILE B 115 -18.46 -20.58 -0.30
C ILE B 115 -18.43 -21.92 0.47
N ALA B 116 -17.25 -22.52 0.62
CA ALA B 116 -17.03 -23.78 1.29
C ALA B 116 -16.11 -23.59 2.48
N VAL B 117 -16.02 -24.59 3.34
CA VAL B 117 -15.16 -24.52 4.53
C VAL B 117 -14.21 -25.69 4.42
N VAL B 118 -12.93 -25.36 4.48
CA VAL B 118 -11.87 -26.35 4.38
C VAL B 118 -11.26 -26.48 5.78
N THR B 119 -11.05 -27.72 6.21
CA THR B 119 -10.52 -28.04 7.53
C THR B 119 -9.10 -28.61 7.34
N HIS B 120 -8.24 -28.42 8.34
CA HIS B 120 -6.81 -28.78 8.26
C HIS B 120 -6.52 -30.23 7.91
N ASP B 121 -7.47 -31.12 8.17
CA ASP B 121 -7.24 -32.51 7.72
C ASP B 121 -7.50 -32.69 6.23
N GLY B 122 -7.76 -31.60 5.51
CA GLY B 122 -8.00 -31.64 4.05
C GLY B 122 -9.47 -31.93 3.68
N SER B 123 -10.34 -32.04 4.67
CA SER B 123 -11.77 -32.14 4.40
C SER B 123 -12.46 -30.80 4.02
N VAL B 124 -13.43 -30.89 3.11
CA VAL B 124 -14.14 -29.71 2.62
C VAL B 124 -15.63 -29.97 2.88
N MET B 125 -16.36 -28.95 3.30
CA MET B 125 -17.75 -29.16 3.44
C MET B 125 -18.38 -28.03 2.69
N PHE B 126 -19.39 -28.35 1.93
CA PHE B 126 -20.07 -27.34 1.15
C PHE B 126 -21.54 -27.69 1.29
N ILE B 127 -22.36 -26.67 1.65
CA ILE B 127 -23.79 -26.87 1.94
C ILE B 127 -24.67 -25.93 1.17
N PRO B 128 -24.81 -26.20 -0.12
CA PRO B 128 -25.70 -25.31 -0.93
C PRO B 128 -27.19 -25.51 -0.58
N ALA B 129 -27.86 -24.43 -0.21
CA ALA B 129 -29.31 -24.47 -0.08
C ALA B 129 -29.87 -24.16 -1.45
N GLN B 130 -30.95 -24.87 -1.86
CA GLN B 130 -31.48 -24.82 -3.23
C GLN B 130 -32.94 -24.95 -3.26
N ARG B 131 -33.56 -24.38 -4.29
CA ARG B 131 -34.97 -24.68 -4.59
C ARG B 131 -34.97 -25.42 -5.92
N LEU B 132 -35.56 -26.61 -5.96
CA LEU B 132 -35.40 -27.44 -7.10
C LEU B 132 -36.84 -27.74 -7.59
N SER B 133 -37.12 -27.55 -8.88
CA SER B 133 -38.31 -28.19 -9.47
C SER B 133 -37.93 -29.51 -10.14
N PHE B 134 -38.67 -30.56 -9.81
CA PHE B 134 -38.37 -31.86 -10.36
C PHE B 134 -39.63 -32.60 -10.75
N MET B 135 -39.48 -33.66 -11.54
CA MET B 135 -40.63 -34.36 -12.06
C MET B 135 -41.36 -35.18 -10.99
N CYS B 136 -42.62 -34.93 -10.86
CA CYS B 136 -43.36 -35.53 -9.74
C CYS B 136 -44.85 -35.33 -9.92
N ASP B 137 -45.52 -36.46 -9.97
CA ASP B 137 -47.00 -36.51 -10.03
C ASP B 137 -47.53 -36.46 -8.59
N PRO B 138 -48.19 -35.37 -8.18
CA PRO B 138 -48.66 -35.34 -6.80
C PRO B 138 -50.07 -35.94 -6.54
N THR B 139 -50.62 -36.73 -7.48
CA THR B 139 -51.93 -37.48 -7.25
C THR B 139 -51.94 -38.26 -5.92
N GLY B 140 -52.97 -38.08 -5.12
CA GLY B 140 -53.03 -38.70 -3.78
C GLY B 140 -52.54 -37.77 -2.65
N VAL B 141 -52.06 -36.57 -2.97
CA VAL B 141 -51.52 -35.72 -1.92
C VAL B 141 -52.64 -35.25 -0.96
N ASP B 142 -53.85 -35.20 -1.48
CA ASP B 142 -55.03 -34.83 -0.70
C ASP B 142 -55.70 -36.04 -0.08
N SER B 143 -54.96 -37.12 0.20
CA SER B 143 -55.53 -38.30 0.78
C SER B 143 -54.64 -38.67 1.93
N GLU B 144 -55.09 -39.61 2.76
CA GLU B 144 -54.38 -40.00 3.98
C GLU B 144 -53.01 -40.57 3.69
N GLU B 145 -52.95 -41.32 2.59
CA GLU B 145 -51.76 -42.05 2.17
C GLU B 145 -50.78 -41.13 1.45
N GLY B 146 -51.25 -39.99 0.95
CA GLY B 146 -50.35 -38.98 0.37
C GLY B 146 -49.75 -39.44 -0.98
N ALA B 147 -48.78 -38.66 -1.50
CA ALA B 147 -48.17 -38.92 -2.78
C ALA B 147 -46.71 -39.24 -2.48
N THR B 148 -46.07 -39.94 -3.38
CA THR B 148 -44.66 -40.27 -3.16
C THR B 148 -43.96 -39.79 -4.42
N CYS B 149 -42.89 -39.01 -4.26
CA CYS B 149 -42.02 -38.77 -5.39
C CYS B 149 -40.51 -39.14 -5.20
N ALA B 150 -39.76 -39.27 -6.28
CA ALA B 150 -38.37 -39.62 -6.11
C ALA B 150 -37.50 -38.84 -7.08
N VAL B 151 -36.28 -38.48 -6.67
CA VAL B 151 -35.32 -37.85 -7.56
C VAL B 151 -33.90 -38.32 -7.20
N LYS B 152 -33.11 -38.66 -8.21
CA LYS B 152 -31.78 -39.28 -8.08
C LYS B 152 -30.83 -38.11 -8.15
N PHE B 153 -29.86 -38.10 -7.28
CA PHE B 153 -28.74 -37.17 -7.41
C PHE B 153 -27.43 -37.94 -7.67
N GLY B 154 -26.55 -37.36 -8.47
CA GLY B 154 -25.22 -37.88 -8.68
C GLY B 154 -24.36 -37.01 -9.56
N SER B 155 -23.08 -37.39 -9.70
CA SER B 155 -22.22 -36.73 -10.64
C SER B 155 -22.82 -36.71 -12.06
N TRP B 156 -22.74 -35.60 -12.77
CA TRP B 156 -23.20 -35.64 -14.16
C TRP B 156 -22.15 -36.33 -15.07
N VAL B 157 -20.86 -36.19 -14.77
CA VAL B 157 -19.78 -36.59 -15.79
C VAL B 157 -18.76 -37.58 -15.25
N TYR B 158 -18.72 -37.79 -13.93
CA TYR B 158 -17.82 -38.80 -13.38
C TYR B 158 -18.57 -40.10 -13.08
N SER B 159 -18.07 -41.25 -13.59
CA SER B 159 -18.64 -42.57 -13.17
C SER B 159 -18.19 -42.91 -11.82
N GLY B 160 -18.69 -44.07 -11.34
CA GLY B 160 -18.29 -44.72 -10.07
C GLY B 160 -16.82 -45.02 -10.00
N PHE B 161 -16.10 -45.03 -11.14
CA PHE B 161 -14.65 -45.16 -11.12
C PHE B 161 -13.90 -43.96 -10.61
N GLU B 162 -14.47 -42.76 -10.74
CA GLU B 162 -13.83 -41.54 -10.27
C GLU B 162 -14.45 -40.92 -9.00
N ILE B 163 -15.79 -40.92 -8.88
CA ILE B 163 -16.50 -40.44 -7.71
C ILE B 163 -17.38 -41.57 -7.18
N ASP B 164 -17.16 -41.95 -5.94
CA ASP B 164 -18.08 -42.81 -5.25
C ASP B 164 -18.91 -41.96 -4.34
N LEU B 165 -20.18 -42.28 -4.16
CA LEU B 165 -21.00 -41.44 -3.25
C LEU B 165 -21.35 -42.23 -2.05
N LYS B 166 -21.52 -41.56 -0.94
CA LYS B 166 -21.90 -42.25 0.23
C LYS B 166 -22.84 -41.36 1.06
N THR B 167 -23.73 -41.98 1.83
CA THR B 167 -24.65 -41.26 2.73
C THR B 167 -24.17 -41.66 4.13
N ASP B 168 -24.40 -40.82 5.11
CA ASP B 168 -24.02 -41.06 6.50
C ASP B 168 -25.19 -41.66 7.26
N THR B 169 -26.37 -41.73 6.59
CA THR B 169 -27.61 -42.10 7.22
C THR B 169 -28.59 -42.38 6.08
N ASP B 170 -29.59 -43.20 6.33
CA ASP B 170 -30.59 -43.52 5.31
C ASP B 170 -31.71 -42.47 5.35
N GLN B 171 -31.72 -41.62 6.38
CA GLN B 171 -32.83 -40.68 6.64
C GLN B 171 -32.44 -39.27 6.16
N VAL B 172 -33.33 -38.64 5.42
CA VAL B 172 -33.27 -37.21 5.11
C VAL B 172 -33.59 -36.50 6.46
N ASP B 173 -32.78 -35.50 6.80
CA ASP B 173 -33.02 -34.70 8.00
C ASP B 173 -34.23 -33.84 7.84
N LEU B 174 -35.20 -34.05 8.69
CA LEU B 174 -36.47 -33.39 8.64
C LEU B 174 -36.64 -32.43 9.83
N SER B 175 -35.62 -32.27 10.64
CA SER B 175 -35.90 -31.55 11.93
C SER B 175 -36.08 -30.05 11.70
N SER B 176 -35.60 -29.56 10.55
CA SER B 176 -35.82 -28.14 10.12
C SER B 176 -36.94 -27.97 9.13
N TYR B 177 -37.74 -28.97 8.97
CA TYR B 177 -38.84 -28.85 7.98
C TYR B 177 -39.81 -27.78 8.52
N TYR B 178 -40.27 -26.85 7.66
CA TYR B 178 -41.10 -25.76 8.07
C TYR B 178 -42.46 -26.23 8.58
N ALA B 179 -42.80 -25.95 9.86
CA ALA B 179 -43.98 -26.59 10.51
C ALA B 179 -45.29 -26.08 9.99
N SER B 180 -45.28 -24.99 9.25
CA SER B 180 -46.53 -24.53 8.57
C SER B 180 -46.54 -24.63 7.04
N SER B 181 -45.67 -25.49 6.49
CA SER B 181 -45.74 -25.83 5.07
C SER B 181 -47.17 -26.22 4.67
N LYS B 182 -47.52 -26.02 3.39
CA LYS B 182 -48.76 -26.54 2.91
C LYS B 182 -48.74 -28.08 3.00
N TYR B 183 -47.54 -28.69 3.05
CA TYR B 183 -47.46 -30.17 2.97
C TYR B 183 -46.80 -30.75 4.18
N GLU B 184 -47.30 -31.89 4.62
CA GLU B 184 -46.62 -32.55 5.71
C GLU B 184 -45.85 -33.78 5.22
N ILE B 185 -44.70 -34.08 5.86
CA ILE B 185 -43.80 -35.17 5.33
C ILE B 185 -44.14 -36.47 6.07
N LEU B 186 -44.49 -37.51 5.34
CA LEU B 186 -44.71 -38.83 5.89
C LEU B 186 -43.41 -39.63 6.02
N SER B 187 -42.52 -39.45 5.07
CA SER B 187 -41.23 -40.11 5.10
C SER B 187 -40.28 -39.50 4.05
N ALA B 188 -39.00 -39.55 4.33
CA ALA B 188 -38.01 -38.90 3.48
C ALA B 188 -36.75 -39.64 3.70
N THR B 189 -36.30 -40.33 2.64
CA THR B 189 -35.15 -41.21 2.73
C THR B 189 -34.22 -40.92 1.55
N GLN B 190 -32.98 -41.38 1.68
CA GLN B 190 -31.87 -41.07 0.74
C GLN B 190 -31.08 -42.34 0.69
N THR B 191 -30.99 -43.03 -0.46
CA THR B 191 -30.51 -44.41 -0.51
C THR B 191 -29.51 -44.44 -1.61
N ARG B 192 -28.26 -44.75 -1.30
CA ARG B 192 -27.22 -44.89 -2.31
C ARG B 192 -27.54 -46.07 -3.16
N GLN B 193 -27.31 -45.94 -4.46
CA GLN B 193 -27.56 -47.04 -5.36
C GLN B 193 -26.43 -47.16 -6.35
N VAL B 194 -26.04 -48.40 -6.66
CA VAL B 194 -24.98 -48.62 -7.66
C VAL B 194 -25.65 -49.45 -8.76
N GLN B 195 -25.31 -49.14 -10.00
CA GLN B 195 -25.94 -49.75 -11.15
C GLN B 195 -24.94 -49.92 -12.29
N HIS B 196 -25.05 -51.04 -12.97
CA HIS B 196 -24.34 -51.32 -14.22
C HIS B 196 -25.20 -51.58 -15.45
N TYR B 197 -24.65 -51.22 -16.62
CA TYR B 197 -25.39 -51.36 -17.89
C TYR B 197 -24.58 -52.16 -18.89
N SER B 198 -25.26 -53.04 -19.67
CA SER B 198 -24.57 -53.86 -20.69
C SER B 198 -23.63 -53.04 -21.56
N CYS B 199 -24.09 -51.83 -21.93
CA CYS B 199 -23.36 -50.98 -22.90
C CYS B 199 -21.99 -50.58 -22.44
N CYS B 200 -21.84 -50.51 -21.12
CA CYS B 200 -20.81 -49.66 -20.55
C CYS B 200 -20.14 -50.45 -19.42
N PRO B 201 -18.83 -50.32 -19.26
CA PRO B 201 -18.17 -50.99 -18.16
C PRO B 201 -18.15 -50.26 -16.80
N GLU B 202 -18.44 -48.97 -16.76
CA GLU B 202 -18.24 -48.25 -15.47
C GLU B 202 -19.44 -48.48 -14.53
N PRO B 203 -19.23 -48.54 -13.21
CA PRO B 203 -20.43 -48.50 -12.38
C PRO B 203 -21.00 -47.07 -12.37
N TYR B 204 -22.31 -46.92 -12.27
CA TYR B 204 -22.98 -45.61 -12.01
C TYR B 204 -23.62 -45.59 -10.62
N ILE B 205 -23.37 -44.50 -9.90
CA ILE B 205 -23.69 -44.38 -8.50
C ILE B 205 -24.60 -43.16 -8.35
N ASP B 206 -25.66 -43.29 -7.58
CA ASP B 206 -26.46 -42.13 -7.33
C ASP B 206 -27.02 -42.21 -5.97
N VAL B 207 -27.75 -41.15 -5.55
CA VAL B 207 -28.47 -41.25 -4.27
C VAL B 207 -29.90 -40.88 -4.55
N ASN B 208 -30.81 -41.79 -4.21
CA ASN B 208 -32.21 -41.68 -4.54
C ASN B 208 -32.98 -41.08 -3.33
N LEU B 209 -33.57 -39.91 -3.57
CA LEU B 209 -34.25 -39.13 -2.57
C LEU B 209 -35.74 -39.39 -2.77
N VAL B 210 -36.37 -40.05 -1.81
CA VAL B 210 -37.77 -40.41 -1.96
C VAL B 210 -38.50 -39.75 -0.80
N VAL B 211 -39.58 -39.09 -1.12
CA VAL B 211 -40.28 -38.25 -0.17
C VAL B 211 -41.75 -38.53 -0.34
N LYS B 212 -42.38 -38.89 0.77
CA LYS B 212 -43.79 -39.17 0.73
C LYS B 212 -44.43 -38.12 1.52
N PHE B 213 -45.50 -37.55 1.00
CA PHE B 213 -45.92 -36.27 1.61
C PHE B 213 -47.40 -36.10 1.39
N ARG B 214 -48.07 -35.25 2.15
CA ARG B 214 -49.49 -35.00 1.81
C ARG B 214 -49.93 -33.61 2.29
N GLU B 215 -51.07 -33.14 1.80
CA GLU B 215 -51.62 -31.85 2.27
C GLU B 215 -51.80 -31.82 3.80
N ARG B 216 -51.34 -30.75 4.44
CA ARG B 216 -51.35 -30.65 5.92
C ARG B 216 -52.84 -30.68 6.41
N ARG B 217 -53.11 -31.38 7.52
CA ARG B 217 -54.48 -31.45 8.11
C ARG B 217 -54.92 -30.17 8.86
N ASP C 5 0.23 -42.39 -2.04
CA ASP C 5 0.18 -40.90 -1.92
C ASP C 5 1.23 -40.26 -2.85
N ASP C 6 2.07 -41.11 -3.44
CA ASP C 6 3.07 -40.72 -4.44
C ASP C 6 2.71 -41.19 -5.86
N ASP C 7 2.00 -42.32 -5.97
CA ASP C 7 1.31 -42.69 -7.22
C ASP C 7 0.28 -41.60 -7.55
N LYS C 8 -0.47 -41.22 -6.51
CA LYS C 8 -1.61 -40.29 -6.58
C LYS C 8 -1.21 -38.84 -6.90
N LEU C 9 -0.14 -38.38 -6.27
CA LEU C 9 0.49 -37.10 -6.57
C LEU C 9 1.05 -37.08 -8.01
N HIS C 10 1.58 -38.24 -8.43
CA HIS C 10 2.19 -38.41 -9.74
C HIS C 10 1.12 -38.46 -10.86
N SER C 11 0.02 -39.15 -10.59
CA SER C 11 -1.08 -39.26 -11.56
C SER C 11 -1.79 -37.90 -11.76
N GLN C 12 -1.97 -37.12 -10.69
CA GLN C 12 -2.46 -35.72 -10.77
C GLN C 12 -1.52 -34.89 -11.61
N ALA C 13 -0.22 -35.12 -11.41
CA ALA C 13 0.76 -34.32 -12.10
C ALA C 13 0.68 -34.62 -13.59
N ASN C 14 0.43 -35.88 -13.92
CA ASN C 14 0.27 -36.27 -15.32
C ASN C 14 -0.95 -35.62 -16.01
N LEU C 15 -2.09 -35.67 -15.31
CA LEU C 15 -3.28 -34.99 -15.80
C LEU C 15 -3.11 -33.49 -16.06
N MET C 16 -2.61 -32.73 -15.08
CA MET C 16 -2.31 -31.32 -15.29
C MET C 16 -1.34 -31.01 -16.42
N ARG C 17 -0.37 -31.89 -16.68
CA ARG C 17 0.55 -31.66 -17.82
C ARG C 17 -0.10 -31.99 -19.16
N LEU C 18 -0.87 -33.06 -19.21
CA LEU C 18 -1.66 -33.35 -20.45
C LEU C 18 -2.53 -32.15 -20.85
N LYS C 19 -3.24 -31.59 -19.87
CA LYS C 19 -4.19 -30.49 -20.07
C LYS C 19 -3.42 -29.25 -20.47
N SER C 20 -2.22 -29.04 -19.91
CA SER C 20 -1.39 -27.91 -20.35
C SER C 20 -0.80 -28.14 -21.77
N ASP C 21 -0.30 -29.35 -22.06
CA ASP C 21 0.09 -29.70 -23.43
C ASP C 21 -1.02 -29.49 -24.51
N LEU C 22 -2.24 -29.93 -24.22
CA LEU C 22 -3.32 -29.74 -25.18
C LEU C 22 -3.85 -28.31 -25.18
N PHE C 23 -3.90 -27.64 -24.02
CA PHE C 23 -4.63 -26.37 -23.93
C PHE C 23 -3.77 -25.11 -24.09
N ASN C 24 -2.46 -25.25 -23.91
CA ASN C 24 -1.56 -24.08 -23.82
C ASN C 24 -0.49 -23.96 -24.92
N ARG C 25 -0.08 -25.08 -25.51
CA ARG C 25 0.72 -25.04 -26.75
C ARG C 25 -0.17 -25.49 -27.91
N SER C 26 0.45 -25.83 -29.05
CA SER C 26 -0.22 -26.58 -30.14
C SER C 26 -1.25 -25.77 -30.97
N TYR C 29 -8.64 -24.04 -30.85
CA TYR C 29 -9.18 -24.61 -32.10
C TYR C 29 -10.16 -23.63 -32.66
N PRO C 30 -9.98 -23.28 -33.94
CA PRO C 30 -10.79 -22.19 -34.47
C PRO C 30 -12.21 -22.58 -34.87
N GLY C 31 -12.58 -23.84 -34.70
CA GLY C 31 -13.83 -24.44 -35.30
C GLY C 31 -13.58 -25.00 -36.71
N PRO C 32 -14.56 -25.72 -37.30
CA PRO C 32 -14.41 -26.32 -38.61
C PRO C 32 -14.39 -25.32 -39.80
N THR C 33 -13.83 -25.74 -40.93
CA THR C 33 -13.90 -24.96 -42.15
C THR C 33 -14.29 -25.92 -43.26
N LYS C 34 -14.54 -25.37 -44.44
CA LYS C 34 -14.85 -26.19 -45.59
C LYS C 34 -13.68 -27.16 -45.94
N ASP C 35 -12.46 -26.75 -45.61
CA ASP C 35 -11.34 -27.61 -45.89
C ASP C 35 -11.26 -28.71 -44.83
N ASP C 36 -11.62 -28.38 -43.59
CA ASP C 36 -11.54 -29.30 -42.43
C ASP C 36 -12.92 -29.47 -41.77
N PRO C 37 -13.92 -30.11 -42.44
CA PRO C 37 -15.29 -30.03 -41.85
C PRO C 37 -15.46 -31.02 -40.72
N LEU C 38 -16.48 -30.83 -39.89
CA LEU C 38 -16.66 -31.68 -38.72
C LEU C 38 -18.04 -32.32 -38.79
N THR C 39 -18.15 -33.59 -38.44
CA THR C 39 -19.46 -34.24 -38.25
C THR C 39 -19.75 -34.38 -36.74
N VAL C 40 -20.86 -33.85 -36.27
CA VAL C 40 -21.25 -34.01 -34.85
C VAL C 40 -22.34 -35.07 -34.86
N THR C 41 -22.16 -36.07 -34.06
CA THR C 41 -23.17 -37.05 -33.81
C THR C 41 -24.06 -36.59 -32.64
N LEU C 42 -25.36 -36.51 -32.89
CA LEU C 42 -26.37 -36.07 -31.94
C LEU C 42 -27.29 -37.27 -31.61
N GLY C 43 -27.70 -37.33 -30.33
CA GLY C 43 -28.64 -38.30 -29.80
C GLY C 43 -29.62 -37.58 -28.80
N PHE C 44 -30.92 -37.80 -28.88
CA PHE C 44 -31.81 -37.17 -27.82
C PHE C 44 -32.34 -38.26 -26.91
N THR C 45 -32.39 -37.97 -25.59
CA THR C 45 -33.03 -38.80 -24.64
C THR C 45 -34.16 -37.97 -24.05
N LEU C 46 -35.41 -38.22 -24.43
CA LEU C 46 -36.54 -37.36 -23.99
C LEU C 46 -36.90 -37.77 -22.59
N GLN C 47 -36.81 -36.84 -21.62
CA GLN C 47 -37.25 -37.18 -20.30
C GLN C 47 -38.69 -36.84 -19.93
N ASP C 48 -39.19 -35.71 -20.41
CA ASP C 48 -40.55 -35.34 -20.01
C ASP C 48 -41.00 -34.31 -21.00
N ILE C 49 -42.26 -34.41 -21.38
CA ILE C 49 -42.96 -33.29 -21.92
C ILE C 49 -43.61 -32.62 -20.75
N VAL C 50 -43.10 -31.43 -20.35
CA VAL C 50 -43.54 -30.83 -19.11
C VAL C 50 -44.83 -30.03 -19.25
N LYS C 51 -44.99 -29.29 -20.35
CA LYS C 51 -46.18 -28.42 -20.48
C LYS C 51 -46.57 -28.35 -21.95
N ALA C 52 -47.86 -28.33 -22.25
CA ALA C 52 -48.35 -28.08 -23.60
C ALA C 52 -49.37 -26.93 -23.51
N ASP C 53 -48.99 -25.75 -24.00
CA ASP C 53 -49.78 -24.57 -23.79
C ASP C 53 -50.58 -24.27 -25.07
N SER C 54 -51.88 -24.59 -25.05
CA SER C 54 -52.70 -24.31 -26.23
C SER C 54 -53.10 -22.85 -26.35
N SER C 55 -52.73 -22.00 -25.39
CA SER C 55 -53.08 -20.61 -25.55
C SER C 55 -52.00 -19.87 -26.31
N THR C 56 -50.77 -20.42 -26.37
CA THR C 56 -49.66 -19.75 -27.08
C THR C 56 -49.04 -20.68 -28.15
N ASN C 57 -49.49 -21.95 -28.16
CA ASN C 57 -48.90 -22.94 -29.06
C ASN C 57 -47.39 -23.06 -28.79
N GLU C 58 -47.12 -23.34 -27.52
CA GLU C 58 -45.73 -23.63 -27.08
C GLU C 58 -45.80 -24.95 -26.30
N VAL C 59 -44.85 -25.82 -26.54
CA VAL C 59 -44.60 -27.01 -25.78
C VAL C 59 -43.16 -26.98 -25.16
N ASP C 60 -43.06 -27.42 -23.91
CA ASP C 60 -41.83 -27.49 -23.13
C ASP C 60 -41.41 -28.93 -22.96
N LEU C 61 -40.20 -29.24 -23.42
CA LEU C 61 -39.61 -30.53 -23.30
C LEU C 61 -38.42 -30.48 -22.36
N VAL C 62 -38.10 -31.58 -21.71
CA VAL C 62 -36.89 -31.72 -20.87
C VAL C 62 -36.21 -32.94 -21.53
N TYR C 63 -34.96 -32.82 -21.91
CA TYR C 63 -34.27 -33.95 -22.58
C TYR C 63 -32.80 -33.84 -22.32
N TYR C 64 -32.03 -34.89 -22.62
CA TYR C 64 -30.54 -34.74 -22.66
C TYR C 64 -30.21 -34.78 -24.14
N GLU C 65 -29.23 -33.98 -24.50
CA GLU C 65 -28.74 -33.93 -25.84
C GLU C 65 -27.26 -34.42 -25.85
N GLN C 66 -27.00 -35.60 -26.38
CA GLN C 66 -25.62 -36.11 -26.41
C GLN C 66 -25.01 -35.62 -27.66
N GLN C 67 -23.84 -34.99 -27.57
CA GLN C 67 -23.19 -34.41 -28.67
C GLN C 67 -21.84 -35.05 -28.70
N ARG C 68 -21.41 -35.47 -29.88
CA ARG C 68 -20.15 -36.14 -29.96
C ARG C 68 -19.37 -35.73 -31.24
N TRP C 69 -18.08 -35.47 -31.12
CA TRP C 69 -17.24 -35.12 -32.29
C TRP C 69 -15.80 -35.53 -31.97
N LYS C 70 -14.90 -35.31 -32.91
CA LYS C 70 -13.58 -35.86 -32.76
C LYS C 70 -12.61 -34.90 -33.40
N LEU C 71 -11.57 -34.45 -32.66
CA LEU C 71 -10.56 -33.52 -33.19
C LEU C 71 -9.11 -34.11 -33.13
N ASN C 72 -8.35 -34.01 -34.21
CA ASN C 72 -6.93 -34.43 -34.17
C ASN C 72 -6.15 -33.66 -33.12
N SER C 73 -6.54 -32.43 -32.89
CA SER C 73 -5.73 -31.63 -31.99
C SER C 73 -6.03 -31.95 -30.51
N LEU C 74 -6.87 -32.94 -30.26
CA LEU C 74 -7.15 -33.36 -28.89
C LEU C 74 -6.66 -34.76 -28.67
N MET C 75 -5.97 -35.31 -29.66
CA MET C 75 -5.48 -36.67 -29.41
C MET C 75 -4.15 -36.66 -28.67
N TRP C 76 -3.87 -37.76 -27.99
CA TRP C 76 -2.63 -37.91 -27.25
C TRP C 76 -2.40 -39.36 -27.06
N ASP C 77 -1.20 -39.67 -26.56
CA ASP C 77 -0.76 -41.05 -26.36
C ASP C 77 -0.79 -41.39 -24.86
N PRO C 78 -1.71 -42.29 -24.41
CA PRO C 78 -1.80 -42.57 -22.95
C PRO C 78 -0.44 -42.94 -22.30
N ASN C 79 0.51 -43.36 -23.14
CA ASN C 79 1.78 -43.87 -22.68
C ASN C 79 2.71 -42.76 -22.23
N GLU C 80 2.59 -41.60 -22.85
CA GLU C 80 3.40 -40.43 -22.43
C GLU C 80 2.77 -39.62 -21.28
N TYR C 81 1.69 -40.14 -20.69
CA TYR C 81 0.89 -39.39 -19.75
C TYR C 81 0.28 -40.33 -18.75
N GLY C 82 1.01 -41.39 -18.45
CA GLY C 82 0.68 -42.32 -17.37
C GLY C 82 -0.51 -43.23 -17.50
N ASN C 83 -0.81 -43.70 -18.71
CA ASN C 83 -2.05 -44.46 -19.03
C ASN C 83 -3.36 -43.63 -18.74
N ILE C 84 -3.24 -42.30 -18.88
CA ILE C 84 -4.47 -41.46 -18.90
C ILE C 84 -5.15 -41.64 -20.28
N THR C 85 -6.35 -42.21 -20.29
CA THR C 85 -7.15 -42.42 -21.51
C THR C 85 -8.32 -41.46 -21.76
N ASP C 86 -8.65 -40.66 -20.73
CA ASP C 86 -9.63 -39.58 -20.87
C ASP C 86 -9.56 -38.59 -19.73
N PHE C 87 -10.29 -37.47 -19.85
CA PHE C 87 -10.36 -36.51 -18.80
C PHE C 87 -11.64 -35.69 -18.92
N ARG C 88 -12.07 -35.14 -17.79
CA ARG C 88 -13.18 -34.22 -17.75
C ARG C 88 -12.65 -32.84 -17.78
N THR C 89 -13.32 -31.98 -18.54
CA THR C 89 -12.96 -30.58 -18.58
C THR C 89 -14.21 -29.70 -18.74
N SER C 90 -14.14 -28.49 -18.18
CA SER C 90 -15.20 -27.52 -18.36
C SER C 90 -15.43 -27.30 -19.85
N ALA C 91 -16.67 -27.24 -20.31
CA ALA C 91 -16.98 -26.86 -21.72
C ALA C 91 -16.33 -25.58 -22.22
N ALA C 92 -16.15 -24.57 -21.36
CA ALA C 92 -15.42 -23.33 -21.74
C ALA C 92 -13.94 -23.56 -22.07
N ASP C 93 -13.39 -24.73 -21.75
CA ASP C 93 -11.97 -25.00 -22.01
C ASP C 93 -11.76 -25.46 -23.46
N ILE C 94 -12.83 -25.86 -24.13
CA ILE C 94 -12.71 -26.43 -25.46
C ILE C 94 -13.73 -25.76 -26.43
N TRP C 95 -13.53 -25.97 -27.72
CA TRP C 95 -14.51 -25.52 -28.70
C TRP C 95 -15.71 -26.51 -28.60
N THR C 96 -16.92 -26.01 -28.71
CA THR C 96 -18.14 -26.90 -28.71
C THR C 96 -19.06 -26.42 -29.83
N PRO C 97 -19.85 -27.33 -30.42
CA PRO C 97 -20.63 -26.89 -31.60
C PRO C 97 -21.81 -26.05 -31.16
N ASP C 98 -22.14 -25.02 -31.94
CA ASP C 98 -23.27 -24.12 -31.58
C ASP C 98 -24.64 -24.78 -31.98
N ILE C 99 -24.92 -25.99 -31.48
CA ILE C 99 -26.12 -26.72 -31.90
C ILE C 99 -27.30 -25.99 -31.25
N THR C 100 -28.31 -25.65 -32.05
CA THR C 100 -29.37 -24.74 -31.61
C THR C 100 -30.69 -25.31 -32.19
N ALA C 101 -31.74 -25.26 -31.38
CA ALA C 101 -33.11 -25.49 -31.89
C ALA C 101 -33.54 -24.26 -32.73
N TYR C 102 -34.17 -24.52 -33.86
CA TYR C 102 -34.46 -23.46 -34.84
C TYR C 102 -35.85 -22.89 -34.64
N SER C 103 -36.64 -23.47 -33.74
CA SER C 103 -37.98 -22.92 -33.46
C SER C 103 -38.24 -22.81 -31.94
N SER C 104 -37.19 -22.53 -31.14
CA SER C 104 -37.38 -22.28 -29.71
C SER C 104 -38.12 -20.93 -29.53
N THR C 105 -38.84 -20.74 -28.44
CA THR C 105 -39.56 -19.52 -28.20
C THR C 105 -39.03 -18.83 -26.92
N ARG C 106 -38.10 -19.46 -26.23
CA ARG C 106 -37.37 -18.83 -25.07
C ARG C 106 -35.98 -19.37 -25.07
N PRO C 107 -35.00 -18.68 -24.43
CA PRO C 107 -33.64 -19.21 -24.33
C PRO C 107 -33.72 -20.59 -23.71
N VAL C 108 -32.99 -21.52 -24.26
CA VAL C 108 -32.97 -22.86 -23.68
C VAL C 108 -32.37 -22.79 -22.24
N GLN C 109 -32.98 -23.52 -21.29
CA GLN C 109 -32.44 -23.59 -19.94
C GLN C 109 -31.56 -24.84 -19.75
N VAL C 110 -30.29 -24.66 -19.38
CA VAL C 110 -29.37 -25.77 -19.13
CA VAL C 110 -29.40 -25.78 -19.12
C VAL C 110 -29.66 -26.27 -17.71
N LEU C 111 -29.84 -27.60 -17.55
CA LEU C 111 -30.17 -28.20 -16.27
C LEU C 111 -28.94 -28.93 -15.71
N SER C 112 -27.90 -29.11 -16.50
CA SER C 112 -26.70 -29.89 -16.02
C SER C 112 -25.41 -29.10 -16.16
N PRO C 113 -24.30 -29.57 -15.48
CA PRO C 113 -23.00 -28.94 -15.42
C PRO C 113 -22.42 -28.85 -16.86
N GLN C 114 -21.83 -27.74 -17.21
CA GLN C 114 -21.28 -27.57 -18.51
C GLN C 114 -19.84 -28.19 -18.52
N ILE C 115 -19.76 -29.52 -18.57
CA ILE C 115 -18.49 -30.25 -18.48
C ILE C 115 -18.52 -31.37 -19.52
N ALA C 116 -17.40 -31.54 -20.24
CA ALA C 116 -17.26 -32.45 -21.36
C ALA C 116 -16.20 -33.51 -20.98
N VAL C 117 -16.22 -34.63 -21.72
CA VAL C 117 -15.27 -35.76 -21.52
C VAL C 117 -14.44 -35.89 -22.79
N VAL C 118 -13.14 -35.70 -22.66
CA VAL C 118 -12.26 -35.77 -23.80
C VAL C 118 -11.51 -37.10 -23.66
N THR C 119 -11.54 -37.90 -24.74
CA THR C 119 -10.92 -39.24 -24.78
C THR C 119 -9.65 -39.14 -25.65
N HIS C 120 -8.67 -40.03 -25.40
CA HIS C 120 -7.35 -39.99 -26.05
C HIS C 120 -7.29 -40.01 -27.57
N ASP C 121 -8.30 -40.56 -28.21
CA ASP C 121 -8.36 -40.53 -29.67
C ASP C 121 -8.91 -39.23 -30.19
N GLY C 122 -9.04 -38.21 -29.32
CA GLY C 122 -9.51 -36.91 -29.78
C GLY C 122 -11.04 -36.77 -29.73
N SER C 123 -11.76 -37.81 -29.35
CA SER C 123 -13.22 -37.67 -29.27
C SER C 123 -13.66 -36.88 -28.03
N VAL C 124 -14.71 -36.10 -28.20
CA VAL C 124 -15.28 -35.30 -27.08
C VAL C 124 -16.68 -35.75 -26.97
N MET C 125 -17.17 -35.93 -25.73
CA MET C 125 -18.59 -36.18 -25.57
C MET C 125 -19.17 -35.16 -24.59
N PHE C 126 -20.27 -34.54 -24.95
CA PHE C 126 -20.81 -33.46 -24.12
C PHE C 126 -22.29 -33.69 -24.12
N ILE C 127 -22.90 -33.72 -22.91
CA ILE C 127 -24.30 -34.14 -22.81
C ILE C 127 -25.14 -33.12 -21.98
N PRO C 128 -25.46 -31.97 -22.57
CA PRO C 128 -26.25 -31.02 -21.81
C PRO C 128 -27.71 -31.44 -21.64
N ALA C 129 -28.18 -31.40 -20.39
CA ALA C 129 -29.61 -31.61 -20.11
C ALA C 129 -30.22 -30.26 -20.21
N GLN C 130 -31.44 -30.19 -20.77
CA GLN C 130 -32.01 -28.89 -21.16
C GLN C 130 -33.52 -28.93 -21.00
N ARG C 131 -34.09 -27.76 -20.77
CA ARG C 131 -35.54 -27.55 -20.86
C ARG C 131 -35.73 -26.56 -22.03
N LEU C 132 -36.58 -26.93 -22.96
CA LEU C 132 -36.78 -26.13 -24.17
C LEU C 132 -38.25 -25.78 -24.32
N SER C 133 -38.59 -24.49 -24.56
CA SER C 133 -39.93 -24.13 -25.05
C SER C 133 -39.80 -23.96 -26.57
N PHE C 134 -40.68 -24.62 -27.34
CA PHE C 134 -40.61 -24.52 -28.80
C PHE C 134 -42.01 -24.44 -29.45
N MET C 135 -42.03 -24.13 -30.74
CA MET C 135 -43.32 -23.86 -31.40
C MET C 135 -44.01 -25.14 -31.74
N CYS C 136 -45.24 -25.26 -31.24
CA CYS C 136 -45.98 -26.49 -31.30
C CYS C 136 -47.43 -26.24 -30.99
N ASP C 137 -48.29 -26.62 -31.92
CA ASP C 137 -49.75 -26.61 -31.67
C ASP C 137 -50.15 -27.93 -31.03
N PRO C 138 -50.57 -27.93 -29.74
CA PRO C 138 -50.81 -29.25 -29.19
C PRO C 138 -52.24 -29.76 -29.48
N THR C 139 -52.95 -29.13 -30.41
CA THR C 139 -54.30 -29.59 -30.81
C THR C 139 -54.35 -31.05 -31.01
N GLY C 140 -55.31 -31.71 -30.37
CA GLY C 140 -55.42 -33.17 -30.50
C GLY C 140 -54.71 -33.98 -29.41
N VAL C 141 -54.02 -33.31 -28.49
CA VAL C 141 -53.34 -34.03 -27.43
C VAL C 141 -54.37 -34.80 -26.56
N ASP C 142 -55.59 -34.27 -26.50
CA ASP C 142 -56.64 -34.89 -25.69
C ASP C 142 -57.39 -35.94 -26.47
N SER C 143 -56.86 -36.38 -27.59
CA SER C 143 -57.53 -37.36 -28.40
C SER C 143 -56.66 -38.60 -28.47
N GLU C 144 -57.25 -39.73 -28.86
CA GLU C 144 -56.50 -41.00 -28.99
C GLU C 144 -55.34 -40.93 -30.02
N GLU C 145 -55.56 -40.22 -31.11
CA GLU C 145 -54.51 -40.14 -32.12
C GLU C 145 -53.41 -39.13 -31.71
N GLY C 146 -53.70 -38.29 -30.71
CA GLY C 146 -52.73 -37.33 -30.16
C GLY C 146 -52.32 -36.16 -31.02
N ALA C 147 -51.30 -35.44 -30.57
CA ALA C 147 -50.76 -34.28 -31.30
C ALA C 147 -49.41 -34.59 -31.90
N THR C 148 -49.00 -33.85 -32.90
CA THR C 148 -47.63 -34.05 -33.36
C THR C 148 -46.91 -32.72 -33.42
N CYS C 149 -45.67 -32.72 -32.92
CA CYS C 149 -44.83 -31.57 -33.11
C CYS C 149 -43.45 -31.88 -33.59
N ALA C 150 -42.76 -30.86 -34.10
CA ALA C 150 -41.42 -31.09 -34.59
C ALA C 150 -40.52 -29.92 -34.34
N VAL C 151 -39.23 -30.17 -34.13
CA VAL C 151 -38.28 -29.08 -33.95
C VAL C 151 -36.95 -29.54 -34.52
N LYS C 152 -36.29 -28.69 -35.32
CA LYS C 152 -35.01 -29.08 -35.97
C LYS C 152 -33.88 -28.52 -35.06
N PHE C 153 -32.71 -29.18 -35.02
CA PHE C 153 -31.51 -28.76 -34.32
C PHE C 153 -30.42 -28.72 -35.36
N GLY C 154 -29.59 -27.70 -35.32
CA GLY C 154 -28.40 -27.73 -36.17
C GLY C 154 -27.53 -26.50 -35.83
N SER C 155 -26.46 -26.34 -36.56
CA SER C 155 -25.56 -25.22 -36.29
C SER C 155 -26.27 -23.93 -36.64
N TRP C 156 -26.06 -22.93 -35.82
CA TRP C 156 -26.64 -21.60 -36.18
C TRP C 156 -25.83 -20.87 -37.28
N VAL C 157 -24.49 -21.01 -37.26
CA VAL C 157 -23.62 -20.16 -38.10
C VAL C 157 -22.69 -20.94 -39.03
N TYR C 158 -22.59 -22.26 -38.84
CA TYR C 158 -21.72 -23.06 -39.74
C TYR C 158 -22.59 -23.75 -40.78
N SER C 159 -22.23 -23.61 -42.04
CA SER C 159 -23.02 -24.21 -43.06
C SER C 159 -22.78 -25.72 -43.12
N GLY C 160 -23.54 -26.35 -43.97
CA GLY C 160 -23.37 -27.76 -44.21
C GLY C 160 -22.03 -28.15 -44.79
N PHE C 161 -21.23 -27.21 -45.25
CA PHE C 161 -19.90 -27.53 -45.72
C PHE C 161 -18.91 -27.63 -44.61
N GLU C 162 -19.29 -27.13 -43.43
CA GLU C 162 -18.36 -27.06 -42.27
C GLU C 162 -18.81 -27.97 -41.09
N ILE C 163 -20.11 -28.00 -40.82
CA ILE C 163 -20.66 -28.93 -39.83
C ILE C 163 -21.68 -29.79 -40.49
N ASP C 164 -21.44 -31.09 -40.35
CA ASP C 164 -22.39 -32.09 -40.75
C ASP C 164 -22.87 -32.73 -39.41
N LEU C 165 -23.93 -33.54 -39.47
CA LEU C 165 -24.64 -34.14 -38.31
C LEU C 165 -25.05 -35.56 -38.70
N LYS C 166 -25.22 -36.46 -37.74
CA LYS C 166 -25.87 -37.75 -37.98
C LYS C 166 -26.33 -38.28 -36.62
N THR C 167 -27.20 -39.27 -36.63
CA THR C 167 -27.66 -39.88 -35.40
C THR C 167 -27.35 -41.36 -35.58
N ASP C 168 -27.12 -42.05 -34.48
CA ASP C 168 -26.94 -43.51 -34.54
C ASP C 168 -28.19 -44.32 -34.71
N THR C 169 -29.36 -43.67 -34.48
CA THR C 169 -30.64 -44.33 -34.67
C THR C 169 -31.70 -43.28 -34.92
N ASP C 170 -32.79 -43.64 -35.62
CA ASP C 170 -33.94 -42.77 -35.78
C ASP C 170 -34.77 -42.67 -34.48
N GLN C 171 -34.61 -43.61 -33.57
CA GLN C 171 -35.43 -43.68 -32.36
C GLN C 171 -34.90 -42.80 -31.28
N VAL C 172 -35.71 -41.84 -30.82
CA VAL C 172 -35.31 -41.03 -29.68
C VAL C 172 -35.27 -42.00 -28.46
N ASP C 173 -34.29 -41.82 -27.60
CA ASP C 173 -34.18 -42.75 -26.49
C ASP C 173 -35.26 -42.40 -25.46
N LEU C 174 -36.19 -43.34 -25.22
CA LEU C 174 -37.33 -43.12 -24.31
C LEU C 174 -37.20 -43.94 -22.99
N SER C 175 -36.10 -44.67 -22.81
CA SER C 175 -35.92 -45.50 -21.61
C SER C 175 -35.83 -44.67 -20.31
N SER C 176 -35.63 -43.34 -20.39
CA SER C 176 -35.68 -42.54 -19.12
C SER C 176 -36.90 -41.62 -19.11
N TYR C 177 -37.88 -41.85 -20.00
CA TYR C 177 -39.03 -40.97 -20.07
C TYR C 177 -39.88 -41.10 -18.82
N TYR C 178 -40.27 -39.97 -18.23
CA TYR C 178 -40.85 -39.96 -16.87
C TYR C 178 -42.16 -40.77 -16.86
N ALA C 179 -42.26 -41.85 -16.09
CA ALA C 179 -43.42 -42.74 -16.28
C ALA C 179 -44.73 -42.14 -15.72
N SER C 180 -44.67 -41.08 -14.91
CA SER C 180 -45.92 -40.43 -14.56
C SER C 180 -46.18 -39.04 -15.19
N SER C 181 -45.57 -38.78 -16.38
CA SER C 181 -45.70 -37.48 -17.04
C SER C 181 -47.17 -37.27 -17.26
N LYS C 182 -47.56 -36.00 -17.42
CA LYS C 182 -48.92 -35.67 -17.95
C LYS C 182 -49.18 -36.19 -19.35
N TYR C 183 -48.12 -36.49 -20.08
CA TYR C 183 -48.21 -36.90 -21.48
C TYR C 183 -47.52 -38.23 -21.76
N GLU C 184 -48.23 -39.07 -22.47
CA GLU C 184 -47.72 -40.32 -22.99
C GLU C 184 -47.07 -40.16 -24.41
N ILE C 185 -45.91 -40.75 -24.64
CA ILE C 185 -45.26 -40.66 -25.97
C ILE C 185 -45.75 -41.75 -26.86
N LEU C 186 -46.27 -41.41 -28.03
CA LEU C 186 -46.69 -42.44 -29.02
C LEU C 186 -45.50 -42.73 -29.95
N SER C 187 -44.72 -41.70 -30.29
CA SER C 187 -43.48 -41.99 -31.03
C SER C 187 -42.53 -40.75 -31.00
N ALA C 188 -41.24 -40.97 -31.23
CA ALA C 188 -40.30 -39.88 -31.12
C ALA C 188 -39.11 -40.24 -31.95
N THR C 189 -38.80 -39.45 -32.99
CA THR C 189 -37.80 -39.93 -33.94
C THR C 189 -36.87 -38.78 -34.07
N GLN C 190 -35.60 -39.08 -34.41
CA GLN C 190 -34.58 -38.04 -34.66
C GLN C 190 -33.88 -38.39 -36.01
N THR C 191 -33.93 -37.47 -36.98
CA THR C 191 -33.53 -37.77 -38.35
C THR C 191 -32.73 -36.62 -38.95
N ARG C 192 -31.55 -36.97 -39.43
CA ARG C 192 -30.65 -36.11 -40.15
C ARG C 192 -31.39 -35.74 -41.46
N GLN C 193 -31.37 -34.47 -41.81
CA GLN C 193 -32.02 -34.03 -43.05
C GLN C 193 -31.06 -33.05 -43.70
N VAL C 194 -30.78 -33.25 -44.98
CA VAL C 194 -30.01 -32.37 -45.82
C VAL C 194 -30.99 -31.79 -46.83
N GLN C 195 -31.05 -30.48 -46.89
CA GLN C 195 -31.96 -29.77 -47.76
C GLN C 195 -31.10 -28.83 -48.60
N HIS C 196 -31.46 -28.78 -49.87
CA HIS C 196 -30.87 -27.78 -50.77
C HIS C 196 -31.85 -26.62 -51.10
N TYR C 197 -31.38 -25.40 -50.90
CA TYR C 197 -32.18 -24.27 -51.27
C TYR C 197 -31.52 -23.57 -52.44
N SER C 198 -32.33 -23.05 -53.37
CA SER C 198 -31.75 -22.27 -54.53
C SER C 198 -30.98 -21.01 -54.07
N CYS C 199 -31.54 -20.25 -53.11
CA CYS C 199 -30.86 -19.08 -52.52
C CYS C 199 -29.36 -19.26 -52.34
N CYS C 200 -28.96 -20.51 -52.01
CA CYS C 200 -27.68 -20.76 -51.34
C CYS C 200 -27.00 -22.03 -51.91
N PRO C 201 -25.68 -21.97 -52.24
CA PRO C 201 -25.06 -23.20 -52.78
C PRO C 201 -24.61 -24.24 -51.71
N GLU C 202 -24.63 -23.85 -50.44
CA GLU C 202 -24.27 -24.78 -49.36
C GLU C 202 -25.49 -25.58 -48.82
N PRO C 203 -25.27 -26.87 -48.47
CA PRO C 203 -26.39 -27.62 -47.95
C PRO C 203 -26.79 -27.17 -46.57
N TYR C 204 -28.08 -27.29 -46.28
CA TYR C 204 -28.63 -27.01 -44.97
C TYR C 204 -28.84 -28.38 -44.28
N ILE C 205 -28.09 -28.64 -43.21
CA ILE C 205 -28.18 -29.89 -42.49
C ILE C 205 -28.82 -29.68 -41.11
N ASP C 206 -29.85 -30.47 -40.75
CA ASP C 206 -30.28 -30.41 -39.36
C ASP C 206 -30.73 -31.83 -38.95
N VAL C 207 -31.04 -31.99 -37.67
CA VAL C 207 -31.60 -33.21 -37.16
C VAL C 207 -33.01 -32.83 -36.74
N ASN C 208 -34.01 -33.54 -37.24
CA ASN C 208 -35.40 -33.17 -36.98
C ASN C 208 -35.92 -34.09 -35.91
N LEU C 209 -36.48 -33.51 -34.87
CA LEU C 209 -37.01 -34.28 -33.82
C LEU C 209 -38.52 -34.23 -33.96
N VAL C 210 -39.18 -35.38 -34.16
CA VAL C 210 -40.63 -35.38 -34.37
C VAL C 210 -41.19 -36.17 -33.22
N VAL C 211 -42.15 -35.61 -32.48
CA VAL C 211 -42.68 -36.24 -31.26
C VAL C 211 -44.20 -36.25 -31.36
N LYS C 212 -44.79 -37.44 -31.19
CA LYS C 212 -46.24 -37.56 -31.19
C LYS C 212 -46.59 -38.05 -29.81
N PHE C 213 -47.60 -37.45 -29.21
CA PHE C 213 -47.89 -37.63 -27.82
C PHE C 213 -49.38 -37.27 -27.53
N ARG C 214 -49.86 -37.73 -26.38
CA ARG C 214 -51.21 -37.44 -25.99
C ARG C 214 -51.32 -37.44 -24.48
N GLU C 215 -52.39 -36.83 -23.98
CA GLU C 215 -52.67 -36.86 -22.56
C GLU C 215 -52.75 -38.30 -22.12
N ARG C 216 -52.01 -38.63 -21.05
CA ARG C 216 -52.01 -39.95 -20.41
C ARG C 216 -53.46 -40.24 -20.00
N ARG C 217 -53.99 -41.41 -20.33
CA ARG C 217 -55.40 -41.72 -20.03
C ARG C 217 -55.50 -42.68 -18.85
N SER D 11 -3.35 -24.51 -42.47
CA SER D 11 -4.74 -24.18 -42.90
C SER D 11 -5.60 -23.88 -41.66
N GLN D 12 -5.62 -24.83 -40.74
CA GLN D 12 -6.08 -24.56 -39.39
C GLN D 12 -5.14 -23.47 -38.87
N ALA D 13 -3.89 -23.46 -39.34
CA ALA D 13 -2.85 -22.46 -38.95
C ALA D 13 -2.98 -21.13 -39.69
N ASN D 14 -3.36 -21.19 -40.97
CA ASN D 14 -3.68 -19.97 -41.75
C ASN D 14 -4.78 -19.10 -41.11
N LEU D 15 -5.80 -19.78 -40.57
CA LEU D 15 -6.93 -19.14 -39.88
C LEU D 15 -6.50 -18.63 -38.53
N MET D 16 -5.73 -19.43 -37.81
CA MET D 16 -5.26 -19.02 -36.49
C MET D 16 -4.35 -17.76 -36.56
N ARG D 17 -3.69 -17.53 -37.71
CA ARG D 17 -2.85 -16.30 -38.00
C ARG D 17 -3.61 -15.04 -38.52
N LEU D 18 -4.57 -15.26 -39.43
CA LEU D 18 -5.50 -14.22 -39.88
C LEU D 18 -6.21 -13.50 -38.72
N LYS D 19 -6.76 -14.30 -37.80
CA LYS D 19 -7.42 -13.83 -36.58
C LYS D 19 -6.48 -12.99 -35.72
N SER D 20 -5.19 -13.39 -35.64
CA SER D 20 -4.15 -12.68 -34.88
C SER D 20 -3.96 -11.30 -35.47
N ASP D 21 -3.66 -11.26 -36.77
CA ASP D 21 -3.38 -10.02 -37.50
C ASP D 21 -4.48 -8.96 -37.35
N LEU D 22 -5.73 -9.39 -37.51
CA LEU D 22 -6.85 -8.46 -37.47
C LEU D 22 -7.11 -7.95 -36.05
N PHE D 23 -7.31 -8.87 -35.10
CA PHE D 23 -7.61 -8.50 -33.69
C PHE D 23 -6.38 -8.08 -32.85
N ASN D 24 -5.75 -9.05 -32.17
CA ASN D 24 -4.63 -8.78 -31.23
C ASN D 24 -3.43 -7.97 -31.80
N ARG D 25 -3.56 -7.53 -33.07
CA ARG D 25 -2.55 -6.72 -33.78
C ARG D 25 -3.17 -5.43 -34.38
N SER D 26 -4.21 -4.90 -33.73
CA SER D 26 -4.79 -3.58 -34.06
C SER D 26 -6.02 -3.27 -33.16
N TYR D 29 -11.05 -0.84 -33.70
CA TYR D 29 -12.22 -0.11 -34.20
C TYR D 29 -13.01 0.52 -33.03
N PRO D 30 -12.90 1.85 -32.91
CA PRO D 30 -13.56 2.52 -31.81
C PRO D 30 -15.02 2.86 -32.18
N GLY D 31 -15.60 2.09 -33.10
CA GLY D 31 -16.93 2.37 -33.63
C GLY D 31 -16.93 3.52 -34.62
N PRO D 32 -18.09 3.81 -35.22
CA PRO D 32 -18.19 4.87 -36.20
C PRO D 32 -18.23 6.30 -35.59
N THR D 33 -17.91 7.27 -36.44
CA THR D 33 -17.84 8.70 -36.13
C THR D 33 -18.35 9.51 -37.31
N LYS D 34 -18.53 10.81 -37.10
CA LYS D 34 -19.00 11.71 -38.15
C LYS D 34 -18.11 11.71 -39.38
N ASP D 35 -16.79 11.57 -39.20
CA ASP D 35 -15.86 11.55 -40.34
C ASP D 35 -15.68 10.18 -40.99
N ASP D 36 -16.22 9.14 -40.35
CA ASP D 36 -16.07 7.76 -40.79
C ASP D 36 -17.41 7.07 -40.45
N PRO D 37 -18.49 7.47 -41.12
CA PRO D 37 -19.84 6.89 -40.88
C PRO D 37 -19.96 5.44 -41.39
N LEU D 38 -20.90 4.67 -40.84
CA LEU D 38 -21.05 3.26 -41.17
C LEU D 38 -22.43 3.04 -41.73
N THR D 39 -22.53 2.33 -42.83
CA THR D 39 -23.83 1.98 -43.28
C THR D 39 -24.16 0.60 -42.64
N VAL D 40 -25.35 0.47 -42.06
CA VAL D 40 -25.79 -0.78 -41.46
C VAL D 40 -27.06 -1.17 -42.12
N THR D 41 -27.08 -2.41 -42.57
CA THR D 41 -28.27 -2.98 -43.20
C THR D 41 -29.06 -3.89 -42.20
N LEU D 42 -30.37 -3.65 -42.09
CA LEU D 42 -31.29 -4.41 -41.24
C LEU D 42 -32.42 -5.04 -42.04
N GLY D 43 -32.73 -6.31 -41.80
CA GLY D 43 -33.95 -6.92 -42.37
C GLY D 43 -34.51 -7.89 -41.34
N PHE D 44 -35.83 -8.06 -41.34
CA PHE D 44 -36.50 -8.92 -40.38
C PHE D 44 -37.06 -10.19 -41.02
N THR D 45 -36.94 -11.29 -40.29
CA THR D 45 -37.60 -12.55 -40.58
C THR D 45 -38.43 -12.84 -39.35
N LEU D 46 -39.74 -12.98 -39.56
CA LEU D 46 -40.66 -13.08 -38.46
C LEU D 46 -40.95 -14.55 -38.32
N GLN D 47 -40.92 -15.08 -37.10
CA GLN D 47 -41.06 -16.56 -36.98
C GLN D 47 -42.33 -16.92 -36.25
N ASP D 48 -42.69 -16.15 -35.21
CA ASP D 48 -43.87 -16.48 -34.46
C ASP D 48 -44.26 -15.28 -33.61
N ILE D 49 -45.51 -14.89 -33.75
CA ILE D 49 -46.15 -14.14 -32.66
C ILE D 49 -46.65 -15.21 -31.63
N VAL D 50 -45.99 -15.27 -30.47
CA VAL D 50 -46.32 -16.26 -29.48
C VAL D 50 -47.56 -15.89 -28.68
N LYS D 51 -47.69 -14.61 -28.29
CA LYS D 51 -48.66 -14.14 -27.28
C LYS D 51 -49.02 -12.67 -27.60
N ALA D 52 -50.31 -12.34 -27.44
CA ALA D 52 -50.81 -10.94 -27.51
C ALA D 52 -51.60 -10.75 -26.22
N ASP D 53 -51.17 -9.80 -25.39
CA ASP D 53 -51.77 -9.74 -24.06
C ASP D 53 -52.61 -8.49 -24.08
N SER D 54 -53.93 -8.66 -24.13
CA SER D 54 -54.75 -7.48 -24.09
C SER D 54 -54.96 -6.96 -22.67
N SER D 55 -54.39 -7.59 -21.65
CA SER D 55 -54.56 -6.95 -20.37
C SER D 55 -53.49 -5.88 -20.18
N THR D 56 -52.38 -5.96 -20.92
CA THR D 56 -51.28 -5.01 -20.68
C THR D 56 -50.88 -4.37 -22.01
N ASN D 57 -51.50 -4.82 -23.10
CA ASN D 57 -51.13 -4.36 -24.44
C ASN D 57 -49.62 -4.52 -24.78
N GLU D 58 -49.18 -5.79 -24.72
CA GLU D 58 -47.85 -6.20 -25.11
C GLU D 58 -48.02 -7.39 -26.03
N VAL D 59 -47.14 -7.54 -27.01
CA VAL D 59 -47.23 -8.71 -27.85
C VAL D 59 -45.81 -9.25 -27.82
N ASP D 60 -45.69 -10.57 -27.84
CA ASP D 60 -44.38 -11.21 -27.83
C ASP D 60 -44.08 -11.77 -29.24
N LEU D 61 -42.96 -11.35 -29.84
CA LEU D 61 -42.63 -11.76 -31.21
C LEU D 61 -41.31 -12.50 -31.19
N VAL D 62 -41.23 -13.66 -31.86
CA VAL D 62 -39.95 -14.36 -32.09
C VAL D 62 -39.55 -14.06 -33.53
N TYR D 63 -38.34 -13.53 -33.76
CA TYR D 63 -38.00 -13.09 -35.08
C TYR D 63 -36.45 -13.11 -35.14
N TYR D 64 -35.90 -12.99 -36.34
CA TYR D 64 -34.46 -12.88 -36.57
C TYR D 64 -34.18 -11.47 -37.16
N GLU D 65 -33.04 -10.87 -36.84
CA GLU D 65 -32.62 -9.62 -37.51
C GLU D 65 -31.40 -9.98 -38.26
N GLN D 66 -31.37 -9.63 -39.53
CA GLN D 66 -30.17 -9.85 -40.27
C GLN D 66 -29.45 -8.49 -40.27
N GLN D 67 -28.32 -8.38 -39.59
CA GLN D 67 -27.48 -7.16 -39.63
C GLN D 67 -26.24 -7.33 -40.47
N ARG D 68 -25.82 -6.26 -41.16
CA ARG D 68 -24.71 -6.36 -42.10
C ARG D 68 -24.00 -5.00 -42.14
N TRP D 69 -22.69 -4.99 -41.96
CA TRP D 69 -21.95 -3.76 -42.14
C TRP D 69 -20.56 -4.16 -42.72
N LYS D 70 -19.77 -3.23 -43.22
CA LYS D 70 -18.48 -3.60 -43.83
C LYS D 70 -17.47 -2.68 -43.21
N LEU D 71 -16.35 -3.22 -42.71
CA LEU D 71 -15.27 -2.41 -42.09
C LEU D 71 -13.90 -2.65 -42.75
N ASN D 72 -13.13 -1.57 -42.89
CA ASN D 72 -11.85 -1.61 -43.58
C ASN D 72 -10.85 -2.43 -42.86
N SER D 73 -10.89 -2.27 -41.53
CA SER D 73 -10.00 -2.95 -40.60
C SER D 73 -10.32 -4.42 -40.48
N LEU D 74 -11.29 -4.89 -41.26
CA LEU D 74 -11.65 -6.29 -41.35
C LEU D 74 -11.39 -6.88 -42.75
N MET D 75 -10.83 -6.05 -43.64
CA MET D 75 -10.38 -6.50 -44.96
C MET D 75 -9.09 -7.37 -44.89
N TRP D 76 -8.97 -8.32 -45.82
CA TRP D 76 -7.75 -9.12 -45.95
C TRP D 76 -7.75 -9.75 -47.34
N ASP D 77 -6.54 -10.05 -47.79
CA ASP D 77 -6.32 -10.68 -49.10
C ASP D 77 -6.39 -12.20 -48.89
N PRO D 78 -7.38 -12.87 -49.50
CA PRO D 78 -7.48 -14.33 -49.37
C PRO D 78 -6.19 -15.09 -49.71
N ASN D 79 -5.55 -14.75 -50.85
CA ASN D 79 -4.37 -15.49 -51.30
C ASN D 79 -3.14 -15.32 -50.39
N GLU D 80 -3.13 -14.28 -49.56
CA GLU D 80 -2.12 -14.16 -48.49
C GLU D 80 -2.43 -14.96 -47.21
N TYR D 81 -3.53 -15.72 -47.22
CA TYR D 81 -3.99 -16.37 -45.99
C TYR D 81 -4.53 -17.76 -46.18
N GLY D 82 -4.12 -18.43 -47.24
CA GLY D 82 -4.45 -19.83 -47.42
C GLY D 82 -5.72 -20.03 -48.22
N ASN D 83 -6.10 -18.99 -48.97
CA ASN D 83 -7.41 -18.93 -49.64
C ASN D 83 -8.63 -18.94 -48.69
N ILE D 84 -8.39 -18.61 -47.42
CA ILE D 84 -9.52 -18.33 -46.48
C ILE D 84 -10.32 -17.07 -46.92
N THR D 85 -11.57 -17.29 -47.28
CA THR D 85 -12.48 -16.20 -47.66
C THR D 85 -13.37 -15.64 -46.53
N ASP D 86 -13.68 -16.45 -45.52
CA ASP D 86 -14.57 -16.02 -44.43
C ASP D 86 -14.32 -16.82 -43.14
N PHE D 87 -14.72 -16.25 -42.02
CA PHE D 87 -14.67 -16.95 -40.78
C PHE D 87 -15.80 -16.50 -39.85
N ARG D 88 -15.93 -17.32 -38.80
CA ARG D 88 -16.90 -17.19 -37.73
C ARG D 88 -16.14 -16.71 -36.53
N THR D 89 -16.64 -15.66 -35.89
CA THR D 89 -16.12 -15.16 -34.64
C THR D 89 -17.24 -14.73 -33.66
N SER D 90 -16.91 -14.85 -32.38
CA SER D 90 -17.81 -14.51 -31.35
C SER D 90 -18.17 -13.01 -31.48
N ALA D 91 -19.44 -12.63 -31.35
CA ALA D 91 -19.82 -11.21 -31.49
C ALA D 91 -19.25 -10.30 -30.36
N ALA D 92 -18.90 -10.88 -29.21
CA ALA D 92 -18.25 -10.15 -28.11
C ALA D 92 -16.86 -9.63 -28.51
N ASP D 93 -16.22 -10.34 -29.45
CA ASP D 93 -14.89 -10.04 -29.96
C ASP D 93 -14.77 -8.96 -31.07
N ILE D 94 -15.91 -8.47 -31.60
CA ILE D 94 -15.89 -7.39 -32.60
C ILE D 94 -16.89 -6.34 -32.12
N TRP D 95 -16.69 -5.12 -32.59
CA TRP D 95 -17.73 -4.09 -32.49
C TRP D 95 -18.96 -4.60 -33.22
N THR D 96 -20.15 -4.30 -32.70
CA THR D 96 -21.45 -4.64 -33.33
C THR D 96 -22.41 -3.49 -33.10
N PRO D 97 -23.37 -3.24 -34.02
CA PRO D 97 -24.14 -2.03 -33.93
C PRO D 97 -25.17 -2.19 -32.78
N ASP D 98 -25.47 -1.09 -32.08
CA ASP D 98 -26.40 -1.11 -30.92
C ASP D 98 -27.88 -1.03 -31.32
N ILE D 99 -28.31 -1.96 -32.18
CA ILE D 99 -29.63 -1.91 -32.79
C ILE D 99 -30.61 -2.31 -31.71
N THR D 100 -31.61 -1.45 -31.49
CA THR D 100 -32.48 -1.64 -30.39
C THR D 100 -33.89 -1.31 -30.85
N ALA D 101 -34.87 -2.01 -30.29
CA ALA D 101 -36.28 -1.70 -30.41
C ALA D 101 -36.60 -0.47 -29.53
N TYR D 102 -37.34 0.51 -30.10
CA TYR D 102 -37.58 1.74 -29.39
C TYR D 102 -38.77 1.64 -28.45
N SER D 103 -39.56 0.56 -28.54
CA SER D 103 -40.72 0.43 -27.65
C SER D 103 -40.89 -1.00 -27.11
N SER D 104 -39.80 -1.58 -26.67
CA SER D 104 -39.85 -2.93 -26.11
C SER D 104 -40.36 -2.69 -24.67
N THR D 105 -41.01 -3.68 -24.06
CA THR D 105 -41.41 -3.56 -22.65
C THR D 105 -40.64 -4.47 -21.63
N ARG D 106 -39.64 -5.21 -22.13
CA ARG D 106 -38.86 -6.20 -21.35
CA ARG D 106 -38.86 -6.22 -21.36
C ARG D 106 -37.53 -6.36 -22.09
N PRO D 107 -36.46 -6.68 -21.38
CA PRO D 107 -35.17 -6.84 -22.12
C PRO D 107 -35.39 -7.92 -23.23
N VAL D 108 -34.74 -7.79 -24.40
CA VAL D 108 -34.80 -8.82 -25.46
CA VAL D 108 -34.90 -8.87 -25.42
C VAL D 108 -34.33 -10.19 -24.93
N GLN D 109 -34.92 -11.33 -25.31
CA GLN D 109 -34.29 -12.61 -24.92
C GLN D 109 -33.64 -13.24 -26.14
N VAL D 110 -32.38 -13.71 -25.99
CA VAL D 110 -31.58 -14.04 -27.15
C VAL D 110 -31.79 -15.55 -27.28
N LEU D 111 -32.18 -16.01 -28.46
CA LEU D 111 -32.40 -17.46 -28.70
C LEU D 111 -31.26 -18.15 -29.50
N SER D 112 -30.35 -17.40 -30.09
CA SER D 112 -29.34 -18.09 -30.87
C SER D 112 -27.98 -17.69 -30.39
N PRO D 113 -26.94 -18.42 -30.84
CA PRO D 113 -25.56 -18.10 -30.50
C PRO D 113 -25.15 -16.73 -31.05
N GLN D 114 -24.34 -16.04 -30.31
CA GLN D 114 -23.96 -14.70 -30.71
C GLN D 114 -22.60 -14.79 -31.37
N ILE D 115 -22.63 -15.18 -32.63
CA ILE D 115 -21.46 -15.45 -33.44
C ILE D 115 -21.80 -14.78 -34.77
N ALA D 116 -20.83 -14.00 -35.23
CA ALA D 116 -20.88 -13.31 -36.52
C ALA D 116 -19.97 -14.01 -37.51
N VAL D 117 -20.30 -13.87 -38.80
CA VAL D 117 -19.44 -14.33 -39.91
C VAL D 117 -18.81 -13.11 -40.59
N VAL D 118 -17.47 -13.09 -40.65
CA VAL D 118 -16.70 -12.02 -41.25
C VAL D 118 -16.15 -12.52 -42.56
N THR D 119 -16.30 -11.73 -43.62
CA THR D 119 -15.85 -12.11 -44.98
C THR D 119 -14.63 -11.24 -45.37
N HIS D 120 -13.82 -11.70 -46.36
CA HIS D 120 -12.53 -11.06 -46.74
C HIS D 120 -12.62 -9.62 -47.19
N ASP D 121 -13.79 -9.26 -47.72
CA ASP D 121 -14.10 -7.86 -48.09
C ASP D 121 -14.37 -6.97 -46.87
N GLY D 122 -14.26 -7.54 -45.67
CA GLY D 122 -14.49 -6.79 -44.44
C GLY D 122 -15.97 -6.74 -44.07
N SER D 123 -16.83 -7.35 -44.86
CA SER D 123 -18.22 -7.36 -44.45
C SER D 123 -18.46 -8.35 -43.31
N VAL D 124 -19.42 -7.96 -42.47
CA VAL D 124 -19.88 -8.70 -41.34
C VAL D 124 -21.39 -8.97 -41.48
N MET D 125 -21.74 -10.23 -41.24
CA MET D 125 -23.13 -10.62 -41.17
C MET D 125 -23.39 -11.21 -39.75
N PHE D 126 -24.41 -10.67 -39.10
CA PHE D 126 -24.79 -11.13 -37.75
C PHE D 126 -26.30 -11.30 -37.73
N ILE D 127 -26.77 -12.49 -37.36
CA ILE D 127 -28.21 -12.84 -37.43
C ILE D 127 -28.76 -13.33 -36.09
N PRO D 128 -28.96 -12.42 -35.12
CA PRO D 128 -29.52 -12.88 -33.81
C PRO D 128 -31.02 -13.27 -33.96
N ALA D 129 -31.38 -14.41 -33.41
CA ALA D 129 -32.78 -14.78 -33.14
C ALA D 129 -33.16 -14.30 -31.72
N GLN D 130 -34.34 -13.69 -31.59
CA GLN D 130 -34.76 -13.08 -30.32
C GLN D 130 -36.25 -13.17 -30.11
N ARG D 131 -36.64 -13.15 -28.85
CA ARG D 131 -38.02 -12.94 -28.50
C ARG D 131 -38.11 -11.53 -27.93
N LEU D 132 -39.05 -10.77 -28.43
CA LEU D 132 -39.18 -9.35 -28.11
C LEU D 132 -40.58 -9.10 -27.66
N SER D 133 -40.73 -8.49 -26.46
CA SER D 133 -42.02 -7.94 -26.05
C SER D 133 -42.09 -6.43 -26.35
N PHE D 134 -43.14 -6.03 -27.02
CA PHE D 134 -43.22 -4.62 -27.37
C PHE D 134 -44.65 -4.13 -27.28
N MET D 135 -44.81 -2.82 -27.31
CA MET D 135 -46.11 -2.23 -27.00
C MET D 135 -47.06 -2.42 -28.18
N CYS D 136 -48.21 -2.99 -27.93
CA CYS D 136 -49.08 -3.36 -28.96
C CYS D 136 -50.43 -3.63 -28.38
N ASP D 137 -51.39 -2.84 -28.81
CA ASP D 137 -52.83 -3.07 -28.53
C ASP D 137 -53.41 -4.11 -29.49
N PRO D 138 -53.71 -5.32 -28.99
CA PRO D 138 -54.22 -6.32 -29.87
C PRO D 138 -55.71 -6.23 -30.20
N THR D 139 -56.38 -5.13 -29.79
CA THR D 139 -57.81 -4.94 -30.07
C THR D 139 -58.06 -5.16 -31.56
N GLY D 140 -58.96 -6.10 -31.87
CA GLY D 140 -59.23 -6.45 -33.27
C GLY D 140 -58.57 -7.74 -33.74
N VAL D 141 -57.77 -8.40 -32.91
CA VAL D 141 -57.08 -9.59 -33.36
C VAL D 141 -58.07 -10.77 -33.57
N ASP D 142 -59.23 -10.69 -32.94
CA ASP D 142 -60.30 -11.72 -33.11
C ASP D 142 -61.36 -11.38 -34.13
N SER D 143 -60.99 -10.70 -35.20
CA SER D 143 -61.96 -10.27 -36.19
C SER D 143 -61.23 -10.48 -37.49
N GLU D 144 -61.98 -10.50 -38.60
CA GLU D 144 -61.43 -10.68 -39.94
C GLU D 144 -60.25 -9.77 -40.27
N GLU D 145 -60.30 -8.51 -39.81
CA GLU D 145 -59.31 -7.45 -40.20
C GLU D 145 -58.07 -7.36 -39.28
N GLY D 146 -58.11 -8.04 -38.15
CA GLY D 146 -56.94 -8.12 -37.27
C GLY D 146 -56.61 -6.85 -36.49
N ALA D 147 -55.42 -6.84 -35.93
CA ALA D 147 -54.91 -5.70 -35.19
C ALA D 147 -53.65 -5.33 -35.88
N THR D 148 -53.28 -4.08 -35.79
CA THR D 148 -52.04 -3.66 -36.42
C THR D 148 -51.15 -3.04 -35.32
N CYS D 149 -49.88 -3.47 -35.25
CA CYS D 149 -48.94 -2.86 -34.31
C CYS D 149 -47.70 -2.55 -35.04
N ALA D 150 -46.83 -1.75 -34.43
CA ALA D 150 -45.62 -1.26 -35.09
C ALA D 150 -44.54 -1.18 -34.03
N VAL D 151 -43.29 -1.36 -34.43
CA VAL D 151 -42.16 -1.19 -33.53
C VAL D 151 -41.03 -0.69 -34.40
N LYS D 152 -40.37 0.37 -33.95
CA LYS D 152 -39.21 0.96 -34.66
C LYS D 152 -37.89 0.44 -34.11
N PHE D 153 -36.92 0.21 -34.98
CA PHE D 153 -35.60 -0.18 -34.58
C PHE D 153 -34.57 0.80 -35.03
N GLY D 154 -33.54 0.99 -34.23
CA GLY D 154 -32.45 1.82 -34.67
C GLY D 154 -31.34 1.84 -33.62
N SER D 155 -30.26 2.54 -33.94
CA SER D 155 -29.17 2.75 -33.00
C SER D 155 -29.73 3.51 -31.76
N TRP D 156 -29.16 3.27 -30.60
CA TRP D 156 -29.64 3.99 -29.42
C TRP D 156 -28.81 5.27 -29.30
N VAL D 157 -27.56 5.18 -29.66
CA VAL D 157 -26.71 6.29 -29.35
C VAL D 157 -26.16 6.97 -30.58
N TYR D 158 -26.25 6.36 -31.78
CA TYR D 158 -25.60 7.02 -32.96
C TYR D 158 -26.61 7.60 -33.87
N SER D 159 -26.46 8.88 -34.21
CA SER D 159 -27.42 9.54 -35.14
C SER D 159 -27.14 9.13 -36.55
N GLY D 160 -27.88 9.69 -37.51
CA GLY D 160 -27.64 9.33 -38.92
C GLY D 160 -26.32 9.82 -39.50
N PHE D 161 -25.57 10.65 -38.76
CA PHE D 161 -24.21 11.05 -39.15
C PHE D 161 -23.14 10.02 -38.86
N GLU D 162 -23.48 9.06 -38.00
CA GLU D 162 -22.52 8.03 -37.59
C GLU D 162 -22.95 6.69 -38.15
N ILE D 163 -24.24 6.37 -38.01
CA ILE D 163 -24.75 5.11 -38.52
C ILE D 163 -25.87 5.42 -39.48
N ASP D 164 -25.71 4.96 -40.70
CA ASP D 164 -26.78 5.13 -41.67
C ASP D 164 -27.42 3.78 -41.82
N LEU D 165 -28.60 3.63 -41.31
CA LEU D 165 -29.33 2.36 -41.36
C LEU D 165 -30.17 2.29 -42.61
N LYS D 166 -30.12 1.15 -43.29
CA LYS D 166 -30.96 0.84 -44.43
C LYS D 166 -31.61 -0.55 -44.36
N THR D 167 -32.73 -0.80 -45.06
CA THR D 167 -33.20 -2.19 -45.17
C THR D 167 -32.33 -2.86 -46.19
N ASP D 168 -32.10 -4.17 -46.07
CA ASP D 168 -31.41 -4.93 -47.16
C ASP D 168 -32.39 -5.05 -48.36
N THR D 169 -33.64 -5.44 -48.03
CA THR D 169 -34.69 -5.62 -49.03
CA THR D 169 -34.67 -5.55 -49.05
C THR D 169 -35.90 -4.84 -48.52
N ASP D 170 -36.83 -4.47 -49.42
CA ASP D 170 -38.07 -3.83 -48.88
C ASP D 170 -39.05 -4.81 -48.25
N GLN D 171 -38.72 -6.10 -48.26
CA GLN D 171 -39.74 -6.99 -47.78
C GLN D 171 -39.35 -7.71 -46.46
N VAL D 172 -40.22 -7.69 -45.46
CA VAL D 172 -40.09 -8.61 -44.28
C VAL D 172 -40.15 -10.09 -44.85
N ASP D 173 -39.21 -10.94 -44.43
CA ASP D 173 -39.29 -12.38 -44.78
C ASP D 173 -40.26 -13.12 -43.86
N LEU D 174 -41.38 -13.56 -44.44
CA LEU D 174 -42.39 -14.34 -43.81
C LEU D 174 -42.32 -15.82 -44.19
N SER D 175 -41.31 -16.20 -44.98
CA SER D 175 -41.35 -17.60 -45.48
C SER D 175 -41.20 -18.71 -44.38
N SER D 176 -40.57 -18.36 -43.26
CA SER D 176 -40.37 -19.29 -42.16
C SER D 176 -41.31 -19.01 -40.97
N TYR D 177 -42.38 -18.22 -41.19
CA TYR D 177 -43.33 -17.90 -40.13
C TYR D 177 -44.01 -19.21 -39.83
N TYR D 178 -44.09 -19.56 -38.54
CA TYR D 178 -44.65 -20.81 -38.07
C TYR D 178 -46.08 -20.95 -38.51
N ALA D 179 -46.40 -22.02 -39.28
CA ALA D 179 -47.72 -22.22 -39.90
C ALA D 179 -48.81 -22.51 -38.93
N SER D 180 -48.47 -22.99 -37.71
CA SER D 180 -49.47 -23.29 -36.70
C SER D 180 -49.41 -22.37 -35.47
N SER D 181 -48.90 -21.13 -35.67
CA SER D 181 -48.98 -20.08 -34.68
C SER D 181 -50.44 -19.86 -34.26
N LYS D 182 -50.67 -19.38 -33.04
CA LYS D 182 -52.01 -18.90 -32.66
C LYS D 182 -52.45 -17.71 -33.52
N TYR D 183 -51.49 -17.00 -34.10
CA TYR D 183 -51.73 -15.78 -34.87
C TYR D 183 -51.21 -15.86 -36.30
N GLU D 184 -52.10 -15.59 -37.28
CA GLU D 184 -51.64 -15.42 -38.64
C GLU D 184 -51.24 -14.01 -38.95
N ILE D 185 -50.24 -13.89 -39.79
CA ILE D 185 -49.79 -12.58 -40.21
C ILE D 185 -50.57 -12.20 -41.47
N LEU D 186 -51.24 -11.05 -41.49
CA LEU D 186 -51.94 -10.59 -42.66
C LEU D 186 -51.01 -9.74 -43.51
N SER D 187 -50.09 -8.98 -42.86
CA SER D 187 -49.03 -8.29 -43.58
C SER D 187 -47.97 -7.89 -42.63
N ALA D 188 -46.80 -7.62 -43.17
CA ALA D 188 -45.71 -7.10 -42.39
C ALA D 188 -44.86 -6.27 -43.35
N THR D 189 -44.50 -5.04 -42.95
CA THR D 189 -43.62 -4.15 -43.77
C THR D 189 -42.37 -3.67 -43.02
N GLN D 190 -41.24 -3.46 -43.70
CA GLN D 190 -40.15 -2.85 -43.04
C GLN D 190 -39.78 -1.62 -43.86
N THR D 191 -39.68 -0.42 -43.24
CA THR D 191 -39.41 0.85 -44.00
C THR D 191 -38.54 1.76 -43.19
N ARG D 192 -37.43 2.17 -43.82
CA ARG D 192 -36.50 3.13 -43.28
C ARG D 192 -37.20 4.47 -43.15
N GLN D 193 -37.05 5.17 -42.02
CA GLN D 193 -37.69 6.48 -41.79
C GLN D 193 -36.56 7.40 -41.36
N VAL D 194 -36.58 8.66 -41.84
CA VAL D 194 -35.63 9.70 -41.43
C VAL D 194 -36.48 10.79 -40.82
N GLN D 195 -35.99 11.36 -39.72
CA GLN D 195 -36.70 12.41 -38.98
C GLN D 195 -35.71 13.45 -38.46
N HIS D 196 -36.07 14.72 -38.57
CA HIS D 196 -35.31 15.76 -37.90
C HIS D 196 -36.09 16.32 -36.75
N TYR D 197 -35.39 16.32 -35.61
CA TYR D 197 -35.89 16.84 -34.35
C TYR D 197 -35.10 18.11 -33.91
N SER D 198 -35.81 19.03 -33.23
CA SER D 198 -35.30 20.39 -32.91
C SER D 198 -34.12 20.52 -31.90
N CYS D 199 -33.90 19.54 -31.00
CA CYS D 199 -32.66 19.50 -30.17
C CYS D 199 -31.37 19.56 -30.98
N CYS D 200 -31.38 18.93 -32.16
CA CYS D 200 -30.19 18.39 -32.81
C CYS D 200 -30.14 18.63 -34.35
N PRO D 201 -28.98 19.07 -34.90
CA PRO D 201 -28.83 19.19 -36.39
C PRO D 201 -28.80 17.83 -37.18
N GLU D 202 -28.41 16.75 -36.50
CA GLU D 202 -28.29 15.41 -37.12
C GLU D 202 -29.63 14.75 -37.47
N PRO D 203 -29.63 14.03 -38.61
CA PRO D 203 -30.76 13.18 -38.93
C PRO D 203 -30.80 11.95 -37.98
N TYR D 204 -32.00 11.44 -37.72
CA TYR D 204 -32.26 10.24 -36.94
C TYR D 204 -33.03 9.22 -37.79
N ILE D 205 -32.44 8.03 -37.91
CA ILE D 205 -32.89 6.96 -38.83
C ILE D 205 -33.45 5.85 -37.96
N ASP D 206 -34.57 5.27 -38.40
CA ASP D 206 -34.97 4.02 -37.81
C ASP D 206 -35.59 3.22 -38.91
N VAL D 207 -35.89 1.97 -38.55
CA VAL D 207 -36.63 1.10 -39.43
C VAL D 207 -37.86 0.66 -38.69
N ASN D 208 -39.00 0.96 -39.31
CA ASN D 208 -40.23 0.67 -38.69
C ASN D 208 -40.76 -0.64 -39.19
N LEU D 209 -41.10 -1.56 -38.26
CA LEU D 209 -41.68 -2.82 -38.62
C LEU D 209 -43.20 -2.78 -38.27
N VAL D 210 -44.08 -2.97 -39.24
CA VAL D 210 -45.50 -2.83 -39.01
C VAL D 210 -46.10 -4.21 -39.29
N VAL D 211 -46.89 -4.78 -38.34
CA VAL D 211 -47.41 -6.11 -38.51
C VAL D 211 -48.90 -6.10 -38.29
N LYS D 212 -49.63 -6.66 -39.23
CA LYS D 212 -51.05 -6.80 -39.03
C LYS D 212 -51.24 -8.30 -38.83
N PHE D 213 -52.11 -8.69 -37.92
CA PHE D 213 -52.13 -10.07 -37.55
C PHE D 213 -53.48 -10.35 -36.93
N ARG D 214 -53.90 -11.60 -36.90
CA ARG D 214 -55.17 -11.95 -36.33
C ARG D 214 -55.11 -13.39 -35.85
N GLU D 215 -56.12 -13.78 -35.05
CA GLU D 215 -56.14 -15.12 -34.47
C GLU D 215 -56.38 -16.12 -35.61
N ARG D 216 -55.63 -17.22 -35.63
CA ARG D 216 -55.87 -18.28 -36.61
C ARG D 216 -57.20 -19.00 -36.33
N SER E 11 -8.50 10.02 -38.25
CA SER E 11 -9.89 10.07 -37.67
C SER E 11 -9.90 9.13 -36.48
N GLN E 12 -9.80 7.83 -36.76
CA GLN E 12 -9.81 6.78 -35.73
C GLN E 12 -8.56 6.82 -34.90
N ALA E 13 -7.48 7.31 -35.48
CA ALA E 13 -6.23 7.45 -34.77
C ALA E 13 -6.38 8.54 -33.71
N ASN E 14 -7.04 9.63 -34.10
CA ASN E 14 -7.34 10.75 -33.21
C ASN E 14 -8.26 10.33 -32.02
N LEU E 15 -9.36 9.66 -32.36
CA LEU E 15 -10.28 9.08 -31.38
C LEU E 15 -9.61 8.04 -30.45
N MET E 16 -8.89 7.07 -31.02
CA MET E 16 -8.24 6.03 -30.19
C MET E 16 -7.17 6.64 -29.26
N ARG E 17 -6.61 7.78 -29.67
CA ARG E 17 -5.65 8.52 -28.85
C ARG E 17 -6.38 9.30 -27.74
N LEU E 18 -7.35 10.11 -28.13
CA LEU E 18 -8.25 10.76 -27.17
C LEU E 18 -8.62 9.84 -25.98
N LYS E 19 -9.20 8.67 -26.29
CA LYS E 19 -9.68 7.71 -25.25
C LYS E 19 -8.56 7.12 -24.40
N SER E 20 -7.47 6.71 -25.06
CA SER E 20 -6.26 6.31 -24.37
C SER E 20 -5.75 7.41 -23.44
N ASP E 21 -5.79 8.67 -23.89
CA ASP E 21 -5.38 9.80 -23.04
C ASP E 21 -6.30 9.98 -21.81
N LEU E 22 -7.56 10.33 -22.06
CA LEU E 22 -8.60 10.41 -21.02
C LEU E 22 -8.68 9.19 -20.09
N PHE E 23 -8.65 7.97 -20.64
CA PHE E 23 -8.84 6.83 -19.79
C PHE E 23 -7.55 6.23 -19.19
N ASN E 24 -6.40 6.90 -19.36
CA ASN E 24 -5.07 6.38 -18.85
C ASN E 24 -4.12 7.34 -18.11
N ARG E 25 -4.34 8.65 -18.29
CA ARG E 25 -3.67 9.73 -17.56
C ARG E 25 -4.27 10.08 -16.17
N MET E 28 -8.61 7.70 -13.47
CA MET E 28 -10.00 7.36 -13.13
C MET E 28 -10.52 8.23 -11.97
N TYR E 29 -11.36 9.25 -12.31
CA TYR E 29 -12.30 9.94 -11.37
C TYR E 29 -12.88 9.02 -10.30
N PRO E 30 -12.54 9.27 -9.02
CA PRO E 30 -12.94 8.33 -7.96
C PRO E 30 -14.41 8.51 -7.42
N GLY E 31 -15.28 9.23 -8.15
CA GLY E 31 -16.60 9.66 -7.63
C GLY E 31 -16.55 11.05 -6.98
N PRO E 32 -17.70 11.68 -6.73
CA PRO E 32 -17.65 13.01 -6.12
C PRO E 32 -17.39 12.95 -4.63
N THR E 33 -16.96 14.07 -4.05
CA THR E 33 -16.70 14.19 -2.61
C THR E 33 -17.42 15.45 -2.12
N LYS E 34 -17.40 15.65 -0.81
CA LYS E 34 -17.91 16.86 -0.14
C LYS E 34 -17.19 18.12 -0.62
N ASP E 35 -15.88 18.02 -0.80
CA ASP E 35 -15.05 19.12 -1.34
C ASP E 35 -15.38 19.38 -2.82
N ASP E 36 -15.70 18.32 -3.56
CA ASP E 36 -15.98 18.48 -4.98
C ASP E 36 -17.30 17.79 -5.38
N PRO E 37 -18.42 18.44 -5.05
CA PRO E 37 -19.71 17.78 -5.18
C PRO E 37 -20.06 17.78 -6.65
N LEU E 38 -20.96 16.91 -7.08
CA LEU E 38 -21.33 16.84 -8.49
C LEU E 38 -22.83 17.11 -8.66
N THR E 39 -23.22 17.92 -9.65
CA THR E 39 -24.63 18.04 -10.01
C THR E 39 -25.00 17.13 -11.20
N VAL E 40 -26.04 16.36 -10.96
CA VAL E 40 -26.56 15.43 -12.00
C VAL E 40 -27.94 15.92 -12.32
N THR E 41 -28.20 16.21 -13.60
CA THR E 41 -29.54 16.57 -14.04
C THR E 41 -30.29 15.37 -14.50
N LEU E 42 -31.54 15.26 -14.09
CA LEU E 42 -32.35 14.11 -14.48
C LEU E 42 -33.59 14.58 -15.20
N GLY E 43 -34.09 13.80 -16.13
CA GLY E 43 -35.45 14.07 -16.65
C GLY E 43 -36.03 12.76 -17.17
N PHE E 44 -37.34 12.65 -17.09
CA PHE E 44 -37.93 11.42 -17.47
C PHE E 44 -38.73 11.63 -18.75
N THR E 45 -38.67 10.65 -19.64
CA THR E 45 -39.68 10.51 -20.74
C THR E 45 -40.50 9.29 -20.48
N LEU E 46 -41.78 9.44 -20.11
CA LEU E 46 -42.61 8.28 -19.83
C LEU E 46 -43.18 7.68 -21.12
N GLN E 47 -42.96 6.37 -21.38
CA GLN E 47 -43.41 5.68 -22.59
C GLN E 47 -44.64 4.93 -22.36
N ASP E 48 -44.76 4.23 -21.24
CA ASP E 48 -45.94 3.40 -21.08
C ASP E 48 -46.11 3.01 -19.63
N ILE E 49 -47.38 2.92 -19.22
CA ILE E 49 -47.73 2.31 -17.99
C ILE E 49 -48.23 1.01 -18.45
N VAL E 50 -47.42 -0.02 -18.21
CA VAL E 50 -47.56 -1.29 -18.84
C VAL E 50 -48.59 -2.11 -18.12
N LYS E 51 -48.51 -2.10 -16.77
CA LYS E 51 -49.39 -2.94 -15.92
C LYS E 51 -49.67 -2.24 -14.58
N ALA E 52 -50.80 -2.48 -13.98
CA ALA E 52 -51.15 -1.96 -12.65
C ALA E 52 -51.78 -3.13 -12.00
N ASP E 53 -51.21 -3.59 -10.88
CA ASP E 53 -51.68 -4.84 -10.27
C ASP E 53 -52.34 -4.47 -8.94
N SER E 54 -53.66 -4.60 -8.88
CA SER E 54 -54.40 -4.13 -7.68
C SER E 54 -54.35 -5.16 -6.54
N SER E 55 -54.00 -6.39 -6.86
CA SER E 55 -53.77 -7.39 -5.80
C SER E 55 -52.45 -7.21 -4.99
N THR E 56 -51.42 -6.56 -5.55
CA THR E 56 -50.17 -6.42 -4.82
C THR E 56 -49.78 -4.96 -4.70
N ASN E 57 -50.59 -4.05 -5.27
CA ASN E 57 -50.16 -2.63 -5.32
C ASN E 57 -48.77 -2.38 -5.94
N GLU E 58 -48.61 -2.89 -7.15
CA GLU E 58 -47.41 -2.66 -7.97
C GLU E 58 -47.89 -2.18 -9.32
N VAL E 59 -47.23 -1.15 -9.78
CA VAL E 59 -47.39 -0.62 -11.14
C VAL E 59 -46.09 -0.72 -11.85
N ASP E 60 -46.19 -0.99 -13.14
CA ASP E 60 -44.98 -1.08 -13.99
C ASP E 60 -44.90 0.01 -15.00
N LEU E 61 -43.78 0.72 -15.09
CA LEU E 61 -43.61 1.81 -16.11
C LEU E 61 -42.48 1.42 -17.01
N VAL E 62 -42.50 1.94 -18.24
CA VAL E 62 -41.33 1.93 -19.13
C VAL E 62 -41.03 3.40 -19.40
N TYR E 63 -39.81 3.83 -19.19
CA TYR E 63 -39.46 5.22 -19.40
C TYR E 63 -38.05 5.29 -19.81
N TYR E 64 -37.65 6.48 -20.30
CA TYR E 64 -36.22 6.77 -20.55
C TYR E 64 -35.81 7.75 -19.44
N GLU E 65 -34.68 7.47 -18.86
CA GLU E 65 -34.12 8.36 -17.87
C GLU E 65 -32.82 9.04 -18.42
N GLN E 66 -32.91 10.32 -18.73
CA GLN E 66 -31.80 11.09 -19.19
C GLN E 66 -30.99 11.57 -17.95
N GLN E 67 -29.74 11.23 -17.89
CA GLN E 67 -28.88 11.65 -16.84
C GLN E 67 -27.77 12.47 -17.49
N ARG E 68 -27.38 13.55 -16.83
CA ARG E 68 -26.34 14.37 -17.38
C ARG E 68 -25.52 14.97 -16.27
N TRP E 69 -24.20 14.91 -16.42
CA TRP E 69 -23.30 15.50 -15.49
C TRP E 69 -22.06 15.95 -16.26
N LYS E 70 -21.09 16.54 -15.54
CA LYS E 70 -19.95 17.21 -16.18
C LYS E 70 -18.72 17.10 -15.30
N LEU E 71 -17.63 16.58 -15.88
CA LEU E 71 -16.36 16.38 -15.19
C LEU E 71 -15.27 17.20 -15.91
N ASN E 72 -14.41 17.84 -15.11
CA ASN E 72 -13.20 18.48 -15.62
C ASN E 72 -12.24 17.45 -16.22
N SER E 73 -12.09 16.32 -15.56
CA SER E 73 -11.28 15.20 -16.04
C SER E 73 -11.76 14.49 -17.33
N LEU E 74 -12.70 15.10 -18.06
CA LEU E 74 -13.21 14.57 -19.32
C LEU E 74 -13.24 15.66 -20.38
N MET E 75 -12.65 16.82 -20.05
CA MET E 75 -12.46 17.84 -21.05
C MET E 75 -11.21 17.49 -21.85
N TRP E 76 -11.23 17.96 -23.08
CA TRP E 76 -10.11 17.89 -23.98
C TRP E 76 -10.35 19.10 -24.89
N ASP E 77 -9.33 19.47 -25.67
CA ASP E 77 -9.48 20.51 -26.68
C ASP E 77 -9.55 19.80 -28.04
N PRO E 78 -10.62 20.07 -28.84
CA PRO E 78 -10.80 19.47 -30.18
C PRO E 78 -9.61 19.58 -31.19
N ASN E 79 -8.85 20.68 -31.14
CA ASN E 79 -7.78 20.92 -32.12
C ASN E 79 -6.51 20.14 -31.83
N GLU E 80 -6.41 19.58 -30.62
CA GLU E 80 -5.32 18.67 -30.31
C GLU E 80 -5.67 17.23 -30.70
N TYR E 81 -6.89 17.05 -31.20
CA TYR E 81 -7.50 15.73 -31.45
C TYR E 81 -8.32 15.63 -32.74
N GLY E 82 -8.02 16.50 -33.70
CA GLY E 82 -8.54 16.38 -35.05
C GLY E 82 -9.96 16.84 -35.17
N ASN E 83 -10.31 17.87 -34.40
CA ASN E 83 -11.68 18.38 -34.37
C ASN E 83 -12.82 17.39 -33.91
N ILE E 84 -12.44 16.43 -33.09
CA ILE E 84 -13.44 15.62 -32.40
C ILE E 84 -14.07 16.42 -31.27
N THR E 85 -15.39 16.59 -31.35
CA THR E 85 -16.14 17.24 -30.27
C THR E 85 -16.94 16.30 -29.33
N ASP E 86 -16.95 15.01 -29.64
CA ASP E 86 -17.67 14.06 -28.83
C ASP E 86 -17.43 12.64 -29.24
N PHE E 87 -17.72 11.73 -28.33
CA PHE E 87 -17.57 10.31 -28.55
C PHE E 87 -18.51 9.43 -27.73
N ARG E 88 -18.75 8.24 -28.26
CA ARG E 88 -19.64 7.27 -27.67
C ARG E 88 -18.76 6.33 -26.95
N THR E 89 -19.13 5.96 -25.72
CA THR E 89 -18.36 4.97 -24.99
C THR E 89 -19.21 4.14 -24.04
N SER E 90 -18.78 2.92 -23.85
CA SER E 90 -19.42 2.03 -22.91
C SER E 90 -19.52 2.72 -21.52
N ALA E 91 -20.68 2.64 -20.88
CA ALA E 91 -20.83 3.25 -19.56
C ALA E 91 -20.00 2.54 -18.48
N ALA E 92 -19.55 1.32 -18.77
CA ALA E 92 -18.64 0.71 -17.79
C ALA E 92 -17.23 1.30 -17.90
N ASP E 93 -17.00 2.09 -18.93
CA ASP E 93 -15.71 2.75 -19.15
C ASP E 93 -15.53 4.00 -18.25
N ILE E 94 -16.63 4.53 -17.71
CA ILE E 94 -16.60 5.82 -17.01
C ILE E 94 -17.36 5.68 -15.71
N TRP E 95 -17.12 6.60 -14.77
CA TRP E 95 -18.01 6.69 -13.58
C TRP E 95 -19.40 7.07 -14.07
N THR E 96 -20.46 6.50 -13.49
CA THR E 96 -21.85 6.93 -13.79
C THR E 96 -22.54 7.01 -12.39
N PRO E 97 -23.54 7.88 -12.22
CA PRO E 97 -24.13 8.02 -10.93
C PRO E 97 -24.99 6.84 -10.54
N ASP E 98 -25.05 6.54 -9.24
CA ASP E 98 -25.88 5.41 -8.74
C ASP E 98 -27.37 5.83 -8.56
N ILE E 99 -27.95 6.48 -9.56
CA ILE E 99 -29.32 6.91 -9.44
C ILE E 99 -30.29 5.73 -9.32
N THR E 100 -31.17 5.76 -8.33
CA THR E 100 -31.98 4.58 -8.07
C THR E 100 -33.40 5.03 -7.69
N ALA E 101 -34.43 4.25 -8.04
CA ALA E 101 -35.82 4.45 -7.54
C ALA E 101 -35.80 3.94 -6.06
N TYR E 102 -36.56 4.56 -5.17
CA TYR E 102 -36.38 4.26 -3.74
C TYR E 102 -37.45 3.28 -3.34
N SER E 103 -38.41 3.04 -4.21
CA SER E 103 -39.52 2.16 -3.87
C SER E 103 -39.89 1.15 -4.99
N SER E 104 -38.88 0.63 -5.71
CA SER E 104 -39.07 -0.48 -6.64
C SER E 104 -39.38 -1.78 -5.89
N THR E 105 -40.08 -2.70 -6.54
CA THR E 105 -40.41 -3.99 -5.92
C THR E 105 -39.70 -5.21 -6.61
N ARG E 106 -38.96 -4.96 -7.72
CA ARG E 106 -38.27 -5.96 -8.61
C ARG E 106 -37.03 -5.23 -9.09
N PRO E 107 -35.90 -5.93 -9.38
CA PRO E 107 -34.76 -5.22 -9.90
C PRO E 107 -35.15 -4.47 -11.20
N VAL E 108 -34.64 -3.27 -11.39
CA VAL E 108 -35.06 -2.48 -12.59
C VAL E 108 -34.54 -3.22 -13.86
N GLN E 109 -35.27 -3.25 -14.96
CA GLN E 109 -34.76 -4.01 -16.13
C GLN E 109 -34.33 -3.01 -17.15
N VAL E 110 -33.10 -3.13 -17.64
CA VAL E 110 -32.61 -2.15 -18.60
C VAL E 110 -32.99 -2.60 -20.06
N LEU E 111 -33.55 -1.70 -20.87
CA LEU E 111 -34.13 -2.06 -22.17
C LEU E 111 -33.20 -1.55 -23.30
N SER E 112 -32.20 -0.75 -22.94
CA SER E 112 -31.31 -0.13 -23.97
C SER E 112 -29.83 -0.39 -23.70
N PRO E 113 -28.96 -0.14 -24.69
CA PRO E 113 -27.50 -0.28 -24.62
C PRO E 113 -26.85 0.64 -23.57
N GLN E 114 -25.92 0.08 -22.81
CA GLN E 114 -25.38 0.80 -21.72
C GLN E 114 -24.19 1.60 -22.28
N ILE E 115 -24.53 2.62 -23.05
CA ILE E 115 -23.55 3.43 -23.79
C ILE E 115 -23.90 4.89 -23.55
N ALA E 116 -22.87 5.66 -23.23
CA ALA E 116 -22.95 7.10 -22.98
C ALA E 116 -22.27 7.92 -24.07
N VAL E 117 -22.64 9.20 -24.14
CA VAL E 117 -21.94 10.17 -25.02
C VAL E 117 -21.15 11.16 -24.17
N VAL E 118 -19.84 11.28 -24.36
CA VAL E 118 -18.99 12.28 -23.70
C VAL E 118 -18.74 13.46 -24.67
N THR E 119 -18.91 14.69 -24.23
CA THR E 119 -18.69 15.86 -25.10
C THR E 119 -17.43 16.60 -24.64
N HIS E 120 -16.79 17.40 -25.53
CA HIS E 120 -15.39 17.91 -25.27
C HIS E 120 -15.29 18.80 -24.01
N ASP E 121 -16.42 19.43 -23.69
CA ASP E 121 -16.56 20.24 -22.45
C ASP E 121 -16.61 19.40 -21.16
N GLY E 122 -16.32 18.09 -21.26
CA GLY E 122 -16.42 17.17 -20.13
C GLY E 122 -17.83 16.73 -19.69
N SER E 123 -18.86 17.14 -20.40
CA SER E 123 -20.22 16.69 -20.09
C SER E 123 -20.59 15.27 -20.63
N VAL E 124 -21.47 14.58 -19.91
CA VAL E 124 -21.80 13.19 -20.29
C VAL E 124 -23.28 13.13 -20.35
N MET E 125 -23.78 12.46 -21.36
CA MET E 125 -25.18 12.22 -21.43
C MET E 125 -25.31 10.70 -21.42
N PHE E 126 -26.19 10.16 -20.57
CA PHE E 126 -26.49 8.75 -20.57
C PHE E 126 -27.97 8.62 -20.45
N ILE E 127 -28.60 7.87 -21.33
CA ILE E 127 -30.06 7.81 -21.29
C ILE E 127 -30.52 6.36 -21.29
N PRO E 128 -30.51 5.71 -20.11
CA PRO E 128 -31.08 4.30 -20.13
C PRO E 128 -32.63 4.27 -20.20
N ALA E 129 -33.12 3.41 -21.09
CA ALA E 129 -34.50 3.03 -21.11
C ALA E 129 -34.69 1.85 -20.09
N GLN E 130 -35.77 1.87 -19.32
CA GLN E 130 -35.91 0.93 -18.23
C GLN E 130 -37.29 0.49 -18.12
N ARG E 131 -37.50 -0.73 -17.62
CA ARG E 131 -38.81 -1.14 -17.11
C ARG E 131 -38.69 -1.24 -15.59
N LEU E 132 -39.70 -0.77 -14.86
CA LEU E 132 -39.63 -0.63 -13.42
C LEU E 132 -40.95 -1.03 -12.85
N SER E 133 -40.88 -1.97 -11.91
CA SER E 133 -41.99 -2.23 -11.01
C SER E 133 -41.80 -1.41 -9.71
N PHE E 134 -42.88 -0.73 -9.28
CA PHE E 134 -42.80 0.08 -8.06
C PHE E 134 -44.12 0.12 -7.27
N MET E 135 -44.02 0.57 -6.00
CA MET E 135 -45.10 0.45 -5.04
C MET E 135 -46.10 1.56 -5.36
N CYS E 136 -47.34 1.17 -5.65
CA CYS E 136 -48.37 2.09 -6.14
C CYS E 136 -49.70 1.38 -5.99
N ASP E 137 -50.61 2.05 -5.32
CA ASP E 137 -51.92 1.54 -5.14
C ASP E 137 -52.78 2.09 -6.27
N PRO E 138 -53.23 1.23 -7.20
CA PRO E 138 -53.91 1.83 -8.36
C PRO E 138 -55.42 2.15 -8.16
N THR E 139 -55.87 2.23 -6.92
CA THR E 139 -57.32 2.37 -6.61
C THR E 139 -57.83 3.69 -7.21
N GLY E 140 -58.98 3.66 -7.88
CA GLY E 140 -59.45 4.88 -8.57
C GLY E 140 -59.04 4.93 -10.07
N VAL E 141 -58.32 3.92 -10.56
CA VAL E 141 -57.80 3.97 -11.94
C VAL E 141 -58.96 3.80 -12.94
N ASP E 142 -59.99 3.07 -12.52
CA ASP E 142 -61.16 2.86 -13.34
C ASP E 142 -62.21 3.92 -13.11
N SER E 143 -61.80 5.13 -12.78
CA SER E 143 -62.76 6.20 -12.47
C SER E 143 -62.29 7.43 -13.24
N GLU E 144 -63.12 8.46 -13.33
CA GLU E 144 -62.70 9.70 -13.97
C GLU E 144 -61.52 10.40 -13.29
N GLU E 145 -61.46 10.36 -11.96
CA GLU E 145 -60.37 10.97 -11.16
C GLU E 145 -58.98 10.33 -11.43
N GLY E 146 -58.97 9.04 -11.73
CA GLY E 146 -57.71 8.33 -11.96
C GLY E 146 -57.03 7.90 -10.66
N ALA E 147 -55.88 7.26 -10.79
CA ALA E 147 -55.12 6.93 -9.59
C ALA E 147 -53.94 7.83 -9.57
N THR E 148 -53.30 7.96 -8.43
CA THR E 148 -52.10 8.75 -8.33
C THR E 148 -51.02 7.89 -7.67
N CYS E 149 -49.83 7.82 -8.26
CA CYS E 149 -48.70 7.14 -7.63
C CYS E 149 -47.44 8.00 -7.71
N ALA E 150 -46.50 7.79 -6.81
CA ALA E 150 -45.20 8.53 -6.82
C ALA E 150 -44.04 7.58 -6.58
N VAL E 151 -42.88 7.92 -7.14
CA VAL E 151 -41.66 7.23 -6.81
C VAL E 151 -40.56 8.24 -6.84
N LYS E 152 -39.67 8.14 -5.90
CA LYS E 152 -38.55 9.06 -5.79
C LYS E 152 -37.32 8.40 -6.40
N PHE E 153 -36.49 9.22 -7.02
CA PHE E 153 -35.25 8.81 -7.60
C PHE E 153 -34.12 9.61 -7.00
N GLY E 154 -33.01 8.94 -6.69
CA GLY E 154 -31.85 9.66 -6.29
C GLY E 154 -30.73 8.67 -6.08
N SER E 155 -29.61 9.17 -5.59
CA SER E 155 -28.43 8.39 -5.38
C SER E 155 -28.64 7.49 -4.20
N TRP E 156 -28.16 6.28 -4.29
CA TRP E 156 -28.27 5.37 -3.14
C TRP E 156 -27.28 5.74 -2.04
N VAL E 157 -26.01 6.01 -2.37
CA VAL E 157 -25.01 6.08 -1.34
C VAL E 157 -24.43 7.48 -1.10
N TYR E 158 -24.76 8.44 -1.97
CA TYR E 158 -24.28 9.83 -1.83
C TYR E 158 -25.36 10.74 -1.31
N SER E 159 -25.13 11.38 -0.19
CA SER E 159 -26.08 12.44 0.17
C SER E 159 -25.91 13.72 -0.64
N GLY E 160 -26.72 14.71 -0.30
CA GLY E 160 -26.67 16.04 -0.94
C GLY E 160 -25.35 16.76 -0.69
N PHE E 161 -24.56 16.27 0.23
CA PHE E 161 -23.19 16.79 0.29
C PHE E 161 -22.26 16.43 -0.90
N GLU E 162 -22.51 15.27 -1.58
CA GLU E 162 -21.63 14.85 -2.68
C GLU E 162 -22.34 14.90 -4.02
N ILE E 163 -23.64 14.60 -4.06
CA ILE E 163 -24.38 14.65 -5.29
C ILE E 163 -25.59 15.56 -5.13
N ASP E 164 -25.63 16.60 -5.95
CA ASP E 164 -26.86 17.39 -5.99
C ASP E 164 -27.60 16.99 -7.25
N LEU E 165 -28.91 17.06 -7.24
CA LEU E 165 -29.73 16.66 -8.39
C LEU E 165 -30.40 17.89 -8.89
N LYS E 166 -30.64 17.97 -10.18
CA LYS E 166 -31.56 18.96 -10.69
C LYS E 166 -32.37 18.45 -11.88
N THR E 167 -33.46 19.16 -12.18
CA THR E 167 -34.19 18.94 -13.39
C THR E 167 -34.18 20.22 -14.25
N ASP E 168 -34.42 20.05 -15.55
CA ASP E 168 -34.48 21.17 -16.48
C ASP E 168 -35.94 21.67 -16.52
N THR E 169 -36.87 20.77 -16.28
CA THR E 169 -38.27 21.14 -16.19
C THR E 169 -38.87 20.17 -15.20
N ASP E 170 -39.99 20.52 -14.62
CA ASP E 170 -40.62 19.58 -13.73
C ASP E 170 -41.79 18.93 -14.50
N GLN E 171 -41.82 19.14 -15.79
CA GLN E 171 -42.89 18.43 -16.56
C GLN E 171 -42.29 17.15 -17.15
N VAL E 172 -42.82 15.96 -16.82
CA VAL E 172 -42.31 14.72 -17.43
C VAL E 172 -42.57 14.81 -18.95
N ASP E 173 -41.57 14.48 -19.75
CA ASP E 173 -41.81 14.41 -21.23
C ASP E 173 -42.79 13.23 -21.61
N LEU E 174 -44.00 13.61 -22.03
CA LEU E 174 -45.08 12.70 -22.47
C LEU E 174 -45.22 12.66 -24.00
N SER E 175 -44.30 13.31 -24.71
CA SER E 175 -44.45 13.36 -26.18
C SER E 175 -44.30 11.98 -26.83
N SER E 176 -43.81 10.97 -26.11
CA SER E 176 -43.57 9.67 -26.68
C SER E 176 -44.45 8.65 -26.02
N TYR E 177 -45.45 9.10 -25.23
CA TYR E 177 -46.26 8.16 -24.46
C TYR E 177 -47.02 7.33 -25.46
N TYR E 178 -47.08 6.03 -25.24
CA TYR E 178 -47.75 5.15 -26.18
C TYR E 178 -49.25 5.40 -26.30
N ALA E 179 -49.71 5.59 -27.54
CA ALA E 179 -51.07 6.10 -27.81
C ALA E 179 -52.15 5.11 -27.48
N SER E 180 -51.82 3.83 -27.56
CA SER E 180 -52.84 2.80 -27.26
C SER E 180 -52.47 1.98 -26.00
N SER E 181 -51.76 2.63 -25.06
CA SER E 181 -51.66 2.09 -23.66
C SER E 181 -53.02 1.77 -23.02
N LYS E 182 -53.05 0.77 -22.15
CA LYS E 182 -54.25 0.58 -21.35
C LYS E 182 -54.58 1.80 -20.52
N TYR E 183 -53.58 2.64 -20.23
CA TYR E 183 -53.72 3.71 -19.23
C TYR E 183 -53.43 5.02 -19.90
N GLU E 184 -54.41 5.92 -19.83
CA GLU E 184 -54.20 7.31 -20.21
C GLU E 184 -53.46 8.14 -19.09
N ILE E 185 -52.53 9.04 -19.48
CA ILE E 185 -51.86 9.97 -18.54
C ILE E 185 -52.60 11.29 -18.30
N LEU E 186 -52.98 11.55 -17.04
CA LEU E 186 -53.55 12.80 -16.66
C LEU E 186 -52.54 13.89 -16.39
N SER E 187 -51.45 13.57 -15.67
CA SER E 187 -50.35 14.48 -15.47
C SER E 187 -49.16 13.66 -15.03
N ALA E 188 -47.96 14.20 -15.29
CA ALA E 188 -46.79 13.53 -14.78
C ALA E 188 -45.72 14.57 -14.51
N THR E 189 -45.22 14.63 -13.28
CA THR E 189 -44.25 15.65 -12.96
C THR E 189 -43.09 14.99 -12.34
N GLN E 190 -41.95 15.70 -12.37
CA GLN E 190 -40.72 15.30 -11.78
C GLN E 190 -40.23 16.49 -10.96
N THR E 191 -40.17 16.36 -9.62
CA THR E 191 -39.84 17.55 -8.79
C THR E 191 -38.67 17.25 -7.90
N ARG E 192 -37.60 18.07 -7.96
CA ARG E 192 -36.48 17.96 -7.02
C ARG E 192 -36.96 18.30 -5.61
N GLN E 193 -36.53 17.51 -4.61
CA GLN E 193 -36.86 17.81 -3.23
C GLN E 193 -35.69 17.63 -2.36
N VAL E 194 -35.65 18.36 -1.24
CA VAL E 194 -34.52 18.28 -0.31
C VAL E 194 -35.18 17.90 1.01
N GLN E 195 -34.68 16.82 1.61
CA GLN E 195 -35.17 16.24 2.86
C GLN E 195 -34.05 16.38 3.90
N HIS E 196 -34.42 16.75 5.15
CA HIS E 196 -33.52 16.70 6.28
C HIS E 196 -34.18 16.01 7.42
N TYR E 197 -33.54 14.91 7.82
CA TYR E 197 -34.04 14.07 8.89
C TYR E 197 -33.36 14.34 10.21
N SER E 198 -34.08 14.12 11.32
CA SER E 198 -33.52 14.39 12.64
C SER E 198 -32.28 13.56 12.86
N CYS E 199 -32.25 12.39 12.21
CA CYS E 199 -31.19 11.39 12.50
C CYS E 199 -29.83 11.87 12.01
N CYS E 200 -29.83 12.70 10.95
CA CYS E 200 -28.66 12.84 10.08
C CYS E 200 -28.43 14.28 9.71
N PRO E 201 -27.17 14.73 9.70
CA PRO E 201 -26.86 16.15 9.36
C PRO E 201 -26.88 16.39 7.83
N GLU E 202 -26.75 15.32 7.05
CA GLU E 202 -26.70 15.58 5.60
C GLU E 202 -28.11 15.82 4.97
N PRO E 203 -28.21 16.73 4.00
CA PRO E 203 -29.42 16.82 3.24
C PRO E 203 -29.54 15.61 2.29
N TYR E 204 -30.77 15.14 2.06
CA TYR E 204 -31.01 14.09 1.09
C TYR E 204 -31.87 14.65 -0.03
N ILE E 205 -31.40 14.47 -1.25
CA ILE E 205 -32.01 15.10 -2.42
C ILE E 205 -32.56 14.03 -3.34
N ASP E 206 -33.75 14.25 -3.85
CA ASP E 206 -34.31 13.24 -4.73
C ASP E 206 -35.10 13.97 -5.79
N VAL E 207 -35.47 13.25 -6.85
CA VAL E 207 -36.47 13.72 -7.79
C VAL E 207 -37.68 12.86 -7.62
N ASN E 208 -38.83 13.48 -7.46
CA ASN E 208 -40.03 12.78 -7.17
C ASN E 208 -40.86 12.78 -8.39
N LEU E 209 -41.12 11.59 -8.92
CA LEU E 209 -41.91 11.36 -10.12
C LEU E 209 -43.35 11.06 -9.68
N VAL E 210 -44.32 11.91 -10.05
CA VAL E 210 -45.69 11.69 -9.57
C VAL E 210 -46.50 11.52 -10.82
N VAL E 211 -47.27 10.46 -10.92
CA VAL E 211 -48.10 10.21 -12.11
C VAL E 211 -49.54 10.01 -11.76
N LYS E 212 -50.47 10.64 -12.49
CA LYS E 212 -51.91 10.38 -12.37
C LYS E 212 -52.33 9.85 -13.70
N PHE E 213 -53.19 8.88 -13.63
CA PHE E 213 -53.47 8.10 -14.76
C PHE E 213 -54.79 7.38 -14.58
N ARG E 214 -55.40 6.99 -15.69
CA ARG E 214 -56.65 6.19 -15.54
C ARG E 214 -56.79 5.24 -16.74
N GLU E 215 -57.69 4.27 -16.65
CA GLU E 215 -57.92 3.35 -17.75
C GLU E 215 -58.35 4.14 -18.96
N ARG E 216 -57.74 3.91 -20.11
CA ARG E 216 -58.12 4.63 -21.33
C ARG E 216 -59.58 4.30 -21.69
N ARG E 217 -60.28 5.26 -22.30
CA ARG E 217 -61.66 5.04 -22.73
C ARG E 217 -61.87 4.99 -24.24
N SER F 11 -3.41 36.75 14.96
CA SER F 11 -2.49 36.72 13.80
C SER F 11 -1.40 35.65 13.98
N GLN F 12 -1.15 35.25 15.23
CA GLN F 12 -0.36 34.04 15.47
C GLN F 12 -1.14 32.85 14.94
N ALA F 13 -2.47 32.92 15.03
CA ALA F 13 -3.33 31.82 14.62
C ALA F 13 -3.50 31.81 13.11
N ASN F 14 -3.35 33.00 12.52
CA ASN F 14 -3.24 33.14 11.07
C ASN F 14 -2.00 32.47 10.46
N LEU F 15 -0.85 32.61 11.13
CA LEU F 15 0.39 31.92 10.72
C LEU F 15 0.32 30.41 10.93
N MET F 16 -0.17 29.96 12.10
CA MET F 16 -0.31 28.53 12.40
C MET F 16 -1.29 27.86 11.45
N ARG F 17 -2.28 28.61 10.96
CA ARG F 17 -3.27 28.07 10.02
C ARG F 17 -2.71 27.85 8.61
N LEU F 18 -2.01 28.86 8.09
CA LEU F 18 -1.26 28.76 6.82
C LEU F 18 -0.27 27.58 6.87
N LYS F 19 0.52 27.48 7.94
CA LYS F 19 1.43 26.36 8.13
C LYS F 19 0.67 25.02 8.16
N SER F 20 -0.47 24.99 8.85
CA SER F 20 -1.40 23.85 8.73
C SER F 20 -1.88 23.64 7.27
N ASP F 21 -2.40 24.69 6.62
CA ASP F 21 -2.83 24.63 5.21
C ASP F 21 -1.81 24.03 4.20
N LEU F 22 -0.53 24.40 4.33
CA LEU F 22 0.50 24.01 3.37
C LEU F 22 1.21 22.65 3.61
N PHE F 23 1.40 22.26 4.89
CA PHE F 23 2.08 20.99 5.24
C PHE F 23 1.11 19.88 5.69
N TYR F 29 5.72 18.14 -1.36
CA TYR F 29 6.65 18.29 -2.51
C TYR F 29 7.79 17.30 -2.41
N PRO F 30 7.86 16.34 -3.34
CA PRO F 30 8.83 15.26 -3.33
C PRO F 30 10.09 15.42 -4.23
N GLY F 31 10.52 16.65 -4.56
CA GLY F 31 11.66 16.88 -5.47
C GLY F 31 11.23 17.02 -6.94
N PRO F 32 12.12 17.55 -7.78
CA PRO F 32 11.77 17.73 -9.19
C PRO F 32 11.88 16.45 -10.03
N THR F 33 11.23 16.47 -11.20
CA THR F 33 11.20 15.37 -12.19
C THR F 33 11.47 15.96 -13.55
N LYS F 34 11.65 15.11 -14.55
CA LYS F 34 11.92 15.55 -15.90
C LYS F 34 10.76 16.37 -16.52
N ASP F 35 9.52 16.07 -16.13
CA ASP F 35 8.34 16.76 -16.65
C ASP F 35 8.00 17.98 -15.82
N ASP F 36 8.41 17.97 -14.54
CA ASP F 36 8.24 19.12 -13.63
C ASP F 36 9.60 19.60 -13.03
N PRO F 37 10.53 20.11 -13.87
CA PRO F 37 11.90 20.40 -13.39
C PRO F 37 11.92 21.61 -12.44
N LEU F 38 13.06 21.86 -11.78
CA LEU F 38 13.17 23.00 -10.87
C LEU F 38 14.41 23.75 -11.21
N THR F 39 14.30 25.06 -11.18
CA THR F 39 15.45 25.91 -11.35
C THR F 39 15.86 26.46 -9.96
N VAL F 40 17.10 26.19 -9.52
CA VAL F 40 17.61 26.76 -8.28
C VAL F 40 18.54 27.93 -8.59
N THR F 41 18.29 29.08 -7.97
CA THR F 41 19.22 30.21 -8.13
C THR F 41 20.30 30.11 -7.05
N LEU F 42 21.58 30.14 -7.44
CA LEU F 42 22.70 30.07 -6.52
C LEU F 42 23.46 31.42 -6.56
N GLY F 43 23.96 31.89 -5.39
CA GLY F 43 24.93 32.99 -5.35
C GLY F 43 25.80 32.74 -4.13
N PHE F 44 26.98 33.35 -4.07
CA PHE F 44 27.88 33.11 -2.98
C PHE F 44 28.22 34.44 -2.39
N THR F 45 28.25 34.46 -1.07
CA THR F 45 28.84 35.56 -0.29
C THR F 45 30.09 35.05 0.33
N LEU F 46 31.21 35.58 -0.14
CA LEU F 46 32.46 35.07 0.32
C LEU F 46 32.91 35.90 1.54
N GLN F 47 33.11 35.23 2.70
CA GLN F 47 33.45 35.92 3.95
C GLN F 47 34.91 35.84 4.26
N ASP F 48 35.57 34.69 4.01
CA ASP F 48 36.94 34.63 4.38
C ASP F 48 37.58 33.43 3.72
N ILE F 49 38.82 33.60 3.26
CA ILE F 49 39.69 32.47 2.94
C ILE F 49 40.43 32.28 4.18
N VAL F 50 40.15 31.20 4.89
CA VAL F 50 40.69 31.10 6.24
C VAL F 50 42.11 30.55 6.23
N LYS F 51 42.38 29.62 5.28
CA LYS F 51 43.63 28.80 5.24
C LYS F 51 43.94 28.37 3.82
N ALA F 52 45.21 28.29 3.46
CA ALA F 52 45.61 27.75 2.19
C ALA F 52 46.82 26.92 2.46
N ASP F 53 46.68 25.60 2.30
CA ASP F 53 47.72 24.69 2.73
C ASP F 53 48.42 24.17 1.45
N SER F 54 49.63 24.64 1.25
CA SER F 54 50.41 24.28 0.13
C SER F 54 51.03 22.89 0.29
N SER F 55 50.92 22.24 1.48
CA SER F 55 51.47 20.93 1.62
C SER F 55 50.45 19.87 1.18
N THR F 56 49.17 20.24 1.15
CA THR F 56 48.14 19.29 0.70
C THR F 56 47.31 19.83 -0.49
N ASN F 57 47.52 21.11 -0.86
CA ASN F 57 46.71 21.76 -1.93
C ASN F 57 45.21 21.72 -1.59
N GLU F 58 44.94 22.22 -0.39
CA GLU F 58 43.62 22.44 0.09
C GLU F 58 43.53 23.88 0.60
N VAL F 59 42.38 24.48 0.34
CA VAL F 59 42.04 25.88 0.72
C VAL F 59 40.70 25.83 1.44
N ASP F 60 40.55 26.62 2.52
CA ASP F 60 39.34 26.60 3.31
C ASP F 60 38.70 27.94 3.20
N LEU F 61 37.47 27.98 2.68
CA LEU F 61 36.60 29.14 2.59
C LEU F 61 35.41 29.07 3.57
N VAL F 62 35.03 30.24 4.09
CA VAL F 62 33.79 30.47 4.80
C VAL F 62 32.96 31.35 3.92
N TYR F 63 31.71 30.96 3.68
CA TYR F 63 30.86 31.70 2.74
C TYR F 63 29.38 31.37 3.08
N TYR F 64 28.45 32.15 2.52
CA TYR F 64 27.02 31.95 2.62
C TYR F 64 26.67 31.45 1.23
N GLU F 65 26.06 30.26 1.18
CA GLU F 65 25.62 29.70 -0.09
C GLU F 65 24.14 30.05 -0.25
N GLN F 66 23.85 31.08 -1.05
CA GLN F 66 22.50 31.57 -1.19
C GLN F 66 21.75 30.66 -2.14
N GLN F 67 20.62 30.12 -1.72
CA GLN F 67 19.91 29.22 -2.60
C GLN F 67 18.52 29.75 -2.68
N ARG F 68 17.92 29.63 -3.87
CA ARG F 68 16.50 30.02 -3.95
C ARG F 68 15.74 29.22 -4.98
N TRP F 69 14.53 28.82 -4.65
CA TRP F 69 13.72 28.18 -5.69
C TRP F 69 12.23 28.51 -5.49
N LYS F 70 11.36 28.13 -6.42
CA LYS F 70 9.94 28.55 -6.35
C LYS F 70 9.04 27.37 -6.57
N LEU F 71 8.14 27.14 -5.65
CA LEU F 71 7.21 26.03 -5.77
C LEU F 71 5.76 26.54 -5.86
N ASN F 72 5.06 26.07 -6.88
CA ASN F 72 3.59 26.24 -6.96
C ASN F 72 2.88 25.80 -5.67
N SER F 73 3.29 24.67 -5.10
CA SER F 73 2.66 24.09 -3.92
C SER F 73 2.78 24.92 -2.63
N LEU F 74 3.40 26.08 -2.70
CA LEU F 74 3.63 26.91 -1.54
C LEU F 74 3.14 28.33 -1.75
N MET F 75 2.36 28.56 -2.81
CA MET F 75 1.78 29.89 -3.09
C MET F 75 0.61 30.15 -2.13
N TRP F 76 0.41 31.42 -1.76
CA TRP F 76 -0.79 31.86 -1.02
C TRP F 76 -1.12 33.36 -1.26
N ASP F 77 -2.41 33.68 -1.06
CA ASP F 77 -2.98 35.03 -1.01
C ASP F 77 -2.67 35.63 0.40
N PRO F 78 -1.83 36.68 0.49
CA PRO F 78 -1.69 37.33 1.81
C PRO F 78 -3.04 37.75 2.38
N ASN F 79 -4.06 37.65 1.53
CA ASN F 79 -5.41 38.12 1.80
C ASN F 79 -6.33 37.12 2.50
N GLU F 80 -6.08 35.82 2.34
CA GLU F 80 -6.84 34.81 3.11
C GLU F 80 -6.21 34.48 4.48
N TYR F 81 -5.18 35.26 4.84
CA TYR F 81 -4.33 35.05 6.04
C TYR F 81 -3.69 36.34 6.57
N GLY F 82 -4.50 37.38 6.76
CA GLY F 82 -4.10 38.57 7.51
C GLY F 82 -2.86 39.33 7.11
N ASN F 83 -2.70 39.62 5.80
CA ASN F 83 -1.45 40.25 5.30
C ASN F 83 -0.09 39.54 5.68
N ILE F 84 -0.14 38.21 5.94
CA ILE F 84 1.10 37.36 6.07
C ILE F 84 1.68 37.14 4.69
N THR F 85 2.79 37.82 4.42
CA THR F 85 3.42 37.69 3.14
C THR F 85 4.58 36.66 3.16
N ASP F 86 5.05 36.29 4.35
CA ASP F 86 6.06 35.25 4.41
C ASP F 86 6.07 34.57 5.77
N PHE F 87 6.79 33.46 5.86
CA PHE F 87 7.13 32.89 7.15
C PHE F 87 8.54 32.20 7.15
N ARG F 88 9.02 31.94 8.35
CA ARG F 88 10.24 31.18 8.52
C ARG F 88 9.91 29.77 8.98
N THR F 89 10.63 28.79 8.46
CA THR F 89 10.42 27.40 8.88
C THR F 89 11.73 26.60 8.83
N SER F 90 11.85 25.61 9.71
CA SER F 90 13.01 24.73 9.75
C SER F 90 13.25 24.13 8.37
N ALA F 91 14.50 24.13 7.91
CA ALA F 91 14.83 23.56 6.60
C ALA F 91 14.54 22.07 6.61
N ALA F 92 14.52 21.50 7.81
CA ALA F 92 14.31 20.08 7.94
C ALA F 92 12.87 19.71 7.60
N ASP F 93 11.93 20.66 7.68
CA ASP F 93 10.50 20.49 7.36
C ASP F 93 10.08 20.57 5.87
N ILE F 94 11.02 20.94 4.99
CA ILE F 94 10.67 21.09 3.61
C ILE F 94 11.74 20.36 2.79
N TRP F 95 11.41 20.11 1.54
CA TRP F 95 12.36 19.70 0.55
C TRP F 95 13.43 20.80 0.40
N THR F 96 14.72 20.43 0.40
CA THR F 96 15.79 21.36 0.00
C THR F 96 16.74 20.70 -1.03
N PRO F 97 17.37 21.51 -1.96
CA PRO F 97 18.10 20.85 -3.03
C PRO F 97 19.41 20.36 -2.51
N ASP F 98 20.01 19.34 -3.17
CA ASP F 98 21.22 18.67 -2.62
C ASP F 98 22.45 19.30 -3.23
N ILE F 99 22.56 20.62 -3.08
CA ILE F 99 23.71 21.36 -3.61
C ILE F 99 25.04 20.98 -3.02
N THR F 100 26.02 20.66 -3.86
CA THR F 100 27.19 19.97 -3.36
C THR F 100 28.38 20.54 -4.17
N ALA F 101 29.50 20.81 -3.46
CA ALA F 101 30.77 21.17 -4.12
C ALA F 101 31.27 19.89 -4.78
N TYR F 102 31.87 20.03 -5.98
CA TYR F 102 32.36 18.85 -6.71
C TYR F 102 33.82 18.54 -6.49
N SER F 103 34.51 19.35 -5.67
CA SER F 103 35.90 19.05 -5.38
C SER F 103 36.24 19.41 -3.90
N SER F 104 35.28 19.26 -2.96
CA SER F 104 35.60 19.25 -1.50
C SER F 104 36.52 18.09 -1.16
N THR F 105 37.30 18.27 -0.07
CA THR F 105 38.17 17.27 0.50
C THR F 105 37.77 16.86 1.92
N ARG F 106 36.71 17.54 2.50
CA ARG F 106 36.14 17.26 3.85
CA ARG F 106 36.12 17.19 3.82
C ARG F 106 34.65 17.48 3.77
N PRO F 107 33.84 16.90 4.70
CA PRO F 107 32.43 17.33 4.66
C PRO F 107 32.36 18.83 5.00
N VAL F 108 31.38 19.51 4.43
CA VAL F 108 31.15 20.95 4.70
CA VAL F 108 31.19 20.94 4.73
C VAL F 108 30.70 21.06 6.16
N GLN F 109 31.09 22.14 6.86
CA GLN F 109 30.60 22.36 8.23
C GLN F 109 29.57 23.52 8.23
N VAL F 110 28.40 23.31 8.83
CA VAL F 110 27.38 24.32 8.67
C VAL F 110 27.54 25.29 9.84
N LEU F 111 27.46 26.61 9.52
CA LEU F 111 27.79 27.58 10.58
C LEU F 111 26.55 28.29 11.14
N SER F 112 25.47 28.18 10.41
CA SER F 112 24.34 28.98 10.72
C SER F 112 23.15 28.05 10.97
N PRO F 113 22.08 28.57 11.61
CA PRO F 113 20.82 27.83 11.83
C PRO F 113 20.15 27.37 10.56
N GLN F 114 19.58 26.17 10.53
CA GLN F 114 19.08 25.63 9.29
C GLN F 114 17.59 26.02 9.16
N ILE F 115 17.31 27.23 8.69
CA ILE F 115 15.96 27.74 8.68
C ILE F 115 15.76 28.42 7.33
N ALA F 116 14.60 28.20 6.73
CA ALA F 116 14.33 28.79 5.43
C ALA F 116 13.25 29.88 5.55
N VAL F 117 13.10 30.73 4.53
CA VAL F 117 12.09 31.79 4.52
C VAL F 117 11.28 31.49 3.29
N VAL F 118 9.96 31.41 3.47
CA VAL F 118 9.06 31.06 2.37
C VAL F 118 8.27 32.33 2.11
N THR F 119 7.99 32.61 0.85
CA THR F 119 7.28 33.83 0.46
C THR F 119 5.96 33.44 -0.21
N HIS F 120 4.93 34.30 -0.11
CA HIS F 120 3.58 33.97 -0.62
C HIS F 120 3.62 33.60 -2.12
N ASP F 121 4.60 34.18 -2.85
CA ASP F 121 4.87 33.75 -4.25
C ASP F 121 5.33 32.28 -4.44
N GLY F 122 5.52 31.59 -3.32
CA GLY F 122 5.96 30.17 -3.36
C GLY F 122 7.47 29.99 -3.50
N SER F 123 8.18 31.08 -3.33
CA SER F 123 9.59 31.08 -3.41
C SER F 123 10.21 30.84 -2.02
N VAL F 124 11.28 30.05 -2.02
CA VAL F 124 11.85 29.58 -0.79
C VAL F 124 13.25 30.08 -0.84
N MET F 125 13.71 30.67 0.24
CA MET F 125 15.06 31.17 0.26
C MET F 125 15.76 30.46 1.40
N PHE F 126 16.99 29.97 1.17
CA PHE F 126 17.70 29.25 2.20
C PHE F 126 19.15 29.61 2.04
N ILE F 127 19.78 30.09 3.11
CA ILE F 127 21.15 30.65 3.01
C ILE F 127 22.03 30.12 4.12
N PRO F 128 22.51 28.89 3.96
CA PRO F 128 23.42 28.33 4.98
C PRO F 128 24.81 29.00 4.91
N ALA F 129 25.35 29.49 6.02
CA ALA F 129 26.76 29.85 6.09
C ALA F 129 27.55 28.53 6.32
N GLN F 130 28.71 28.37 5.71
CA GLN F 130 29.33 27.03 5.63
C GLN F 130 30.81 27.23 5.62
N ARG F 131 31.58 26.26 6.16
CA ARG F 131 32.99 26.22 5.93
C ARG F 131 33.35 25.05 5.04
N LEU F 132 34.12 25.32 3.99
CA LEU F 132 34.38 24.27 2.94
C LEU F 132 35.86 24.15 2.71
N SER F 133 36.43 22.92 2.77
CA SER F 133 37.73 22.67 2.22
C SER F 133 37.65 22.10 0.82
N PHE F 134 38.47 22.60 -0.13
CA PHE F 134 38.34 22.12 -1.51
C PHE F 134 39.74 22.11 -2.17
N MET F 135 39.82 21.42 -3.33
CA MET F 135 41.07 21.16 -3.94
C MET F 135 41.54 22.44 -4.67
N CYS F 136 42.71 22.91 -4.26
CA CYS F 136 43.20 24.20 -4.69
C CYS F 136 44.72 24.28 -4.43
N ASP F 137 45.51 24.47 -5.51
CA ASP F 137 46.92 24.75 -5.45
C ASP F 137 47.12 26.27 -5.23
N PRO F 138 47.55 26.68 -4.04
CA PRO F 138 47.75 28.13 -3.84
C PRO F 138 49.13 28.68 -4.25
N THR F 139 49.86 27.96 -5.14
CA THR F 139 51.12 28.49 -5.72
C THR F 139 50.93 29.86 -6.32
N GLY F 140 51.81 30.79 -5.97
CA GLY F 140 51.68 32.19 -6.49
C GLY F 140 50.94 33.15 -5.54
N VAL F 141 50.34 32.62 -4.46
CA VAL F 141 49.60 33.44 -3.51
C VAL F 141 50.49 34.53 -2.89
N ASP F 142 51.81 34.29 -2.77
CA ASP F 142 52.78 35.28 -2.26
C ASP F 142 53.45 36.16 -3.36
N SER F 143 52.74 36.34 -4.47
CA SER F 143 53.21 37.15 -5.58
C SER F 143 52.15 38.19 -5.85
N GLU F 144 52.48 39.18 -6.68
CA GLU F 144 51.55 40.24 -7.07
C GLU F 144 50.29 39.67 -7.80
N GLU F 145 50.52 38.79 -8.79
CA GLU F 145 49.42 38.15 -9.57
C GLU F 145 48.56 37.14 -8.72
N GLY F 146 49.06 36.72 -7.55
CA GLY F 146 48.32 35.82 -6.64
C GLY F 146 48.03 34.41 -7.18
N ALA F 147 47.04 33.74 -6.60
CA ALA F 147 46.68 32.40 -7.01
C ALA F 147 45.27 32.40 -7.53
N THR F 148 44.92 31.40 -8.31
CA THR F 148 43.57 31.27 -8.81
C THR F 148 43.07 29.86 -8.52
N CYS F 149 41.88 29.74 -7.93
CA CYS F 149 41.27 28.44 -7.72
C CYS F 149 39.81 28.45 -8.14
N ALA F 150 39.30 27.28 -8.52
CA ALA F 150 37.88 27.13 -8.91
C ALA F 150 37.22 25.98 -8.17
N VAL F 151 35.96 26.12 -7.76
CA VAL F 151 35.17 24.99 -7.26
C VAL F 151 33.77 25.14 -7.80
N LYS F 152 33.13 24.03 -8.20
CA LYS F 152 31.86 23.99 -8.98
C LYS F 152 30.84 23.49 -7.95
N PHE F 153 29.59 23.94 -8.03
CA PHE F 153 28.54 23.49 -7.17
C PHE F 153 27.37 23.07 -8.02
N GLY F 154 26.63 22.12 -7.50
CA GLY F 154 25.46 21.64 -8.27
C GLY F 154 24.80 20.52 -7.57
N SER F 155 23.68 20.04 -8.11
CA SER F 155 23.01 18.88 -7.54
C SER F 155 23.96 17.66 -7.62
N TRP F 156 23.93 16.76 -6.60
CA TRP F 156 24.70 15.55 -6.73
C TRP F 156 23.89 14.50 -7.49
N VAL F 157 22.58 14.35 -7.20
CA VAL F 157 21.86 13.22 -7.73
C VAL F 157 20.79 13.58 -8.76
N TYR F 158 20.46 14.87 -8.94
CA TYR F 158 19.46 15.23 -9.96
C TYR F 158 20.13 15.67 -11.21
N SER F 159 19.75 15.12 -12.36
CA SER F 159 20.51 15.48 -13.57
C SER F 159 20.14 16.87 -14.01
N GLY F 160 20.77 17.37 -15.05
CA GLY F 160 20.23 18.55 -15.64
C GLY F 160 18.86 18.42 -16.30
N PHE F 161 18.31 17.22 -16.47
CA PHE F 161 16.87 17.16 -16.84
C PHE F 161 15.96 17.51 -15.68
N GLU F 162 16.44 17.44 -14.43
CA GLU F 162 15.50 17.65 -13.29
C GLU F 162 15.79 18.94 -12.58
N ILE F 163 17.06 19.34 -12.49
CA ILE F 163 17.35 20.56 -11.76
C ILE F 163 18.17 21.41 -12.67
N ASP F 164 17.72 22.65 -12.91
CA ASP F 164 18.53 23.60 -13.63
C ASP F 164 19.13 24.60 -12.59
N LEU F 165 20.11 25.41 -12.96
CA LEU F 165 20.66 26.38 -12.06
C LEU F 165 20.78 27.73 -12.76
N LYS F 166 20.87 28.77 -11.95
CA LYS F 166 21.24 30.08 -12.48
C LYS F 166 21.76 30.95 -11.37
N THR F 167 22.40 32.06 -11.73
CA THR F 167 22.88 33.05 -10.79
C THR F 167 22.09 34.33 -11.07
N ASP F 168 22.04 35.27 -10.11
CA ASP F 168 21.36 36.55 -10.34
C ASP F 168 22.35 37.50 -10.89
N THR F 169 23.64 37.20 -10.70
CA THR F 169 24.75 38.07 -11.09
C THR F 169 25.98 37.17 -11.19
N ASP F 170 26.94 37.54 -12.02
CA ASP F 170 28.22 36.80 -12.05
C ASP F 170 29.26 37.33 -11.05
N GLN F 171 28.92 38.43 -10.38
CA GLN F 171 29.74 38.92 -9.26
C GLN F 171 29.43 38.20 -7.94
N VAL F 172 30.45 37.59 -7.34
CA VAL F 172 30.37 37.01 -5.97
C VAL F 172 30.19 38.20 -5.04
N ASP F 173 29.30 38.06 -4.07
CA ASP F 173 29.03 39.09 -3.13
C ASP F 173 30.23 39.18 -2.21
N LEU F 174 31.04 40.26 -2.33
CA LEU F 174 32.15 40.47 -1.46
C LEU F 174 31.83 41.57 -0.44
N SER F 175 30.57 41.87 -0.25
CA SER F 175 30.29 42.98 0.66
C SER F 175 30.62 42.59 2.13
N SER F 176 30.67 41.30 2.47
CA SER F 176 30.97 40.85 3.83
C SER F 176 32.32 40.25 3.96
N TYR F 177 33.22 40.49 2.99
CA TYR F 177 34.49 39.77 3.05
C TYR F 177 35.30 40.35 4.20
N TYR F 178 36.05 39.52 4.94
CA TYR F 178 36.75 39.99 6.16
C TYR F 178 37.98 40.86 5.86
N ALA F 179 37.91 42.13 6.26
CA ALA F 179 38.96 43.10 5.85
C ALA F 179 40.30 42.72 6.38
N SER F 180 40.35 41.92 7.46
CA SER F 180 41.66 41.55 7.97
C SER F 180 41.98 40.07 7.74
N SER F 181 41.32 39.46 6.76
CA SER F 181 41.69 38.10 6.32
C SER F 181 43.18 38.08 6.01
N LYS F 182 43.82 36.92 6.16
CA LYS F 182 45.19 36.73 5.69
C LYS F 182 45.24 36.87 4.16
N TYR F 183 44.09 36.73 3.49
CA TYR F 183 44.02 36.73 2.01
C TYR F 183 43.08 37.82 1.52
N GLU F 184 43.60 38.63 0.61
CA GLU F 184 42.73 39.54 -0.12
C GLU F 184 42.22 38.98 -1.44
N ILE F 185 40.99 39.36 -1.76
CA ILE F 185 40.35 38.93 -2.97
C ILE F 185 40.65 39.89 -4.13
N LEU F 186 41.34 39.37 -5.14
CA LEU F 186 41.55 40.04 -6.41
C LEU F 186 40.32 40.02 -7.34
N SER F 187 39.64 38.88 -7.46
CA SER F 187 38.37 38.81 -8.14
C SER F 187 37.63 37.53 -7.69
N ALA F 188 36.31 37.52 -7.79
CA ALA F 188 35.55 36.32 -7.47
C ALA F 188 34.39 36.37 -8.39
N THR F 189 34.30 35.39 -9.28
CA THR F 189 33.10 35.27 -10.11
C THR F 189 32.35 33.97 -9.88
N GLN F 190 31.03 33.99 -10.17
CA GLN F 190 30.19 32.82 -10.09
C GLN F 190 29.50 32.71 -11.45
N THR F 191 29.63 31.58 -12.15
CA THR F 191 29.05 31.44 -13.54
C THR F 191 28.34 30.09 -13.75
N ARG F 192 27.06 30.10 -14.15
CA ARG F 192 26.38 28.90 -14.54
C ARG F 192 27.17 28.23 -15.69
N GLN F 193 27.48 26.93 -15.58
CA GLN F 193 28.03 26.18 -16.70
C GLN F 193 27.11 25.03 -17.14
N VAL F 194 26.93 24.83 -18.45
CA VAL F 194 26.23 23.63 -18.98
C VAL F 194 27.23 22.84 -19.79
N GLN F 195 27.40 21.53 -19.45
CA GLN F 195 28.34 20.61 -20.10
C GLN F 195 27.62 19.34 -20.60
N HIS F 196 28.09 18.83 -21.74
CA HIS F 196 27.63 17.62 -22.38
C HIS F 196 28.85 16.71 -22.57
N TYR F 197 28.70 15.44 -22.20
CA TYR F 197 29.79 14.50 -22.29
C TYR F 197 29.31 13.32 -23.08
N SER F 198 30.22 12.76 -23.88
CA SER F 198 29.81 11.65 -24.81
C SER F 198 29.39 10.45 -24.00
N CYS F 199 30.12 10.18 -22.90
CA CYS F 199 29.70 9.11 -21.96
C CYS F 199 28.22 9.13 -21.61
N CYS F 200 27.60 10.29 -21.65
CA CYS F 200 26.37 10.41 -20.88
C CYS F 200 25.32 11.30 -21.53
N PRO F 201 24.02 10.91 -21.45
CA PRO F 201 22.90 11.59 -22.08
C PRO F 201 22.15 12.64 -21.26
N GLU F 202 22.62 13.01 -20.07
CA GLU F 202 22.05 14.18 -19.41
C GLU F 202 23.01 15.36 -19.44
N PRO F 203 22.49 16.61 -19.50
CA PRO F 203 23.39 17.78 -19.36
C PRO F 203 23.97 17.85 -17.89
N TYR F 204 25.22 18.25 -17.73
CA TYR F 204 25.89 18.40 -16.42
C TYR F 204 25.90 19.90 -16.16
N ILE F 205 25.09 20.31 -15.21
CA ILE F 205 24.87 21.77 -14.96
C ILE F 205 25.41 22.14 -13.60
N ASP F 206 26.22 23.18 -13.54
CA ASP F 206 26.75 23.62 -12.23
C ASP F 206 26.96 25.12 -12.19
N VAL F 207 27.42 25.65 -11.04
CA VAL F 207 27.81 27.03 -10.93
C VAL F 207 29.25 27.04 -10.46
N ASN F 208 30.13 27.69 -11.23
CA ASN F 208 31.59 27.60 -11.05
C ASN F 208 32.07 28.87 -10.31
N LEU F 209 32.65 28.66 -9.12
CA LEU F 209 33.11 29.73 -8.32
C LEU F 209 34.60 29.84 -8.59
N VAL F 210 35.06 31.01 -9.04
CA VAL F 210 36.45 31.17 -9.44
C VAL F 210 36.99 32.33 -8.61
N VAL F 211 38.04 32.06 -7.86
CA VAL F 211 38.55 33.07 -6.96
C VAL F 211 40.02 33.27 -7.20
N LYS F 212 40.41 34.54 -7.38
CA LYS F 212 41.83 34.90 -7.43
C LYS F 212 42.20 35.62 -6.19
N PHE F 213 43.26 35.24 -5.52
CA PHE F 213 43.46 35.83 -4.23
C PHE F 213 44.94 35.82 -3.97
N ARG F 214 45.36 36.59 -2.98
CA ARG F 214 46.76 36.68 -2.64
C ARG F 214 46.94 37.14 -1.20
N GLU F 215 48.15 36.91 -0.73
CA GLU F 215 48.46 37.22 0.66
C GLU F 215 48.30 38.71 0.80
N ARG F 216 47.57 39.14 1.85
CA ARG F 216 47.23 40.56 2.05
C ARG F 216 48.50 41.34 2.31
N ARG F 217 48.72 42.40 1.51
CA ARG F 217 49.77 43.35 1.84
C ARG F 217 49.35 44.83 1.93
N LYS G 8 1.77 18.37 -14.68
CA LYS G 8 2.88 18.77 -13.77
C LYS G 8 2.48 18.56 -12.31
N LEU G 9 1.24 18.93 -11.98
CA LEU G 9 0.64 18.50 -10.72
C LEU G 9 0.37 17.02 -10.84
N HIS G 10 0.13 16.59 -12.09
CA HIS G 10 -0.04 15.17 -12.42
C HIS G 10 1.23 14.34 -12.17
N SER G 11 2.31 14.66 -12.90
CA SER G 11 3.62 13.99 -12.73
C SER G 11 4.06 13.88 -11.26
N GLN G 12 3.88 14.96 -10.50
CA GLN G 12 4.18 14.99 -9.10
C GLN G 12 3.29 14.00 -8.33
N ALA G 13 2.00 13.97 -8.64
CA ALA G 13 1.12 13.02 -8.01
C ALA G 13 1.58 11.62 -8.38
N ASN G 14 1.94 11.44 -9.63
CA ASN G 14 2.45 10.15 -10.11
C ASN G 14 3.69 9.62 -9.36
N LEU G 15 4.63 10.55 -9.04
CA LEU G 15 5.87 10.22 -8.31
C LEU G 15 5.59 9.74 -6.88
N MET G 16 4.76 10.48 -6.14
CA MET G 16 4.35 10.06 -4.79
C MET G 16 3.61 8.74 -4.76
N ARG G 17 2.77 8.51 -5.77
CA ARG G 17 2.04 7.23 -5.92
C ARG G 17 2.99 6.05 -6.14
N LEU G 18 3.83 6.17 -7.17
CA LEU G 18 4.94 5.23 -7.44
C LEU G 18 5.71 4.85 -6.18
N LYS G 19 6.22 5.85 -5.48
CA LYS G 19 6.96 5.64 -4.23
C LYS G 19 6.09 4.93 -3.18
N SER G 20 4.86 5.39 -3.05
CA SER G 20 3.84 4.76 -2.22
C SER G 20 3.75 3.24 -2.49
N ASP G 21 3.47 2.89 -3.75
CA ASP G 21 3.38 1.50 -4.23
C ASP G 21 4.60 0.67 -3.91
N LEU G 22 5.78 1.27 -4.01
CA LEU G 22 6.97 0.48 -3.97
C LEU G 22 7.37 0.18 -2.52
N PHE G 23 7.23 1.17 -1.67
CA PHE G 23 7.78 1.11 -0.30
C PHE G 23 6.79 0.76 0.82
N ASN G 24 5.49 0.71 0.51
CA ASN G 24 4.48 0.13 1.44
C ASN G 24 3.62 -0.83 0.61
N ARG G 25 3.97 -2.13 0.59
CA ARG G 25 3.43 -3.08 -0.42
C ARG G 25 4.30 -4.35 -0.43
N TYR G 29 12.05 -5.37 1.13
CA TYR G 29 13.36 -6.02 0.84
C TYR G 29 14.29 -6.07 2.05
N PRO G 30 14.47 -7.29 2.60
CA PRO G 30 15.26 -7.52 3.79
C PRO G 30 16.77 -7.77 3.47
N GLY G 31 17.25 -7.42 2.29
CA GLY G 31 18.66 -7.61 1.94
C GLY G 31 18.77 -8.96 1.26
N PRO G 32 19.93 -9.29 0.74
CA PRO G 32 19.97 -10.51 -0.06
C PRO G 32 20.29 -11.75 0.79
N THR G 33 20.06 -12.93 0.20
CA THR G 33 20.26 -14.19 0.89
C THR G 33 20.90 -15.20 -0.03
N LYS G 34 21.34 -16.35 0.51
CA LYS G 34 21.91 -17.43 -0.31
C LYS G 34 20.89 -17.87 -1.37
N ASP G 35 19.62 -17.72 -1.04
CA ASP G 35 18.56 -18.07 -1.98
C ASP G 35 18.14 -16.97 -2.92
N ASP G 36 18.50 -15.72 -2.60
CA ASP G 36 18.10 -14.52 -3.34
C ASP G 36 19.33 -13.58 -3.39
N PRO G 37 20.44 -14.05 -4.01
CA PRO G 37 21.70 -13.33 -4.00
C PRO G 37 21.64 -12.09 -4.91
N LEU G 38 22.64 -11.26 -4.79
CA LEU G 38 22.61 -10.02 -5.54
C LEU G 38 24.00 -9.79 -6.08
N THR G 39 24.14 -9.26 -7.28
CA THR G 39 25.44 -8.78 -7.76
C THR G 39 25.52 -7.26 -7.66
N VAL G 40 26.54 -6.75 -6.99
CA VAL G 40 26.76 -5.32 -6.86
C VAL G 40 27.91 -5.02 -7.82
N THR G 41 27.68 -4.16 -8.80
CA THR G 41 28.80 -3.65 -9.60
C THR G 41 29.50 -2.44 -8.91
N LEU G 42 30.83 -2.39 -8.86
CA LEU G 42 31.51 -1.29 -8.19
C LEU G 42 32.50 -0.76 -9.17
N GLY G 43 32.74 0.56 -9.10
CA GLY G 43 33.69 1.23 -9.93
C GLY G 43 34.15 2.48 -9.19
N PHE G 44 35.45 2.71 -9.23
CA PHE G 44 36.08 3.83 -8.51
C PHE G 44 36.53 4.95 -9.45
N THR G 45 36.29 6.19 -9.03
CA THR G 45 36.81 7.35 -9.74
C THR G 45 37.67 8.04 -8.72
N LEU G 46 38.98 8.08 -8.97
CA LEU G 46 39.89 8.76 -8.10
C LEU G 46 40.01 10.22 -8.43
N GLN G 47 39.59 11.06 -7.45
CA GLN G 47 39.68 12.49 -7.61
C GLN G 47 41.00 13.11 -7.06
N ASP G 48 41.48 12.66 -5.91
CA ASP G 48 42.70 13.29 -5.37
C ASP G 48 43.44 12.46 -4.39
N ILE G 49 44.75 12.57 -4.36
CA ILE G 49 45.44 11.98 -3.22
C ILE G 49 45.81 13.19 -2.38
N VAL G 50 45.10 13.38 -1.24
CA VAL G 50 45.15 14.69 -0.57
C VAL G 50 46.39 14.76 0.29
N LYS G 51 46.84 13.63 0.82
CA LYS G 51 47.87 13.60 1.87
C LYS G 51 48.52 12.21 1.92
N ALA G 52 49.84 12.15 2.14
CA ALA G 52 50.56 10.91 2.37
C ALA G 52 51.38 11.13 3.63
N ASP G 53 51.15 10.32 4.67
CA ASP G 53 51.77 10.63 5.97
C ASP G 53 52.76 9.51 6.29
N SER G 54 54.03 9.81 6.11
CA SER G 54 55.03 8.79 6.36
C SER G 54 55.42 8.64 7.83
N SER G 55 54.81 9.43 8.72
CA SER G 55 55.04 9.18 10.15
C SER G 55 54.10 8.09 10.67
N THR G 56 52.95 7.88 9.99
CA THR G 56 51.98 6.89 10.50
C THR G 56 51.65 5.87 9.39
N ASN G 57 52.22 6.06 8.19
CA ASN G 57 51.83 5.25 7.03
C ASN G 57 50.31 5.20 6.77
N GLU G 58 49.76 6.41 6.67
CA GLU G 58 48.35 6.65 6.25
C GLU G 58 48.40 7.55 5.03
N VAL G 59 47.64 7.19 4.02
CA VAL G 59 47.37 8.01 2.85
C VAL G 59 45.90 8.34 2.79
N ASP G 60 45.58 9.55 2.37
CA ASP G 60 44.16 10.00 2.31
C ASP G 60 43.73 10.16 0.85
N LEU G 61 42.63 9.55 0.44
CA LEU G 61 42.15 9.60 -0.93
C LEU G 61 40.83 10.28 -0.94
N VAL G 62 40.51 10.95 -2.03
CA VAL G 62 39.13 11.40 -2.23
C VAL G 62 38.68 10.75 -3.50
N TYR G 63 37.54 10.05 -3.48
CA TYR G 63 37.22 9.27 -4.67
C TYR G 63 35.74 9.10 -4.69
N TYR G 64 35.17 8.68 -5.84
CA TYR G 64 33.72 8.37 -5.85
C TYR G 64 33.59 6.88 -5.97
N GLU G 65 32.59 6.33 -5.35
CA GLU G 65 32.42 4.89 -5.39
C GLU G 65 31.11 4.67 -6.07
N GLN G 66 31.07 4.19 -7.33
CA GLN G 66 29.74 4.01 -7.99
C GLN G 66 29.29 2.63 -7.67
N GLN G 67 28.08 2.53 -7.13
CA GLN G 67 27.56 1.20 -6.77
C GLN G 67 26.29 0.99 -7.54
N ARG G 68 26.10 -0.24 -8.03
CA ARG G 68 24.91 -0.51 -8.78
C ARG G 68 24.48 -1.92 -8.50
N TRP G 69 23.17 -2.05 -8.30
CA TRP G 69 22.53 -3.35 -8.16
C TRP G 69 21.08 -3.23 -8.64
N LYS G 70 20.39 -4.36 -8.62
CA LYS G 70 19.09 -4.41 -9.29
C LYS G 70 18.15 -5.30 -8.48
N LEU G 71 16.93 -4.84 -8.21
CA LEU G 71 16.00 -5.64 -7.45
C LEU G 71 14.71 -5.80 -8.25
N ASN G 72 14.15 -7.02 -8.25
CA ASN G 72 12.82 -7.20 -8.84
C ASN G 72 11.79 -6.38 -8.08
N SER G 73 11.91 -6.29 -6.76
CA SER G 73 10.95 -5.53 -5.96
C SER G 73 10.94 -4.02 -6.30
N LEU G 74 11.82 -3.57 -7.21
CA LEU G 74 11.82 -2.15 -7.53
C LEU G 74 11.51 -1.84 -8.99
N MET G 75 11.13 -2.85 -9.77
CA MET G 75 10.73 -2.63 -11.18
C MET G 75 9.35 -1.95 -11.26
N TRP G 76 9.09 -1.15 -12.30
CA TRP G 76 7.71 -0.69 -12.55
C TRP G 76 7.59 -0.40 -14.02
N ASP G 77 6.35 -0.21 -14.45
CA ASP G 77 6.03 0.17 -15.82
C ASP G 77 5.85 1.68 -15.92
N PRO G 78 6.73 2.38 -16.68
CA PRO G 78 6.56 3.81 -16.72
C PRO G 78 5.15 4.28 -17.21
N ASN G 79 4.51 3.49 -18.07
CA ASN G 79 3.14 3.82 -18.58
C ASN G 79 2.07 3.99 -17.54
N GLU G 80 2.16 3.22 -16.45
CA GLU G 80 1.24 3.33 -15.33
C GLU G 80 1.57 4.48 -14.37
N TYR G 81 2.62 5.24 -14.68
CA TYR G 81 3.06 6.27 -13.74
C TYR G 81 3.50 7.47 -14.50
N GLY G 82 2.79 7.76 -15.58
CA GLY G 82 3.05 8.97 -16.31
C GLY G 82 4.39 9.08 -17.02
N ASN G 83 4.92 7.97 -17.52
CA ASN G 83 6.22 7.97 -18.23
C ASN G 83 7.42 8.26 -17.25
N ILE G 84 7.16 8.22 -15.93
CA ILE G 84 8.28 8.31 -14.96
C ILE G 84 9.22 7.11 -15.12
N THR G 85 10.47 7.37 -15.49
CA THR G 85 11.41 6.28 -15.69
C THR G 85 12.42 6.15 -14.56
N ASP G 86 12.54 7.17 -13.70
CA ASP G 86 13.41 7.02 -12.54
C ASP G 86 12.98 7.96 -11.44
N PHE G 87 13.55 7.80 -10.25
CA PHE G 87 13.32 8.72 -9.19
C PHE G 87 14.47 8.69 -8.20
N ARG G 88 14.57 9.75 -7.42
CA ARG G 88 15.59 9.85 -6.37
C ARG G 88 15.03 9.52 -5.02
N THR G 89 15.82 8.83 -4.21
CA THR G 89 15.34 8.57 -2.90
C THR G 89 16.48 8.51 -1.89
N SER G 90 16.19 8.89 -0.67
CA SER G 90 17.14 8.81 0.41
C SER G 90 17.61 7.36 0.56
N ALA G 91 18.92 7.17 0.77
CA ALA G 91 19.54 5.88 1.05
C ALA G 91 18.95 5.17 2.27
N ALA G 92 18.52 5.95 3.27
CA ALA G 92 17.72 5.44 4.42
C ALA G 92 16.37 4.74 4.08
N ASP G 93 15.82 5.01 2.89
CA ASP G 93 14.52 4.46 2.46
C ASP G 93 14.67 3.08 1.82
N ILE G 94 15.89 2.77 1.36
CA ILE G 94 16.20 1.51 0.72
C ILE G 94 17.38 0.76 1.37
N TRP G 95 17.43 -0.54 1.11
CA TRP G 95 18.54 -1.38 1.45
C TRP G 95 19.68 -0.87 0.60
N THR G 96 20.85 -0.71 1.18
CA THR G 96 22.09 -0.48 0.37
C THR G 96 23.21 -1.42 0.87
N PRO G 97 24.12 -1.75 -0.02
CA PRO G 97 25.20 -2.73 0.32
C PRO G 97 26.20 -2.13 1.23
N ASP G 98 26.73 -2.98 2.10
CA ASP G 98 27.56 -2.45 3.17
C ASP G 98 29.00 -2.52 2.69
N ILE G 99 29.30 -1.88 1.53
CA ILE G 99 30.64 -1.98 0.95
C ILE G 99 31.57 -1.23 1.86
N THR G 100 32.71 -1.84 2.22
CA THR G 100 33.61 -1.23 3.20
C THR G 100 35.04 -1.41 2.77
N ALA G 101 35.87 -0.36 2.93
CA ALA G 101 37.35 -0.53 2.80
C ALA G 101 37.85 -1.43 3.95
N TYR G 102 38.74 -2.38 3.64
CA TYR G 102 39.23 -3.30 4.67
C TYR G 102 40.41 -2.86 5.51
N SER G 103 41.06 -1.76 5.15
CA SER G 103 42.23 -1.39 5.84
C SER G 103 42.17 0.16 6.04
N SER G 104 40.96 0.72 6.24
CA SER G 104 40.82 2.12 6.64
C SER G 104 41.48 2.28 8.05
N THR G 105 41.90 3.50 8.38
CA THR G 105 42.46 3.77 9.73
C THR G 105 41.60 4.83 10.49
N ARG G 106 40.54 5.32 9.85
CA ARG G 106 39.67 6.40 10.36
CA ARG G 106 39.66 6.38 10.37
C ARG G 106 38.32 6.18 9.70
N PRO G 107 37.23 6.60 10.38
CA PRO G 107 35.93 6.39 9.69
C PRO G 107 35.88 7.23 8.40
N VAL G 108 35.33 6.65 7.33
CA VAL G 108 35.28 7.34 6.06
CA VAL G 108 35.22 7.35 6.04
C VAL G 108 34.44 8.65 6.24
N GLN G 109 34.81 9.70 5.54
CA GLN G 109 34.00 10.93 5.65
C GLN G 109 33.24 11.09 4.34
N VAL G 110 31.94 11.28 4.47
CA VAL G 110 31.08 11.24 3.33
C VAL G 110 30.88 12.67 2.78
N LEU G 111 31.13 12.86 1.51
CA LEU G 111 31.18 14.19 1.00
C LEU G 111 29.94 14.57 0.18
N SER G 112 29.11 13.61 -0.19
CA SER G 112 27.98 13.84 -1.06
C SER G 112 26.74 13.33 -0.37
N PRO G 113 25.56 13.75 -0.84
CA PRO G 113 24.22 13.46 -0.25
C PRO G 113 23.91 11.97 -0.31
N GLN G 114 23.25 11.45 0.73
CA GLN G 114 23.00 10.04 0.85
C GLN G 114 21.65 9.77 0.21
N ILE G 115 21.63 9.93 -1.10
CA ILE G 115 20.46 9.79 -1.93
C ILE G 115 20.89 8.91 -3.13
N ALA G 116 19.99 8.03 -3.58
CA ALA G 116 20.24 7.07 -4.67
C ALA G 116 19.22 7.33 -5.75
N VAL G 117 19.46 6.80 -6.93
CA VAL G 117 18.52 6.97 -8.07
C VAL G 117 18.08 5.58 -8.46
N VAL G 118 16.77 5.38 -8.49
CA VAL G 118 16.16 4.08 -8.77
C VAL G 118 15.58 4.24 -10.19
N THR G 119 15.83 3.27 -11.07
CA THR G 119 15.33 3.29 -12.47
C THR G 119 14.24 2.19 -12.61
N HIS G 120 13.32 2.37 -13.56
CA HIS G 120 12.12 1.47 -13.72
C HIS G 120 12.38 -0.04 -13.88
N ASP G 121 13.55 -0.41 -14.40
CA ASP G 121 13.98 -1.84 -14.44
C ASP G 121 14.43 -2.37 -13.09
N GLY G 122 14.32 -1.56 -12.05
CA GLY G 122 14.66 -2.02 -10.71
C GLY G 122 16.14 -1.86 -10.36
N SER G 123 16.94 -1.29 -11.26
CA SER G 123 18.31 -0.91 -10.90
C SER G 123 18.45 0.34 -10.02
N VAL G 124 19.44 0.30 -9.14
CA VAL G 124 19.73 1.43 -8.22
C VAL G 124 21.17 1.84 -8.50
N MET G 125 21.43 3.12 -8.44
CA MET G 125 22.75 3.56 -8.52
C MET G 125 22.99 4.50 -7.36
N PHE G 126 24.12 4.34 -6.68
CA PHE G 126 24.40 5.23 -5.56
C PHE G 126 25.87 5.52 -5.74
N ILE G 127 26.29 6.79 -5.61
CA ILE G 127 27.65 7.22 -5.93
C ILE G 127 28.16 8.06 -4.78
N PRO G 128 28.51 7.38 -3.66
CA PRO G 128 28.93 8.23 -2.54
C PRO G 128 30.33 8.71 -2.80
N ALA G 129 30.52 10.00 -2.67
CA ALA G 129 31.87 10.56 -2.72
C ALA G 129 32.42 10.53 -1.26
N GLN G 130 33.73 10.29 -1.08
CA GLN G 130 34.28 9.91 0.22
C GLN G 130 35.72 10.31 0.29
N ARG G 131 36.16 10.71 1.48
CA ARG G 131 37.54 10.87 1.83
C ARG G 131 37.90 9.72 2.78
N LEU G 132 38.97 9.00 2.45
CA LEU G 132 39.31 7.82 3.17
C LEU G 132 40.73 7.87 3.60
N SER G 133 40.97 7.56 4.87
CA SER G 133 42.37 7.35 5.26
C SER G 133 42.57 5.82 5.36
N PHE G 134 43.65 5.32 4.77
CA PHE G 134 43.93 3.91 4.82
C PHE G 134 45.40 3.62 4.93
N MET G 135 45.70 2.37 5.21
CA MET G 135 47.05 1.98 5.55
C MET G 135 47.92 1.95 4.31
N CYS G 136 49.00 2.72 4.33
CA CYS G 136 49.80 2.87 3.14
C CYS G 136 51.14 3.48 3.49
N ASP G 137 52.22 2.74 3.22
CA ASP G 137 53.60 3.28 3.34
C ASP G 137 53.92 4.00 2.03
N PRO G 138 54.07 5.35 2.08
CA PRO G 138 54.36 6.16 0.89
C PRO G 138 55.85 6.23 0.55
N THR G 139 56.70 5.44 1.23
CA THR G 139 58.14 5.36 0.85
C THR G 139 58.31 5.14 -0.67
N GLY G 140 59.19 5.94 -1.29
CA GLY G 140 59.38 5.90 -2.74
C GLY G 140 58.56 6.97 -3.46
N VAL G 141 57.72 7.70 -2.74
CA VAL G 141 56.84 8.68 -3.41
C VAL G 141 57.60 9.87 -4.05
N ASP G 142 58.74 10.18 -3.47
CA ASP G 142 59.62 11.21 -4.00
C ASP G 142 60.63 10.65 -5.01
N SER G 143 60.31 9.58 -5.71
CA SER G 143 61.25 8.99 -6.64
C SER G 143 60.50 8.82 -7.90
N GLU G 144 61.22 8.41 -8.95
CA GLU G 144 60.62 8.29 -10.26
C GLU G 144 59.63 7.15 -10.34
N GLU G 145 59.96 6.08 -9.62
CA GLU G 145 59.13 4.90 -9.59
C GLU G 145 57.90 5.12 -8.69
N GLY G 146 57.99 6.05 -7.73
CA GLY G 146 56.90 6.35 -6.81
C GLY G 146 56.54 5.21 -5.83
N ALA G 147 55.37 5.32 -5.17
CA ALA G 147 54.94 4.38 -4.16
C ALA G 147 53.71 3.64 -4.66
N THR G 148 53.43 2.47 -4.11
CA THR G 148 52.28 1.72 -4.50
C THR G 148 51.52 1.44 -3.26
N CYS G 149 50.23 1.80 -3.22
CA CYS G 149 49.36 1.27 -2.15
C CYS G 149 48.11 0.49 -2.64
N ALA G 150 47.55 -0.36 -1.77
CA ALA G 150 46.44 -1.14 -2.07
C ALA G 150 45.45 -1.12 -0.90
N VAL G 151 44.17 -1.12 -1.28
CA VAL G 151 43.12 -1.28 -0.29
C VAL G 151 41.99 -2.08 -0.92
N LYS G 152 41.47 -3.04 -0.15
CA LYS G 152 40.42 -3.91 -0.68
C LYS G 152 39.13 -3.38 -0.21
N PHE G 153 38.13 -3.49 -1.05
CA PHE G 153 36.77 -3.12 -0.64
C PHE G 153 35.85 -4.36 -0.74
N GLY G 154 34.89 -4.51 0.15
CA GLY G 154 33.82 -5.52 -0.08
C GLY G 154 32.78 -5.43 1.02
N SER G 155 31.80 -6.34 1.00
CA SER G 155 30.81 -6.35 1.96
C SER G 155 31.50 -6.72 3.32
N TRP G 156 31.07 -6.10 4.38
CA TRP G 156 31.62 -6.40 5.70
C TRP G 156 31.02 -7.74 6.24
N VAL G 157 29.69 -7.96 6.01
CA VAL G 157 28.98 -9.08 6.64
C VAL G 157 28.32 -10.08 5.66
N TYR G 158 28.26 -9.80 4.36
CA TYR G 158 27.73 -10.79 3.45
C TYR G 158 28.82 -11.51 2.69
N SER G 159 28.76 -12.85 2.66
CA SER G 159 29.78 -13.57 1.89
C SER G 159 29.43 -13.51 0.47
N GLY G 160 30.25 -14.18 -0.35
CA GLY G 160 29.98 -14.41 -1.76
C GLY G 160 28.73 -15.26 -1.95
N PHE G 161 28.24 -15.93 -0.90
CA PHE G 161 26.91 -16.58 -1.10
C PHE G 161 25.76 -15.59 -1.22
N GLU G 162 25.88 -14.41 -0.58
CA GLU G 162 24.78 -13.41 -0.67
C GLU G 162 25.02 -12.23 -1.60
N ILE G 163 26.23 -11.71 -1.64
CA ILE G 163 26.59 -10.58 -2.53
C ILE G 163 27.76 -10.98 -3.39
N ASP G 164 27.64 -10.97 -4.73
CA ASP G 164 28.82 -11.09 -5.55
C ASP G 164 29.23 -9.71 -5.96
N LEU G 165 30.48 -9.47 -6.25
CA LEU G 165 30.86 -8.14 -6.77
C LEU G 165 31.37 -8.25 -8.19
N LYS G 166 31.22 -7.18 -8.90
CA LYS G 166 31.74 -7.19 -10.20
C LYS G 166 32.19 -5.77 -10.54
N THR G 167 33.21 -5.69 -11.40
CA THR G 167 33.71 -4.40 -11.93
C THR G 167 33.34 -4.38 -13.42
N ASP G 168 33.07 -3.21 -13.95
CA ASP G 168 32.69 -3.08 -15.36
C ASP G 168 33.96 -2.84 -16.22
N THR G 169 35.10 -2.64 -15.53
CA THR G 169 36.38 -2.31 -16.13
C THR G 169 37.46 -2.61 -15.12
N ASP G 170 38.66 -2.92 -15.61
CA ASP G 170 39.83 -3.08 -14.72
C ASP G 170 40.44 -1.76 -14.30
N GLN G 171 40.08 -0.65 -14.96
CA GLN G 171 40.76 0.61 -14.72
C GLN G 171 39.95 1.52 -13.79
N VAL G 172 40.63 2.15 -12.83
CA VAL G 172 40.04 3.20 -12.00
C VAL G 172 39.91 4.40 -12.91
N ASP G 173 38.81 5.11 -12.83
CA ASP G 173 38.65 6.27 -13.69
C ASP G 173 39.47 7.42 -13.15
N LEU G 174 40.30 8.02 -13.96
CA LEU G 174 41.25 9.04 -13.52
C LEU G 174 40.98 10.31 -14.31
N SER G 175 39.92 10.32 -15.05
CA SER G 175 39.82 11.47 -16.02
C SER G 175 39.40 12.72 -15.22
N SER G 176 38.87 12.50 -14.01
CA SER G 176 38.61 13.63 -13.08
C SER G 176 39.61 13.89 -12.00
N TYR G 177 40.80 13.31 -12.09
CA TYR G 177 41.80 13.44 -11.03
C TYR G 177 42.20 14.93 -11.04
N TYR G 178 42.33 15.57 -9.85
CA TYR G 178 42.67 16.97 -9.77
C TYR G 178 44.08 17.28 -10.40
N ALA G 179 44.22 18.21 -11.38
CA ALA G 179 45.48 18.31 -12.15
C ALA G 179 46.60 19.04 -11.40
N SER G 180 46.26 19.66 -10.28
CA SER G 180 47.30 20.28 -9.44
C SER G 180 47.44 19.61 -8.09
N SER G 181 47.11 18.31 -8.02
CA SER G 181 47.25 17.57 -6.75
C SER G 181 48.74 17.54 -6.43
N LYS G 182 49.13 17.34 -5.17
CA LYS G 182 50.56 17.22 -4.81
C LYS G 182 51.14 15.94 -5.42
N TYR G 183 50.24 14.99 -5.73
CA TYR G 183 50.69 13.66 -6.27
C TYR G 183 50.12 13.38 -7.66
N GLU G 184 50.95 12.81 -8.53
CA GLU G 184 50.49 12.37 -9.85
C GLU G 184 50.36 10.84 -9.87
N ILE G 185 49.37 10.34 -10.63
CA ILE G 185 48.98 8.91 -10.60
C ILE G 185 49.71 8.20 -11.74
N LEU G 186 50.47 7.17 -11.41
CA LEU G 186 51.13 6.42 -12.42
C LEU G 186 50.25 5.27 -12.90
N SER G 187 49.42 4.75 -12.00
CA SER G 187 48.45 3.73 -12.38
CA SER G 187 48.53 3.62 -12.32
C SER G 187 47.42 3.51 -11.25
N ALA G 188 46.22 3.07 -11.63
CA ALA G 188 45.12 2.89 -10.67
C ALA G 188 44.23 1.87 -11.27
N THR G 189 44.22 0.68 -10.63
CA THR G 189 43.41 -0.44 -11.18
C THR G 189 42.45 -0.92 -10.11
N GLN G 190 41.42 -1.64 -10.50
CA GLN G 190 40.44 -2.17 -9.55
C GLN G 190 40.21 -3.64 -9.95
N THR G 191 40.49 -4.63 -9.09
CA THR G 191 40.57 -6.02 -9.56
C THR G 191 39.73 -6.82 -8.63
N ARG G 192 38.70 -7.46 -9.14
CA ARG G 192 37.86 -8.36 -8.38
C ARG G 192 38.65 -9.60 -8.02
N GLN G 193 38.57 -10.02 -6.75
CA GLN G 193 39.24 -11.21 -6.32
C GLN G 193 38.25 -12.09 -5.51
N VAL G 194 38.38 -13.43 -5.63
CA VAL G 194 37.51 -14.40 -4.86
C VAL G 194 38.51 -15.25 -4.16
N GLN G 195 38.31 -15.44 -2.86
CA GLN G 195 39.21 -16.22 -1.99
C GLN G 195 38.45 -17.23 -1.12
N HIS G 196 39.06 -18.41 -0.89
CA HIS G 196 38.54 -19.31 0.10
C HIS G 196 39.54 -19.64 1.16
N TYR G 197 39.01 -20.09 2.30
CA TYR G 197 39.79 -20.31 3.54
C TYR G 197 39.40 -21.67 4.08
N SER G 198 40.36 -22.45 4.62
CA SER G 198 40.05 -23.81 5.14
C SER G 198 38.89 -23.82 6.14
N CYS G 199 38.88 -22.82 7.03
CA CYS G 199 37.90 -22.73 8.14
C CYS G 199 36.45 -22.69 7.71
N CYS G 200 36.23 -22.02 6.59
CA CYS G 200 34.92 -21.47 6.28
C CYS G 200 34.50 -22.04 4.91
N PRO G 201 33.22 -22.43 4.74
CA PRO G 201 32.82 -22.90 3.40
C PRO G 201 32.49 -21.79 2.35
N GLU G 202 32.30 -20.54 2.76
CA GLU G 202 31.77 -19.55 1.80
C GLU G 202 32.92 -18.90 1.01
N PRO G 203 32.68 -18.54 -0.27
CA PRO G 203 33.64 -17.73 -1.02
C PRO G 203 33.71 -16.30 -0.40
N TYR G 204 34.89 -15.67 -0.36
CA TYR G 204 35.08 -14.21 -0.03
C TYR G 204 35.46 -13.35 -1.21
N ILE G 205 34.68 -12.30 -1.42
CA ILE G 205 34.79 -11.49 -2.63
C ILE G 205 35.19 -10.06 -2.27
N ASP G 206 36.13 -9.48 -3.03
CA ASP G 206 36.46 -8.04 -2.81
C ASP G 206 36.93 -7.51 -4.11
N VAL G 207 37.16 -6.21 -4.12
CA VAL G 207 37.81 -5.53 -5.24
C VAL G 207 39.01 -4.83 -4.70
N ASN G 208 40.20 -5.14 -5.27
CA ASN G 208 41.46 -4.66 -4.81
C ASN G 208 41.82 -3.41 -5.63
N LEU G 209 41.90 -2.28 -4.90
CA LEU G 209 42.20 -1.00 -5.46
C LEU G 209 43.69 -0.68 -5.24
N VAL G 210 44.45 -0.68 -6.35
CA VAL G 210 45.88 -0.52 -6.24
C VAL G 210 46.24 0.78 -6.98
N VAL G 211 47.00 1.68 -6.33
CA VAL G 211 47.34 2.99 -6.90
C VAL G 211 48.82 3.21 -6.73
N LYS G 212 49.48 3.57 -7.83
CA LYS G 212 50.92 3.84 -7.83
C LYS G 212 50.95 5.30 -8.14
N PHE G 213 51.72 6.02 -7.35
CA PHE G 213 51.65 7.47 -7.41
C PHE G 213 53.00 8.05 -6.99
N ARG G 214 53.22 9.32 -7.30
CA ARG G 214 54.43 9.99 -6.82
C ARG G 214 54.22 11.49 -6.76
N GLU G 215 55.13 12.13 -6.04
CA GLU G 215 55.16 13.61 -5.91
C GLU G 215 55.18 14.27 -7.32
N ARG G 216 54.28 15.23 -7.55
CA ARG G 216 54.13 15.86 -8.88
CA ARG G 216 54.13 15.89 -8.86
C ARG G 216 55.46 16.53 -9.31
N ARG G 217 55.70 16.52 -10.63
CA ARG G 217 56.99 16.86 -11.30
C ARG G 217 57.12 18.26 -11.91
N ASP H 5 11.31 -16.67 -10.19
CA ASP H 5 11.02 -15.35 -9.56
C ASP H 5 10.14 -15.45 -8.29
N ASP H 6 9.34 -16.52 -8.21
CA ASP H 6 8.40 -16.67 -7.08
C ASP H 6 9.00 -17.43 -5.91
N ASP H 7 9.98 -18.27 -6.23
CA ASP H 7 10.80 -18.91 -5.21
C ASP H 7 11.55 -17.85 -4.39
N LYS H 8 12.09 -16.84 -5.09
CA LYS H 8 12.78 -15.69 -4.49
C LYS H 8 11.86 -14.77 -3.66
N LEU H 9 10.69 -14.41 -4.22
CA LEU H 9 9.66 -13.63 -3.52
C LEU H 9 9.19 -14.35 -2.22
N HIS H 10 9.03 -15.67 -2.32
CA HIS H 10 8.72 -16.57 -1.21
C HIS H 10 9.85 -16.59 -0.15
N SER H 11 11.10 -16.68 -0.60
CA SER H 11 12.26 -16.67 0.33
C SER H 11 12.32 -15.32 1.08
N GLN H 12 12.07 -14.21 0.38
CA GLN H 12 12.05 -12.88 0.99
C GLN H 12 10.95 -12.81 2.03
N ALA H 13 9.81 -13.46 1.75
CA ALA H 13 8.64 -13.32 2.65
C ALA H 13 8.91 -14.13 3.89
N ASN H 14 9.58 -15.27 3.73
CA ASN H 14 10.07 -16.02 4.87
C ASN H 14 11.03 -15.24 5.82
N LEU H 15 12.01 -14.54 5.25
CA LEU H 15 12.94 -13.73 6.04
C LEU H 15 12.25 -12.55 6.78
N MET H 16 11.44 -11.75 6.08
CA MET H 16 10.69 -10.72 6.77
C MET H 16 9.80 -11.28 7.85
N ARG H 17 9.18 -12.47 7.65
CA ARG H 17 8.32 -13.06 8.70
C ARG H 17 9.15 -13.57 9.88
N LEU H 18 10.28 -14.18 9.61
CA LEU H 18 11.16 -14.64 10.70
C LEU H 18 11.53 -13.49 11.62
N LYS H 19 11.94 -12.38 11.00
CA LYS H 19 12.37 -11.18 11.68
C LYS H 19 11.22 -10.52 12.48
N SER H 20 10.01 -10.50 11.90
CA SER H 20 8.82 -10.00 12.63
C SER H 20 8.52 -10.94 13.79
N ASP H 21 8.57 -12.26 13.54
CA ASP H 21 8.48 -13.21 14.68
C ASP H 21 9.52 -13.02 15.82
N LEU H 22 10.79 -12.87 15.49
CA LEU H 22 11.80 -12.73 16.55
C LEU H 22 11.72 -11.37 17.21
N PHE H 23 11.46 -10.31 16.45
CA PHE H 23 11.67 -8.96 16.92
C PHE H 23 10.42 -8.22 17.41
N ASN H 24 9.26 -8.66 16.93
CA ASN H 24 7.97 -7.98 17.21
C ASN H 24 7.01 -8.69 18.19
N ARG H 25 7.22 -9.98 18.44
CA ARG H 25 6.75 -10.60 19.70
C ARG H 25 7.91 -10.73 20.72
N SER H 26 7.60 -10.68 22.02
CA SER H 26 8.56 -10.67 23.19
C SER H 26 9.16 -9.28 23.50
N TYR H 29 14.88 -8.42 24.58
CA TYR H 29 15.83 -9.01 25.50
C TYR H 29 16.40 -7.90 26.34
N PRO H 30 16.12 -8.00 27.65
CA PRO H 30 16.49 -6.94 28.54
C PRO H 30 17.97 -6.99 28.95
N GLY H 31 18.79 -7.85 28.35
CA GLY H 31 20.15 -8.11 28.86
C GLY H 31 20.25 -9.25 29.88
N PRO H 32 21.50 -9.65 30.24
CA PRO H 32 21.71 -10.74 31.17
C PRO H 32 21.39 -10.33 32.61
N THR H 33 21.06 -11.31 33.43
CA THR H 33 20.86 -11.11 34.85
C THR H 33 21.65 -12.16 35.59
N LYS H 34 21.76 -12.05 36.91
CA LYS H 34 22.51 -13.03 37.68
C LYS H 34 21.96 -14.47 37.57
N ASP H 35 20.67 -14.62 37.27
CA ASP H 35 20.03 -15.93 37.16
C ASP H 35 20.20 -16.48 35.77
N ASP H 36 20.36 -15.55 34.82
CA ASP H 36 20.48 -15.86 33.38
C ASP H 36 21.76 -15.17 32.81
N PRO H 37 22.98 -15.57 33.28
CA PRO H 37 24.21 -14.84 32.92
C PRO H 37 24.58 -15.17 31.50
N LEU H 38 25.37 -14.32 30.87
CA LEU H 38 25.74 -14.55 29.52
C LEU H 38 27.26 -14.57 29.37
N THR H 39 27.74 -15.51 28.59
CA THR H 39 29.15 -15.55 28.23
C THR H 39 29.41 -15.02 26.83
N VAL H 40 30.33 -14.07 26.72
CA VAL H 40 30.61 -13.48 25.41
C VAL H 40 32.00 -13.92 25.02
N THR H 41 32.14 -14.54 23.85
CA THR H 41 33.45 -14.92 23.40
C THR H 41 34.05 -13.77 22.58
N LEU H 42 35.26 -13.35 22.91
CA LEU H 42 35.87 -12.20 22.27
C LEU H 42 37.14 -12.72 21.57
N GLY H 43 37.40 -12.19 20.38
CA GLY H 43 38.67 -12.42 19.65
C GLY H 43 39.13 -11.09 19.04
N PHE H 44 40.43 -10.78 19.10
CA PHE H 44 40.94 -9.55 18.42
C PHE H 44 41.80 -9.92 17.25
N THR H 45 41.65 -9.17 16.16
CA THR H 45 42.50 -9.31 14.99
C THR H 45 43.24 -7.97 14.89
N LEU H 46 44.54 -7.93 15.11
CA LEU H 46 45.17 -6.63 15.14
C LEU H 46 45.64 -6.32 13.74
N GLN H 47 45.13 -5.24 13.19
CA GLN H 47 45.49 -4.85 11.83
C GLN H 47 46.65 -3.86 11.81
N ASP H 48 46.72 -2.92 12.75
CA ASP H 48 47.80 -1.87 12.63
C ASP H 48 47.97 -1.17 13.95
N ILE H 49 49.24 -0.87 14.26
CA ILE H 49 49.50 0.09 15.27
C ILE H 49 49.78 1.33 14.54
N VAL H 50 48.80 2.28 14.57
CA VAL H 50 48.89 3.41 13.69
C VAL H 50 49.79 4.53 14.17
N LYS H 51 49.82 4.83 15.46
CA LYS H 51 50.57 5.97 15.95
C LYS H 51 50.97 5.65 17.37
N ALA H 52 52.16 6.03 17.78
CA ALA H 52 52.56 5.91 19.15
C ALA H 52 53.12 7.27 19.56
N ASP H 53 52.41 7.97 20.45
CA ASP H 53 52.69 9.38 20.71
C ASP H 53 53.35 9.49 22.08
N SER H 54 54.66 9.72 22.07
CA SER H 54 55.40 9.77 23.32
C SER H 54 55.26 11.11 24.00
N SER H 55 54.55 12.04 23.37
CA SER H 55 54.31 13.29 24.03
C SER H 55 53.10 13.19 24.98
N THR H 56 52.12 12.28 24.73
CA THR H 56 50.92 12.14 25.58
C THR H 56 50.79 10.74 26.19
N ASN H 57 51.66 9.83 25.77
CA ASN H 57 51.59 8.45 26.14
C ASN H 57 50.24 7.88 25.70
N GLU H 58 49.97 8.02 24.39
CA GLU H 58 48.80 7.36 23.80
C GLU H 58 49.30 6.54 22.62
N VAL H 59 48.72 5.37 22.40
CA VAL H 59 48.97 4.61 21.21
C VAL H 59 47.61 4.35 20.54
N ASP H 60 47.60 4.41 19.22
CA ASP H 60 46.38 4.21 18.46
C ASP H 60 46.44 2.84 17.75
N LEU H 61 45.45 1.99 17.96
CA LEU H 61 45.44 0.69 17.33
C LEU H 61 44.27 0.65 16.37
N VAL H 62 44.38 -0.16 15.33
CA VAL H 62 43.23 -0.47 14.48
C VAL H 62 43.07 -2.01 14.54
N TYR H 63 41.87 -2.50 14.86
CA TYR H 63 41.68 -3.96 15.03
C TYR H 63 40.23 -4.28 14.73
N TYR H 64 39.89 -5.58 14.61
CA TYR H 64 38.52 -6.09 14.53
C TYR H 64 38.34 -6.83 15.83
N GLU H 65 37.18 -6.58 16.42
CA GLU H 65 36.84 -7.20 17.63
C GLU H 65 35.68 -8.16 17.35
N GLN H 66 35.97 -9.45 17.34
CA GLN H 66 34.92 -10.41 17.07
C GLN H 66 34.20 -10.72 18.36
N GLN H 67 32.89 -10.59 18.40
CA GLN H 67 32.07 -10.82 19.58
C GLN H 67 31.09 -11.85 19.27
N ARG H 68 30.91 -12.80 20.18
CA ARG H 68 29.96 -13.86 19.91
C ARG H 68 29.20 -14.21 21.22
N TRP H 69 27.90 -14.45 21.15
CA TRP H 69 27.07 -14.88 22.28
C TRP H 69 25.86 -15.66 21.73
N LYS H 70 24.99 -16.13 22.60
CA LYS H 70 23.88 -16.95 22.17
C LYS H 70 22.68 -16.69 23.10
N LEU H 71 21.51 -16.44 22.51
CA LEU H 71 20.26 -16.21 23.26
C LEU H 71 19.19 -17.26 22.84
N ASN H 72 18.51 -17.84 23.83
CA ASN H 72 17.41 -18.74 23.47
C ASN H 72 16.38 -17.95 22.73
N SER H 73 16.26 -16.67 23.04
CA SER H 73 15.15 -15.98 22.46
C SER H 73 15.43 -15.60 20.98
N LEU H 74 16.60 -15.95 20.45
CA LEU H 74 16.84 -15.75 19.00
C LEU H 74 16.89 -17.07 18.26
N MET H 75 16.47 -18.15 18.92
CA MET H 75 16.50 -19.39 18.14
C MET H 75 15.23 -19.61 17.32
N TRP H 76 15.38 -20.37 16.24
CA TRP H 76 14.22 -20.74 15.41
C TRP H 76 14.49 -22.04 14.74
N ASP H 77 13.45 -22.57 14.10
CA ASP H 77 13.54 -23.79 13.32
C ASP H 77 13.58 -23.47 11.81
N PRO H 78 14.71 -23.72 11.14
CA PRO H 78 14.78 -23.40 9.70
C PRO H 78 13.61 -23.98 8.91
N ASN H 79 13.01 -25.06 9.41
CA ASN H 79 11.94 -25.74 8.66
C ASN H 79 10.65 -24.99 8.62
N GLU H 80 10.42 -24.14 9.60
CA GLU H 80 9.24 -23.27 9.61
C GLU H 80 9.45 -21.95 8.86
N TYR H 81 10.62 -21.78 8.24
CA TYR H 81 11.01 -20.49 7.63
C TYR H 81 11.79 -20.65 6.38
N GLY H 82 11.56 -21.77 5.69
CA GLY H 82 12.12 -22.01 4.36
C GLY H 82 13.55 -22.45 4.28
N ASN H 83 14.06 -23.13 5.32
CA ASN H 83 15.50 -23.46 5.43
C ASN H 83 16.42 -22.21 5.55
N ILE H 84 15.85 -21.14 6.11
CA ILE H 84 16.66 -19.99 6.58
C ILE H 84 17.42 -20.48 7.83
N THR H 85 18.74 -20.53 7.70
CA THR H 85 19.62 -20.89 8.80
C THR H 85 20.39 -19.72 9.44
N ASP H 86 20.44 -18.55 8.78
CA ASP H 86 20.93 -17.33 9.43
C ASP H 86 20.45 -16.06 8.72
N PHE H 87 20.73 -14.88 9.27
CA PHE H 87 20.33 -13.65 8.59
C PHE H 87 21.22 -12.52 9.13
N ARG H 88 21.36 -11.49 8.33
CA ARG H 88 22.09 -10.28 8.73
C ARG H 88 21.06 -9.28 9.22
N THR H 89 21.40 -8.48 10.23
CA THR H 89 20.48 -7.48 10.69
C THR H 89 21.28 -6.36 11.34
N SER H 90 20.76 -5.15 11.25
CA SER H 90 21.37 -3.98 11.92
C SER H 90 21.60 -4.34 13.39
N ALA H 91 22.78 -4.04 13.91
CA ALA H 91 23.01 -4.07 15.37
C ALA H 91 21.91 -3.41 16.26
N ALA H 92 21.29 -2.29 15.81
CA ALA H 92 20.19 -1.63 16.54
C ALA H 92 18.97 -2.52 16.73
N ASP H 93 18.81 -3.57 15.93
CA ASP H 93 17.69 -4.51 16.05
C ASP H 93 17.83 -5.43 17.25
N ILE H 94 19.05 -5.58 17.77
CA ILE H 94 19.31 -6.63 18.73
C ILE H 94 20.00 -6.04 19.97
N TRP H 95 19.95 -6.77 21.06
CA TRP H 95 20.75 -6.42 22.21
C TRP H 95 22.22 -6.76 21.83
N THR H 96 23.16 -5.92 22.22
CA THR H 96 24.60 -6.21 21.97
C THR H 96 25.35 -5.88 23.29
N PRO H 97 26.48 -6.56 23.56
CA PRO H 97 27.10 -6.35 24.87
C PRO H 97 27.90 -5.04 24.88
N ASP H 98 27.89 -4.33 26.02
CA ASP H 98 28.58 -3.03 26.11
C ASP H 98 30.10 -3.23 26.33
N ILE H 99 30.77 -4.01 25.46
CA ILE H 99 32.17 -4.34 25.70
C ILE H 99 32.93 -3.04 25.48
N THR H 100 33.80 -2.70 26.40
CA THR H 100 34.46 -1.36 26.37
C THR H 100 35.95 -1.50 26.76
N ALA H 101 36.83 -0.71 26.16
CA ALA H 101 38.21 -0.64 26.61
C ALA H 101 38.24 0.18 27.93
N TYR H 102 39.00 -0.26 28.94
CA TYR H 102 38.94 0.43 30.22
C TYR H 102 39.99 1.55 30.36
N SER H 103 40.85 1.76 29.36
CA SER H 103 41.84 2.85 29.44
C SER H 103 41.89 3.58 28.12
N SER H 104 40.77 3.68 27.40
CA SER H 104 40.82 4.48 26.18
C SER H 104 40.98 5.97 26.55
N THR H 105 41.48 6.78 25.63
CA THR H 105 41.59 8.20 25.92
C THR H 105 40.77 9.09 24.98
N ARG H 106 40.13 8.48 24.01
CA ARG H 106 39.23 9.13 23.03
C ARG H 106 38.11 8.14 22.77
N PRO H 107 36.93 8.63 22.40
CA PRO H 107 35.85 7.76 21.97
C PRO H 107 36.37 6.82 20.86
N VAL H 108 36.11 5.54 21.00
CA VAL H 108 36.50 4.57 19.99
CA VAL H 108 36.51 4.59 19.95
C VAL H 108 35.84 5.03 18.66
N GLN H 109 36.59 4.97 17.54
CA GLN H 109 35.98 5.20 16.23
C GLN H 109 35.67 3.88 15.50
N VAL H 110 34.41 3.67 15.19
CA VAL H 110 33.92 2.50 14.47
C VAL H 110 34.24 2.65 12.99
N LEU H 111 34.85 1.64 12.40
CA LEU H 111 35.26 1.75 11.00
C LEU H 111 34.45 0.85 10.11
N SER H 112 33.58 0.00 10.63
CA SER H 112 32.78 -0.94 9.77
C SER H 112 31.29 -0.84 10.09
N PRO H 113 30.46 -1.35 9.15
CA PRO H 113 29.02 -1.20 9.29
C PRO H 113 28.47 -1.88 10.56
N GLN H 114 27.48 -1.31 11.19
CA GLN H 114 27.05 -1.88 12.45
C GLN H 114 25.97 -2.93 12.17
N ILE H 115 26.43 -4.11 11.73
CA ILE H 115 25.55 -5.20 11.29
C ILE H 115 26.06 -6.53 11.82
N ALA H 116 25.12 -7.36 12.32
CA ALA H 116 25.38 -8.58 13.04
C ALA H 116 24.74 -9.74 12.26
N VAL H 117 25.25 -10.96 12.52
CA VAL H 117 24.72 -12.19 11.86
C VAL H 117 24.09 -13.05 12.93
N VAL H 118 22.81 -13.35 12.78
CA VAL H 118 22.10 -14.15 13.78
C VAL H 118 21.87 -15.51 13.12
N THR H 119 22.09 -16.58 13.89
CA THR H 119 22.02 -17.95 13.39
C THR H 119 20.92 -18.70 14.08
N HIS H 120 20.42 -19.74 13.43
CA HIS H 120 19.20 -20.37 13.91
C HIS H 120 19.32 -21.00 15.33
N ASP H 121 20.51 -21.32 15.79
CA ASP H 121 20.62 -21.86 17.14
C ASP H 121 20.68 -20.70 18.14
N GLY H 122 20.40 -19.50 17.66
CA GLY H 122 20.41 -18.37 18.55
C GLY H 122 21.78 -17.70 18.71
N SER H 123 22.81 -18.16 18.04
CA SER H 123 24.08 -17.48 18.20
C SER H 123 24.13 -16.19 17.40
N VAL H 124 24.89 -15.22 17.90
CA VAL H 124 25.03 -13.94 17.24
C VAL H 124 26.51 -13.72 17.14
N MET H 125 26.92 -13.24 15.98
CA MET H 125 28.28 -12.83 15.79
C MET H 125 28.31 -11.38 15.26
N PHE H 126 29.11 -10.55 15.89
CA PHE H 126 29.14 -9.13 15.51
C PHE H 126 30.61 -8.79 15.55
N ILE H 127 31.10 -8.15 14.47
CA ILE H 127 32.52 -7.93 14.34
C ILE H 127 32.83 -6.45 14.01
N PRO H 128 32.75 -5.58 15.02
CA PRO H 128 33.14 -4.18 14.76
C PRO H 128 34.65 -3.90 14.53
N ALA H 129 34.99 -3.32 13.40
CA ALA H 129 36.35 -2.82 13.20
C ALA H 129 36.41 -1.46 13.88
N GLN H 130 37.54 -1.16 14.55
CA GLN H 130 37.68 0.06 15.41
C GLN H 130 39.10 0.64 15.35
N ARG H 131 39.20 1.97 15.52
CA ARG H 131 40.43 2.64 15.80
C ARG H 131 40.31 3.12 17.27
N LEU H 132 41.31 2.84 18.07
CA LEU H 132 41.26 3.08 19.50
C LEU H 132 42.50 3.81 19.92
N SER H 133 42.39 4.93 20.64
CA SER H 133 43.54 5.56 21.33
C SER H 133 43.47 5.10 22.78
N PHE H 134 44.56 4.56 23.32
CA PHE H 134 44.51 4.11 24.68
C PHE H 134 45.80 4.45 25.42
N MET H 135 45.78 4.29 26.74
CA MET H 135 46.93 4.73 27.53
C MET H 135 48.10 3.76 27.39
N CYS H 136 49.25 4.30 27.02
CA CYS H 136 50.38 3.50 26.68
C CYS H 136 51.63 4.38 26.57
N ASP H 137 52.62 4.00 27.36
CA ASP H 137 53.93 4.66 27.31
C ASP H 137 54.78 3.92 26.25
N PRO H 138 55.07 4.56 25.12
CA PRO H 138 55.78 3.81 24.09
C PRO H 138 57.31 3.79 24.32
N THR H 139 57.78 4.22 25.49
CA THR H 139 59.22 4.22 25.76
C THR H 139 59.90 2.92 25.41
N GLY H 140 60.99 2.98 24.67
CA GLY H 140 61.66 1.79 24.18
C GLY H 140 61.13 1.21 22.85
N VAL H 141 60.16 1.87 22.24
CA VAL H 141 59.69 1.37 20.95
C VAL H 141 60.86 1.38 19.96
N ASP H 142 61.80 2.34 20.15
CA ASP H 142 62.94 2.43 19.25
C ASP H 142 64.09 1.47 19.58
N SER H 143 63.83 0.41 20.34
CA SER H 143 64.92 -0.46 20.76
C SER H 143 64.56 -1.88 20.36
N GLU H 144 65.52 -2.80 20.54
CA GLU H 144 65.37 -4.18 20.11
C GLU H 144 64.33 -4.94 20.96
N GLU H 145 64.28 -4.61 22.24
CA GLU H 145 63.34 -5.25 23.13
C GLU H 145 61.94 -4.62 23.03
N GLY H 146 61.84 -3.40 22.51
CA GLY H 146 60.53 -2.80 22.14
C GLY H 146 59.85 -2.24 23.33
N ALA H 147 58.65 -1.73 23.10
CA ALA H 147 57.76 -1.28 24.17
C ALA H 147 56.68 -2.30 24.43
N THR H 148 56.07 -2.28 25.61
CA THR H 148 54.90 -3.15 25.84
C THR H 148 53.77 -2.27 26.30
N CYS H 149 52.57 -2.54 25.77
CA CYS H 149 51.38 -1.94 26.37
C CYS H 149 50.25 -2.93 26.62
N ALA H 150 49.28 -2.56 27.47
CA ALA H 150 48.14 -3.40 27.71
C ALA H 150 46.92 -2.57 27.81
N VAL H 151 45.79 -3.19 27.45
CA VAL H 151 44.47 -2.59 27.58
C VAL H 151 43.46 -3.71 27.85
N LYS H 152 42.60 -3.50 28.83
CA LYS H 152 41.61 -4.48 29.17
C LYS H 152 40.26 -4.06 28.55
N PHE H 153 39.44 -5.08 28.20
CA PHE H 153 38.17 -4.91 27.56
C PHE H 153 37.18 -5.71 28.40
N GLY H 154 36.01 -5.10 28.67
CA GLY H 154 34.95 -5.85 29.33
C GLY H 154 33.66 -5.01 29.46
N SER H 155 32.65 -5.55 30.11
CA SER H 155 31.38 -4.84 30.24
C SER H 155 31.66 -3.59 31.08
N TRP H 156 31.00 -2.50 30.75
CA TRP H 156 31.08 -1.31 31.60
C TRP H 156 30.12 -1.44 32.79
N VAL H 157 28.94 -1.99 32.57
CA VAL H 157 27.88 -1.93 33.61
C VAL H 157 27.44 -3.30 34.12
N TYR H 158 27.83 -4.40 33.46
CA TYR H 158 27.44 -5.71 34.06
C TYR H 158 28.55 -6.36 34.84
N SER H 159 28.25 -6.88 36.04
CA SER H 159 29.27 -7.55 36.85
C SER H 159 29.60 -8.89 36.25
N GLY H 160 30.61 -9.52 36.81
CA GLY H 160 30.95 -10.87 36.40
C GLY H 160 29.90 -11.90 36.76
N PHE H 161 28.83 -11.48 37.43
CA PHE H 161 27.75 -12.39 37.70
C PHE H 161 26.76 -12.38 36.58
N GLU H 162 26.83 -11.37 35.70
CA GLU H 162 25.87 -11.21 34.59
C GLU H 162 26.52 -11.39 33.21
N ILE H 163 27.76 -10.90 33.07
CA ILE H 163 28.48 -11.09 31.86
C ILE H 163 29.80 -11.70 32.15
N ASP H 164 30.03 -12.83 31.49
CA ASP H 164 31.30 -13.53 31.54
C ASP H 164 31.92 -13.41 30.12
N LEU H 165 33.23 -13.68 29.98
CA LEU H 165 33.98 -13.52 28.74
C LEU H 165 34.95 -14.69 28.63
N LYS H 166 35.36 -15.02 27.43
CA LYS H 166 36.35 -16.02 27.21
C LYS H 166 36.89 -15.76 25.76
N THR H 167 38.12 -16.25 25.51
CA THR H 167 38.80 -16.18 24.23
C THR H 167 39.09 -17.62 23.79
N ASP H 168 39.08 -17.87 22.49
CA ASP H 168 39.37 -19.23 22.01
C ASP H 168 40.85 -19.57 21.94
N THR H 169 41.74 -18.55 21.95
CA THR H 169 43.16 -18.70 22.04
C THR H 169 43.73 -17.46 22.74
N ASP H 170 44.94 -17.56 23.28
CA ASP H 170 45.66 -16.51 23.88
C ASP H 170 46.28 -15.63 22.80
N GLN H 171 46.49 -16.19 21.61
CA GLN H 171 47.11 -15.47 20.50
C GLN H 171 46.19 -14.51 19.78
N VAL H 172 46.56 -13.24 19.81
CA VAL H 172 45.80 -12.24 19.07
C VAL H 172 46.04 -12.62 17.58
N ASP H 173 45.01 -12.57 16.76
CA ASP H 173 45.18 -12.95 15.36
C ASP H 173 45.99 -11.86 14.60
N LEU H 174 47.19 -12.23 14.09
CA LEU H 174 48.10 -11.27 13.47
C LEU H 174 48.18 -11.53 11.97
N SER H 175 47.43 -12.50 11.47
CA SER H 175 47.54 -12.87 10.06
C SER H 175 47.09 -11.74 9.09
N SER H 176 46.35 -10.71 9.54
CA SER H 176 46.12 -9.52 8.69
C SER H 176 46.86 -8.26 9.16
N TYR H 177 47.87 -8.41 10.01
CA TYR H 177 48.59 -7.19 10.43
C TYR H 177 49.26 -6.61 9.23
N TYR H 178 49.18 -5.29 9.13
CA TYR H 178 49.56 -4.53 7.93
C TYR H 178 51.07 -4.71 7.70
N ALA H 179 51.53 -5.26 6.57
CA ALA H 179 52.99 -5.62 6.53
C ALA H 179 53.94 -4.43 6.41
N SER H 180 53.44 -3.25 6.01
CA SER H 180 54.33 -2.11 6.01
C SER H 180 54.04 -1.12 7.13
N SER H 181 53.48 -1.61 8.25
CA SER H 181 53.24 -0.72 9.39
C SER H 181 54.55 -0.07 9.83
N LYS H 182 54.46 1.14 10.43
CA LYS H 182 55.61 1.75 11.17
C LYS H 182 56.21 0.88 12.25
N TYR H 183 55.37 -0.01 12.78
CA TYR H 183 55.69 -0.87 13.95
C TYR H 183 55.54 -2.33 13.65
N GLU H 184 56.52 -3.11 14.05
CA GLU H 184 56.39 -4.53 13.97
C GLU H 184 55.92 -5.16 15.31
N ILE H 185 55.13 -6.19 15.25
CA ILE H 185 54.67 -6.83 16.50
C ILE H 185 55.60 -7.93 16.94
N LEU H 186 56.02 -7.91 18.19
CA LEU H 186 56.85 -8.97 18.76
C LEU H 186 55.92 -9.95 19.39
N SER H 187 54.88 -9.47 20.08
CA SER H 187 53.88 -10.43 20.50
C SER H 187 52.55 -9.75 20.82
N ALA H 188 51.51 -10.55 20.84
CA ALA H 188 50.22 -9.95 21.15
C ALA H 188 49.31 -11.02 21.67
N THR H 189 48.88 -10.91 22.93
CA THR H 189 48.05 -11.96 23.50
C THR H 189 46.76 -11.39 23.98
N GLN H 190 45.78 -12.25 24.14
CA GLN H 190 44.45 -11.81 24.70
C GLN H 190 44.09 -12.86 25.74
N THR H 191 43.80 -12.44 26.97
CA THR H 191 43.65 -13.33 28.13
C THR H 191 42.54 -12.88 29.04
N ARG H 192 41.63 -13.82 29.28
CA ARG H 192 40.52 -13.68 30.19
C ARG H 192 41.13 -13.56 31.60
N GLN H 193 40.61 -12.63 32.40
CA GLN H 193 41.13 -12.47 33.72
C GLN H 193 39.95 -12.25 34.62
N VAL H 194 39.90 -12.99 35.70
CA VAL H 194 38.90 -12.84 36.74
C VAL H 194 39.61 -12.36 37.97
N GLN H 195 39.10 -11.26 38.52
CA GLN H 195 39.70 -10.58 39.65
C GLN H 195 38.62 -10.41 40.71
N HIS H 196 39.04 -10.65 41.95
CA HIS H 196 38.18 -10.40 43.11
C HIS H 196 38.72 -9.23 43.94
N TYR H 197 37.87 -8.22 44.13
CA TYR H 197 38.23 -7.07 44.95
C TYR H 197 37.45 -7.21 46.24
N SER H 198 38.02 -6.83 47.37
CA SER H 198 37.23 -6.87 48.64
C SER H 198 36.09 -5.82 48.66
N CYS H 199 36.31 -4.64 48.10
CA CYS H 199 35.20 -3.69 47.97
C CYS H 199 33.90 -4.40 47.61
N CYS H 200 34.01 -5.49 46.84
CA CYS H 200 32.91 -5.95 46.02
C CYS H 200 32.77 -7.50 45.99
N PRO H 201 31.56 -8.06 46.21
CA PRO H 201 31.44 -9.53 46.21
C PRO H 201 31.32 -10.20 44.80
N GLU H 202 31.07 -9.40 43.78
CA GLU H 202 31.01 -9.88 42.40
C GLU H 202 32.38 -9.91 41.73
N PRO H 203 32.64 -10.98 40.94
CA PRO H 203 33.86 -11.08 40.18
C PRO H 203 34.00 -9.96 39.17
N TYR H 204 35.23 -9.53 38.94
CA TYR H 204 35.47 -8.56 37.88
C TYR H 204 36.17 -9.30 36.72
N ILE H 205 35.56 -9.33 35.55
CA ILE H 205 36.06 -10.14 34.41
C ILE H 205 36.44 -9.19 33.28
N ASP H 206 37.66 -9.36 32.72
CA ASP H 206 37.97 -8.68 31.49
C ASP H 206 38.80 -9.60 30.62
N VAL H 207 39.02 -9.15 29.38
CA VAL H 207 40.05 -9.76 28.54
C VAL H 207 41.17 -8.71 28.41
N ASN H 208 42.39 -9.16 28.65
CA ASN H 208 43.50 -8.22 28.71
C ASN H 208 44.27 -8.38 27.38
N LEU H 209 44.37 -7.33 26.60
CA LEU H 209 45.15 -7.40 25.40
C LEU H 209 46.57 -6.87 25.67
N VAL H 210 47.64 -7.67 25.50
CA VAL H 210 49.01 -7.18 25.85
C VAL H 210 49.75 -7.21 24.55
N VAL H 211 50.33 -6.11 24.14
CA VAL H 211 50.93 -6.03 22.84
C VAL H 211 52.35 -5.50 23.05
N LYS H 212 53.31 -6.21 22.48
CA LYS H 212 54.73 -5.88 22.50
C LYS H 212 55.12 -5.60 21.11
N PHE H 213 55.81 -4.49 20.95
CA PHE H 213 56.09 -4.02 19.59
C PHE H 213 57.28 -3.07 19.55
N ARG H 214 57.77 -2.81 18.34
CA ARG H 214 58.91 -1.95 18.17
C ARG H 214 58.94 -1.35 16.75
N GLU H 215 59.65 -0.24 16.59
CA GLU H 215 59.75 0.39 15.28
C GLU H 215 60.32 -0.60 14.28
N ARG H 216 59.68 -0.70 13.12
CA ARG H 216 60.12 -1.65 12.10
C ARG H 216 61.47 -1.19 11.61
N ARG H 217 62.49 -2.03 11.76
CA ARG H 217 63.77 -1.81 11.08
C ARG H 217 64.13 -3.07 10.27
N SER I 11 10.88 -14.80 34.46
CA SER I 11 12.11 -14.29 35.14
C SER I 11 12.81 -13.23 34.30
N GLN I 12 13.11 -13.58 33.06
CA GLN I 12 13.29 -12.58 32.05
C GLN I 12 11.96 -11.84 31.90
N ALA I 13 10.85 -12.55 32.12
CA ALA I 13 9.50 -11.97 32.07
C ALA I 13 9.28 -10.95 33.19
N ASN I 14 9.84 -11.25 34.37
CA ASN I 14 9.77 -10.36 35.56
C ASN I 14 10.37 -8.97 35.32
N LEU I 15 11.58 -8.99 34.74
CA LEU I 15 12.36 -7.80 34.37
C LEU I 15 11.63 -6.98 33.33
N MET I 16 11.19 -7.65 32.25
CA MET I 16 10.39 -7.02 31.20
C MET I 16 9.08 -6.37 31.75
N ARG I 17 8.49 -6.96 32.79
CA ARG I 17 7.27 -6.39 33.42
C ARG I 17 7.57 -5.25 34.43
N LEU I 18 8.62 -5.39 35.22
CA LEU I 18 9.11 -4.29 36.07
C LEU I 18 9.36 -2.98 35.26
N LYS I 19 10.07 -3.08 34.14
CA LYS I 19 10.43 -1.92 33.28
C LYS I 19 9.19 -1.26 32.69
N SER I 20 8.23 -2.08 32.28
CA SER I 20 6.89 -1.61 31.86
C SER I 20 6.22 -0.74 32.92
N ASP I 21 6.17 -1.23 34.17
CA ASP I 21 5.44 -0.55 35.25
C ASP I 21 6.06 0.84 35.62
N LEU I 22 7.39 0.87 35.73
CA LEU I 22 8.04 2.08 36.19
C LEU I 22 8.10 3.11 35.09
N PHE I 23 8.38 2.68 33.87
CA PHE I 23 8.56 3.63 32.77
C PHE I 23 7.24 3.99 32.07
N ASN I 24 6.91 3.27 31.00
CA ASN I 24 5.71 3.56 30.17
C ASN I 24 4.35 3.22 30.83
N ARG I 25 4.29 3.42 32.15
CA ARG I 25 3.05 3.28 32.92
C ARG I 25 3.02 4.30 34.09
N SER I 26 3.96 5.25 34.06
CA SER I 26 3.95 6.43 34.94
C SER I 26 4.99 7.46 34.52
N TYR I 29 8.60 11.49 35.64
CA TYR I 29 9.50 12.33 36.42
C TYR I 29 9.96 13.59 35.63
N PRO I 30 9.41 14.76 36.02
CA PRO I 30 9.73 16.05 35.45
C PRO I 30 11.04 16.66 36.02
N GLY I 31 11.83 15.88 36.77
CA GLY I 31 13.04 16.38 37.44
C GLY I 31 12.69 16.99 38.79
N PRO I 32 13.70 17.42 39.54
CA PRO I 32 13.49 18.02 40.83
C PRO I 32 12.92 19.45 40.76
N THR I 33 12.29 19.85 41.87
CA THR I 33 11.68 21.16 42.05
C THR I 33 11.90 21.59 43.48
N LYS I 34 11.48 22.82 43.79
CA LYS I 34 11.67 23.39 45.11
C LYS I 34 10.90 22.64 46.21
N ASP I 35 9.77 22.06 45.87
CA ASP I 35 8.99 21.33 46.88
C ASP I 35 9.48 19.90 47.02
N ASP I 36 10.31 19.47 46.06
CA ASP I 36 10.71 18.08 45.93
C ASP I 36 12.19 18.09 45.51
N PRO I 37 13.10 18.55 46.38
CA PRO I 37 14.52 18.63 45.98
C PRO I 37 15.21 17.24 45.98
N LEU I 38 16.35 17.13 45.29
CA LEU I 38 17.00 15.86 45.05
C LEU I 38 18.41 16.02 45.53
N THR I 39 18.88 15.07 46.33
CA THR I 39 20.29 15.06 46.69
C THR I 39 21.06 14.25 45.62
N VAL I 40 22.09 14.82 45.06
CA VAL I 40 22.86 14.09 44.08
C VAL I 40 24.24 14.00 44.64
N THR I 41 24.77 12.80 44.70
CA THR I 41 26.15 12.56 45.16
C THR I 41 27.05 12.39 43.92
N LEU I 42 28.19 13.06 43.96
CA LEU I 42 29.20 13.08 42.92
C LEU I 42 30.56 12.76 43.51
N GLY I 43 31.32 11.89 42.84
CA GLY I 43 32.71 11.62 43.28
C GLY I 43 33.58 11.32 42.08
N PHE I 44 34.87 11.65 42.15
CA PHE I 44 35.70 11.52 40.95
C PHE I 44 36.78 10.46 41.10
N THR I 45 37.05 9.78 39.97
CA THR I 45 38.15 8.85 39.86
C THR I 45 38.97 9.33 38.68
N LEU I 46 40.21 9.73 38.93
CA LEU I 46 41.00 10.27 37.86
C LEU I 46 41.82 9.18 37.21
N GLN I 47 41.91 9.15 35.87
CA GLN I 47 42.61 7.99 35.25
C GLN I 47 43.84 8.45 34.54
N ASP I 48 43.80 9.66 33.92
CA ASP I 48 45.00 10.07 33.21
C ASP I 48 44.87 11.54 32.87
N ILE I 49 45.93 12.29 33.19
CA ILE I 49 46.18 13.56 32.54
C ILE I 49 46.90 13.27 31.20
N VAL I 50 46.19 13.42 30.07
CA VAL I 50 46.77 13.05 28.80
C VAL I 50 47.74 14.11 28.28
N LYS I 51 47.38 15.41 28.40
CA LYS I 51 48.03 16.52 27.68
C LYS I 51 47.83 17.79 28.53
N ALA I 52 48.85 18.63 28.56
CA ALA I 52 48.79 19.94 29.21
C ALA I 52 49.36 20.86 28.19
N ASP I 53 48.54 21.79 27.71
CA ASP I 53 48.97 22.63 26.61
C ASP I 53 49.34 24.00 27.13
N SER I 54 50.63 24.28 27.21
CA SER I 54 50.95 25.60 27.71
C SER I 54 50.82 26.73 26.69
N SER I 55 50.47 26.41 25.43
CA SER I 55 50.24 27.50 24.49
C SER I 55 48.79 28.00 24.62
N THR I 56 47.89 27.17 25.14
CA THR I 56 46.49 27.65 25.23
C THR I 56 46.01 27.59 26.68
N ASN I 57 46.85 27.06 27.56
CA ASN I 57 46.42 26.84 28.98
C ASN I 57 45.16 25.99 29.08
N GLU I 58 45.28 24.79 28.50
CA GLU I 58 44.19 23.80 28.60
C GLU I 58 44.82 22.48 29.01
N VAL I 59 44.10 21.69 29.80
CA VAL I 59 44.58 20.39 30.25
CA VAL I 59 44.59 20.41 30.22
C VAL I 59 43.51 19.42 29.87
N ASP I 60 43.92 18.25 29.38
CA ASP I 60 42.94 17.20 29.01
C ASP I 60 43.04 16.08 30.09
N LEU I 61 41.93 15.78 30.74
CA LEU I 61 41.84 14.79 31.81
C LEU I 61 40.88 13.67 31.44
N VAL I 62 41.31 12.42 31.58
CA VAL I 62 40.41 11.28 31.49
C VAL I 62 39.98 10.85 32.89
N TYR I 63 38.68 10.83 33.17
CA TYR I 63 38.25 10.49 34.53
C TYR I 63 36.82 9.92 34.49
N TYR I 64 36.38 9.33 35.60
CA TYR I 64 34.99 8.85 35.75
C TYR I 64 34.30 9.72 36.77
N GLU I 65 33.01 9.92 36.58
CA GLU I 65 32.24 10.60 37.59
C GLU I 65 31.34 9.56 38.12
N GLN I 66 31.33 9.39 39.42
CA GLN I 66 30.28 8.55 39.94
C GLN I 66 29.09 9.40 40.41
N GLN I 67 27.91 9.24 39.79
CA GLN I 67 26.71 9.98 40.21
C GLN I 67 25.68 9.06 40.82
N ARG I 68 25.04 9.52 41.89
CA ARG I 68 24.08 8.71 42.61
C ARG I 68 22.97 9.62 43.08
N TRP I 69 21.72 9.23 42.79
CA TRP I 69 20.52 9.88 43.31
C TRP I 69 19.49 8.79 43.59
N LYS I 70 18.42 9.14 44.29
CA LYS I 70 17.32 8.17 44.58
C LYS I 70 15.99 8.82 44.31
N LEU I 71 15.14 8.11 43.56
CA LEU I 71 13.77 8.54 43.26
C LEU I 71 12.71 7.59 43.81
N ASN I 72 11.65 8.17 44.38
CA ASN I 72 10.46 7.43 44.84
C ASN I 72 9.79 6.63 43.72
N SER I 73 9.71 7.26 42.55
CA SER I 73 9.07 6.67 41.38
C SER I 73 9.87 5.55 40.70
N LEU I 74 11.07 5.26 41.21
CA LEU I 74 11.90 4.15 40.73
C LEU I 74 11.96 3.01 41.75
N MET I 75 11.22 3.16 42.85
CA MET I 75 11.12 2.12 43.86
C MET I 75 10.15 1.01 43.39
N TRP I 76 10.42 -0.20 43.87
CA TRP I 76 9.53 -1.34 43.72
C TRP I 76 9.88 -2.34 44.81
N ASP I 77 8.91 -3.21 45.10
CA ASP I 77 9.06 -4.32 46.03
C ASP I 77 9.70 -5.52 45.28
N PRO I 78 10.95 -5.89 45.64
CA PRO I 78 11.61 -7.04 44.97
C PRO I 78 10.77 -8.31 44.90
N ASN I 79 10.11 -8.68 46.01
CA ASN I 79 9.30 -9.91 46.00
C ASN I 79 8.08 -9.94 45.06
N GLU I 80 7.54 -8.76 44.72
CA GLU I 80 6.47 -8.68 43.71
C GLU I 80 6.93 -8.76 42.24
N TYR I 81 8.25 -8.88 42.03
CA TYR I 81 8.78 -8.93 40.66
C TYR I 81 9.90 -9.95 40.58
N GLY I 82 9.68 -11.14 41.14
CA GLY I 82 10.62 -12.25 40.97
C GLY I 82 11.91 -12.16 41.78
N ASN I 83 11.88 -11.38 42.86
CA ASN I 83 13.11 -11.09 43.59
C ASN I 83 14.20 -10.34 42.76
N ILE I 84 13.80 -9.66 41.69
CA ILE I 84 14.75 -8.73 41.03
C ILE I 84 15.02 -7.56 41.97
N THR I 85 16.30 -7.39 42.33
CA THR I 85 16.74 -6.25 43.14
C THR I 85 17.34 -5.00 42.39
N ASP I 86 17.84 -5.20 41.18
CA ASP I 86 18.40 -4.10 40.38
C ASP I 86 18.30 -4.42 38.89
N PHE I 87 18.46 -3.41 38.05
CA PHE I 87 18.52 -3.61 36.63
C PHE I 87 19.36 -2.47 35.98
N ARG I 88 19.81 -2.79 34.77
CA ARG I 88 20.54 -1.89 33.89
C ARG I 88 19.59 -1.31 32.87
N THR I 89 19.72 -0.01 32.63
CA THR I 89 18.87 0.75 31.73
C THR I 89 19.70 1.84 31.02
N SER I 90 19.27 2.14 29.80
CA SER I 90 19.91 3.18 29.05
C SER I 90 19.73 4.54 29.78
N ALA I 91 20.79 5.35 29.94
CA ALA I 91 20.66 6.67 30.58
C ALA I 91 19.59 7.59 29.90
N ALA I 92 19.33 7.40 28.61
CA ALA I 92 18.35 8.20 27.88
C ALA I 92 16.92 7.88 28.35
N ASP I 93 16.68 6.67 28.84
CA ASP I 93 15.34 6.25 29.29
C ASP I 93 14.87 6.86 30.65
N ILE I 94 15.78 7.53 31.37
CA ILE I 94 15.53 8.09 32.70
C ILE I 94 16.05 9.52 32.74
N TRP I 95 15.47 10.31 33.64
CA TRP I 95 16.06 11.59 34.02
C TRP I 95 17.46 11.38 34.59
N THR I 96 18.39 12.25 34.23
CA THR I 96 19.76 12.24 34.83
C THR I 96 20.14 13.67 35.15
N PRO I 97 20.94 13.89 36.22
CA PRO I 97 21.33 15.22 36.60
C PRO I 97 22.28 15.85 35.54
N ASP I 98 22.14 17.15 35.38
CA ASP I 98 22.83 17.88 34.30
C ASP I 98 24.15 18.42 34.86
N ILE I 99 24.99 17.51 35.39
CA ILE I 99 26.23 17.87 36.07
C ILE I 99 27.22 18.28 34.96
N THR I 100 27.87 19.42 35.10
CA THR I 100 28.66 20.00 34.00
C THR I 100 29.86 20.63 34.62
N ALA I 101 30.99 20.63 33.93
CA ALA I 101 32.17 21.28 34.37
C ALA I 101 31.98 22.83 34.06
N TYR I 102 32.41 23.71 34.96
CA TYR I 102 32.10 25.16 34.81
C TYR I 102 33.16 25.86 33.99
N SER I 103 34.27 25.18 33.66
CA SER I 103 35.32 25.84 32.86
C SER I 103 35.92 24.89 31.86
N SER I 104 35.06 24.10 31.20
CA SER I 104 35.53 23.28 30.14
C SER I 104 35.80 24.22 28.96
N THR I 105 36.75 23.83 28.10
CA THR I 105 36.99 24.58 26.86
C THR I 105 36.51 23.87 25.56
N ARG I 106 35.96 22.65 25.67
CA ARG I 106 35.56 21.81 24.52
CA ARG I 106 35.53 21.81 24.51
C ARG I 106 34.43 20.89 25.03
N PRO I 107 33.48 20.49 24.15
CA PRO I 107 32.44 19.57 24.67
C PRO I 107 33.13 18.33 25.25
N VAL I 108 32.55 17.77 26.31
CA VAL I 108 33.14 16.57 26.95
C VAL I 108 33.08 15.38 25.95
N GLN I 109 34.07 14.48 25.89
CA GLN I 109 33.94 13.30 25.01
C GLN I 109 33.63 12.09 25.87
N VAL I 110 32.59 11.34 25.52
CA VAL I 110 32.10 10.28 26.38
C VAL I 110 32.87 9.03 25.97
N LEU I 111 33.43 8.30 26.93
CA LEU I 111 34.23 7.07 26.62
C LEU I 111 33.55 5.78 27.00
N SER I 112 32.49 5.86 27.80
CA SER I 112 31.87 4.64 28.19
C SER I 112 30.42 4.63 27.78
N PRO I 113 29.77 3.45 27.81
CA PRO I 113 28.36 3.31 27.48
C PRO I 113 27.57 4.12 28.47
N GLN I 114 26.46 4.67 28.04
CA GLN I 114 25.69 5.51 28.91
C GLN I 114 24.51 4.71 29.38
N ILE I 115 24.78 3.93 30.39
CA ILE I 115 23.80 3.02 30.92
C ILE I 115 23.99 3.19 32.39
N ALA I 116 22.87 3.23 33.10
CA ALA I 116 22.81 3.35 34.55
C ALA I 116 22.22 2.05 35.14
N VAL I 117 22.47 1.86 36.44
CA VAL I 117 22.00 0.74 37.22
C VAL I 117 20.96 1.33 38.20
N VAL I 118 19.74 0.83 38.15
CA VAL I 118 18.68 1.27 39.04
C VAL I 118 18.42 0.17 40.00
N THR I 119 18.27 0.54 41.29
CA THR I 119 18.13 -0.42 42.41
C THR I 119 16.74 -0.30 43.04
N HIS I 120 16.26 -1.39 43.65
CA HIS I 120 14.82 -1.43 44.04
C HIS I 120 14.46 -0.38 45.08
N ASP I 121 15.47 0.12 45.80
CA ASP I 121 15.31 1.25 46.77
C ASP I 121 15.08 2.59 46.04
N GLY I 122 15.11 2.50 44.71
CA GLY I 122 14.92 3.67 43.87
C GLY I 122 16.22 4.38 43.59
N SER I 123 17.32 3.95 44.14
CA SER I 123 18.54 4.68 43.86
C SER I 123 19.11 4.31 42.47
N VAL I 124 19.77 5.30 41.89
CA VAL I 124 20.45 5.19 40.61
C VAL I 124 21.95 5.45 40.78
N MET I 125 22.74 4.64 40.10
CA MET I 125 24.15 4.84 40.04
C MET I 125 24.51 4.96 38.51
N PHE I 126 25.27 6.01 38.19
CA PHE I 126 25.65 6.28 36.83
C PHE I 126 27.11 6.73 36.87
N ILE I 127 27.98 6.03 36.13
CA ILE I 127 29.41 6.25 36.14
C ILE I 127 29.95 6.53 34.71
N PRO I 128 29.75 7.78 34.20
CA PRO I 128 30.32 8.02 32.84
C PRO I 128 31.84 8.21 32.90
N ALA I 129 32.59 7.56 32.02
CA ALA I 129 33.97 7.94 31.76
C ALA I 129 34.03 8.97 30.64
N GLN I 130 34.88 9.97 30.83
CA GLN I 130 34.94 11.12 29.88
C GLN I 130 36.34 11.65 29.77
N ARG I 131 36.65 12.27 28.63
CA ARG I 131 37.80 13.15 28.49
C ARG I 131 37.26 14.57 28.46
N LEU I 132 37.78 15.36 29.37
CA LEU I 132 37.48 16.77 29.60
C LEU I 132 38.70 17.64 29.38
N SER I 133 38.55 18.67 28.51
CA SER I 133 39.54 19.78 28.39
C SER I 133 39.02 20.94 29.22
N PHE I 134 39.86 21.48 30.07
CA PHE I 134 39.45 22.49 30.97
C PHE I 134 40.56 23.54 31.17
N MET I 135 40.17 24.72 31.65
CA MET I 135 41.13 25.82 31.67
C MET I 135 42.16 25.56 32.77
N CYS I 136 43.42 25.58 32.40
CA CYS I 136 44.43 25.19 33.32
C CYS I 136 45.73 25.67 32.75
N ASP I 137 46.38 26.54 33.51
CA ASP I 137 47.80 26.96 33.30
C ASP I 137 48.82 25.96 33.84
N PRO I 138 49.52 25.25 32.96
CA PRO I 138 50.38 24.24 33.47
C PRO I 138 51.76 24.78 33.92
N THR I 139 51.88 26.09 34.10
CA THR I 139 53.18 26.65 34.36
C THR I 139 53.72 26.05 35.66
N GLY I 140 54.95 25.53 35.62
CA GLY I 140 55.49 24.84 36.81
C GLY I 140 55.35 23.32 36.76
N VAL I 141 54.75 22.78 35.70
CA VAL I 141 54.59 21.34 35.63
C VAL I 141 55.94 20.57 35.53
N ASP I 142 56.96 21.27 35.05
CA ASP I 142 58.29 20.71 34.86
C ASP I 142 59.22 21.04 36.02
N SER I 143 58.66 21.22 37.21
CA SER I 143 59.45 21.60 38.40
C SER I 143 59.02 20.61 39.47
N GLU I 144 59.80 20.53 40.55
CA GLU I 144 59.47 19.58 41.60
C GLU I 144 58.10 19.85 42.23
N GLU I 145 57.68 21.10 42.29
CA GLU I 145 56.41 21.43 42.97
C GLU I 145 55.15 21.34 42.06
N GLY I 146 55.36 21.27 40.75
CA GLY I 146 54.27 21.06 39.75
C GLY I 146 53.39 22.27 39.50
N ALA I 147 52.22 22.05 38.92
CA ALA I 147 51.25 23.11 38.63
C ALA I 147 50.05 22.66 39.35
N THR I 148 49.16 23.61 39.67
CA THR I 148 47.87 23.27 40.29
C THR I 148 46.77 23.87 39.44
N CYS I 149 45.71 23.12 39.18
CA CYS I 149 44.58 23.66 38.47
C CYS I 149 43.32 23.18 39.18
N ALA I 150 42.20 23.81 38.91
CA ALA I 150 40.97 23.40 39.61
C ALA I 150 39.89 23.47 38.57
N VAL I 151 38.81 22.74 38.79
CA VAL I 151 37.61 22.85 37.91
C VAL I 151 36.40 22.51 38.77
N LYS I 152 35.34 23.30 38.67
CA LYS I 152 34.12 23.09 39.47
C LYS I 152 33.09 22.36 38.67
N PHE I 153 32.33 21.44 39.31
CA PHE I 153 31.22 20.78 38.69
C PHE I 153 29.94 21.06 39.42
N GLY I 154 28.85 21.15 38.70
CA GLY I 154 27.55 21.32 39.40
C GLY I 154 26.44 21.31 38.38
N SER I 155 25.18 21.46 38.81
CA SER I 155 24.06 21.55 37.87
C SER I 155 24.23 22.86 37.06
N TRP I 156 23.79 22.86 35.81
CA TRP I 156 23.83 24.06 35.01
C TRP I 156 22.57 24.88 35.34
N VAL I 157 21.43 24.21 35.48
CA VAL I 157 20.17 24.94 35.64
C VAL I 157 19.45 24.81 36.98
N TYR I 158 19.90 23.90 37.87
CA TYR I 158 19.24 23.76 39.17
C TYR I 158 20.00 24.38 40.27
N SER I 159 19.34 25.26 41.04
CA SER I 159 20.04 25.84 42.21
C SER I 159 20.07 24.82 43.35
N GLY I 160 20.74 25.19 44.45
CA GLY I 160 20.74 24.38 45.69
C GLY I 160 19.37 24.06 46.31
N PHE I 161 18.35 24.77 45.91
CA PHE I 161 16.98 24.47 46.34
C PHE I 161 16.37 23.35 45.56
N GLU I 162 16.99 23.00 44.43
CA GLU I 162 16.46 21.94 43.61
C GLU I 162 17.30 20.69 43.65
N ILE I 163 18.61 20.86 43.50
CA ILE I 163 19.53 19.78 43.60
C ILE I 163 20.55 20.12 44.65
N ASP I 164 20.61 19.26 45.65
CA ASP I 164 21.63 19.36 46.69
C ASP I 164 22.82 18.40 46.40
N LEU I 165 23.88 18.92 45.82
CA LEU I 165 25.03 18.11 45.38
C LEU I 165 25.89 17.88 46.55
N LYS I 166 26.34 16.65 46.76
CA LYS I 166 27.33 16.31 47.82
C LYS I 166 28.44 15.47 47.27
N THR I 167 29.59 15.40 47.94
CA THR I 167 30.57 14.39 47.50
C THR I 167 30.19 13.06 48.17
N ASP I 168 30.52 11.93 47.55
CA ASP I 168 30.14 10.66 48.18
C ASP I 168 31.16 10.34 49.28
N THR I 169 32.44 10.66 49.02
CA THR I 169 33.55 10.50 49.97
CA THR I 169 33.52 10.55 50.04
C THR I 169 34.34 11.82 49.94
N ASP I 170 35.13 12.13 50.97
CA ASP I 170 35.97 13.34 50.79
C ASP I 170 37.21 13.12 49.92
N GLN I 171 37.47 11.88 49.46
CA GLN I 171 38.67 11.64 48.70
C GLN I 171 38.44 11.40 47.16
N VAL I 172 39.21 12.07 46.34
CA VAL I 172 39.36 11.65 44.94
C VAL I 172 39.95 10.23 44.86
N ASP I 173 39.34 9.36 44.05
CA ASP I 173 40.00 8.04 43.78
C ASP I 173 41.17 8.14 42.82
N LEU I 174 42.37 7.91 43.36
CA LEU I 174 43.57 7.86 42.55
C LEU I 174 44.12 6.47 42.27
N SER I 175 43.47 5.48 42.85
CA SER I 175 44.00 4.14 42.77
C SER I 175 44.12 3.58 41.32
N SER I 176 43.35 4.08 40.38
CA SER I 176 43.39 3.58 39.02
C SER I 176 44.06 4.55 38.10
N TYR I 177 44.81 5.52 38.64
CA TYR I 177 45.42 6.57 37.79
C TYR I 177 46.53 5.86 37.05
N TYR I 178 46.63 6.07 35.75
CA TYR I 178 47.57 5.39 34.94
C TYR I 178 49.00 5.61 35.43
N ALA I 179 49.68 4.52 35.82
CA ALA I 179 51.07 4.60 36.41
C ALA I 179 52.13 5.16 35.48
N SER I 180 51.95 5.06 34.14
CA SER I 180 52.97 5.55 33.24
C SER I 180 52.42 6.76 32.42
N SER I 181 51.49 7.50 33.00
CA SER I 181 51.04 8.80 32.45
C SER I 181 52.26 9.69 32.26
N LYS I 182 52.20 10.64 31.30
CA LYS I 182 53.25 11.70 31.21
C LYS I 182 53.28 12.56 32.44
N TYR I 183 52.15 12.61 33.15
CA TYR I 183 52.00 13.43 34.33
C TYR I 183 51.65 12.62 35.58
N GLU I 184 52.41 12.82 36.65
CA GLU I 184 51.96 12.33 37.95
C GLU I 184 51.15 13.30 38.75
N ILE I 185 50.25 12.71 39.55
CA ILE I 185 49.37 13.46 40.40
C ILE I 185 50.08 13.56 41.72
N LEU I 186 50.18 14.78 42.25
CA LEU I 186 50.83 15.06 43.49
C LEU I 186 49.72 15.11 44.56
N SER I 187 48.51 15.61 44.23
CA SER I 187 47.33 15.56 45.12
C SER I 187 46.14 15.86 44.27
N ALA I 188 44.99 15.44 44.76
CA ALA I 188 43.77 15.80 44.09
C ALA I 188 42.76 15.85 45.19
N THR I 189 41.94 16.92 45.26
CA THR I 189 40.92 16.96 46.30
C THR I 189 39.56 17.27 45.68
N GLN I 190 38.45 16.85 46.31
CA GLN I 190 37.09 17.19 45.83
C GLN I 190 36.37 17.74 47.05
N THR I 191 35.80 18.96 46.98
CA THR I 191 35.16 19.60 48.14
C THR I 191 33.94 20.30 47.64
N ARG I 192 32.80 20.07 48.29
CA ARG I 192 31.57 20.76 48.02
C ARG I 192 31.70 22.23 48.47
N GLN I 193 31.13 23.17 47.71
CA GLN I 193 31.18 24.61 48.05
C GLN I 193 29.78 25.16 47.86
N VAL I 194 29.42 26.10 48.72
CA VAL I 194 28.13 26.75 48.67
C VAL I 194 28.44 28.23 48.61
N GLN I 195 27.73 28.96 47.76
CA GLN I 195 27.95 30.39 47.63
C GLN I 195 26.58 31.02 47.43
N HIS I 196 26.41 32.23 47.97
CA HIS I 196 25.22 33.06 47.70
C HIS I 196 25.64 34.23 46.86
N TYR I 197 24.94 34.41 45.76
CA TYR I 197 25.17 35.57 44.92
C TYR I 197 23.97 36.55 44.95
N SER I 198 24.29 37.84 44.77
CA SER I 198 23.37 39.00 44.77
C SER I 198 22.20 38.98 43.78
N CYS I 199 22.40 38.41 42.58
CA CYS I 199 21.26 38.17 41.65
C CYS I 199 20.06 37.47 42.30
N CYS I 200 20.32 36.45 43.13
CA CYS I 200 19.39 35.32 43.37
C CYS I 200 19.28 34.88 44.86
N PRO I 201 18.06 34.72 45.40
CA PRO I 201 17.91 34.24 46.83
C PRO I 201 18.53 32.85 47.21
N GLU I 202 18.41 31.86 46.33
CA GLU I 202 18.81 30.45 46.57
C GLU I 202 20.36 30.20 46.65
N PRO I 203 20.79 29.15 47.40
CA PRO I 203 22.23 28.84 47.40
C PRO I 203 22.67 28.17 46.08
N TYR I 204 23.93 28.35 45.69
CA TYR I 204 24.49 27.65 44.58
C TYR I 204 25.63 26.73 45.02
N ILE I 205 25.56 25.47 44.56
CA ILE I 205 26.39 24.41 45.09
C ILE I 205 27.29 23.92 43.97
N ASP I 206 28.58 23.68 44.28
CA ASP I 206 29.36 22.91 43.33
C ASP I 206 30.29 22.05 44.06
N VAL I 207 30.99 21.22 43.27
CA VAL I 207 32.08 20.43 43.85
C VAL I 207 33.28 20.83 43.11
N ASN I 208 34.26 21.28 43.87
CA ASN I 208 35.44 21.77 43.23
C ASN I 208 36.43 20.69 43.18
N LEU I 209 37.07 20.42 42.03
CA LEU I 209 38.11 19.41 41.94
C LEU I 209 39.50 20.10 41.72
N VAL I 210 40.54 19.84 42.53
CA VAL I 210 41.76 20.59 42.56
C VAL I 210 42.79 19.51 42.36
N VAL I 211 43.63 19.66 41.32
CA VAL I 211 44.58 18.67 41.02
C VAL I 211 45.94 19.33 40.94
N LYS I 212 46.88 18.76 41.63
CA LYS I 212 48.24 19.24 41.52
C LYS I 212 49.05 18.15 40.81
N PHE I 213 49.85 18.54 39.82
CA PHE I 213 50.42 17.51 38.97
C PHE I 213 51.75 17.98 38.45
N ARG I 214 52.62 17.08 37.98
CA ARG I 214 53.91 17.45 37.38
C ARG I 214 54.39 16.40 36.38
N GLU I 215 55.30 16.82 35.51
CA GLU I 215 55.85 15.88 34.51
C GLU I 215 56.51 14.69 35.20
N ARG I 216 56.26 13.49 34.73
CA ARG I 216 56.83 12.32 35.40
C ARG I 216 58.33 12.23 35.05
N SER J 11 2.52 17.63 43.96
CA SER J 11 3.27 18.80 43.41
C SER J 11 3.87 18.46 42.05
N GLN J 12 4.35 17.22 41.93
CA GLN J 12 4.73 16.67 40.62
C GLN J 12 3.57 16.56 39.64
N ALA J 13 2.34 16.49 40.18
CA ALA J 13 1.11 16.42 39.39
C ALA J 13 0.82 17.79 38.86
N ASN J 14 1.07 18.80 39.70
CA ASN J 14 0.97 20.20 39.34
C ASN J 14 1.90 20.59 38.19
N LEU J 15 3.16 20.14 38.25
CA LEU J 15 4.15 20.37 37.20
C LEU J 15 3.84 19.58 35.94
N MET J 16 3.62 18.28 36.07
CA MET J 16 3.31 17.47 34.88
C MET J 16 2.06 18.02 34.17
N ARG J 17 1.14 18.60 34.93
CA ARG J 17 -0.10 19.14 34.38
C ARG J 17 0.19 20.45 33.68
N LEU J 18 0.91 21.32 34.38
CA LEU J 18 1.35 22.59 33.78
C LEU J 18 1.96 22.39 32.39
N LYS J 19 2.98 21.54 32.31
CA LYS J 19 3.73 21.33 31.06
C LYS J 19 2.86 20.70 29.96
N SER J 20 2.10 19.67 30.31
CA SER J 20 1.06 19.15 29.41
C SER J 20 0.08 20.25 28.92
N ASP J 21 -0.38 21.13 29.81
CA ASP J 21 -1.25 22.26 29.40
C ASP J 21 -0.52 23.25 28.46
N LEU J 22 0.59 23.84 28.94
CA LEU J 22 1.39 24.76 28.13
C LEU J 22 1.83 24.17 26.78
N PHE J 23 2.25 22.91 26.76
CA PHE J 23 2.70 22.34 25.49
C PHE J 23 1.62 21.57 24.72
N ASN J 24 0.33 21.73 25.10
CA ASN J 24 -0.83 21.05 24.42
C ASN J 24 -2.13 21.86 24.22
N ARG J 25 -2.49 22.69 25.20
CA ARG J 25 -3.57 23.70 25.03
C ARG J 25 -3.06 24.73 24.00
N SER J 26 -3.39 24.47 22.72
CA SER J 26 -2.70 25.05 21.55
C SER J 26 -1.25 24.49 21.46
N PRO J 27 -0.76 24.26 20.21
CA PRO J 27 0.58 23.66 20.05
C PRO J 27 1.73 24.72 19.95
N MET J 28 2.81 24.33 19.27
CA MET J 28 4.07 25.09 19.16
C MET J 28 3.89 26.58 18.68
N TYR J 29 4.42 27.53 19.49
CA TYR J 29 4.56 28.98 19.10
C TYR J 29 5.33 29.03 17.79
N PRO J 30 4.77 29.68 16.75
CA PRO J 30 5.36 29.58 15.39
C PRO J 30 6.51 30.58 15.09
N GLY J 31 7.11 31.15 16.12
CA GLY J 31 8.09 32.24 15.98
C GLY J 31 7.44 33.60 15.89
N PRO J 32 8.23 34.67 15.90
CA PRO J 32 7.69 36.01 15.85
C PRO J 32 7.34 36.40 14.44
N THR J 33 6.46 37.38 14.32
CA THR J 33 6.09 37.90 13.00
C THR J 33 6.19 39.39 13.07
N LYS J 34 5.94 40.07 11.94
CA LYS J 34 6.03 41.52 11.85
C LYS J 34 4.88 42.14 12.67
N ASP J 35 3.74 41.46 12.70
CA ASP J 35 2.60 41.90 13.50
C ASP J 35 2.85 41.66 14.99
N ASP J 36 3.64 40.64 15.28
CA ASP J 36 3.95 40.35 16.66
C ASP J 36 5.44 40.15 16.93
N PRO J 37 6.21 41.25 16.94
CA PRO J 37 7.66 41.16 17.00
C PRO J 37 8.11 40.74 18.42
N LEU J 38 9.31 40.16 18.58
CA LEU J 38 9.76 39.73 19.89
C LEU J 38 11.05 40.44 20.23
N THR J 39 11.22 40.87 21.49
CA THR J 39 12.52 41.41 21.91
C THR J 39 13.37 40.37 22.65
N VAL J 40 14.62 40.17 22.23
CA VAL J 40 15.42 39.17 22.89
C VAL J 40 16.51 39.95 23.50
N THR J 41 16.70 39.77 24.82
CA THR J 41 17.84 40.39 25.47
C THR J 41 19.01 39.47 25.48
N LEU J 42 20.20 39.98 25.20
CA LEU J 42 21.38 39.14 25.15
C LEU J 42 22.43 39.74 26.06
N GLY J 43 23.23 38.94 26.74
CA GLY J 43 24.48 39.48 27.35
C GLY J 43 25.56 38.38 27.36
N PHE J 44 26.81 38.79 27.43
CA PHE J 44 27.86 37.83 27.36
C PHE J 44 28.60 37.87 28.68
N THR J 45 28.98 36.68 29.14
CA THR J 45 30.02 36.55 30.17
C THR J 45 31.24 35.94 29.49
N LEU J 46 32.33 36.68 29.38
CA LEU J 46 33.48 36.09 28.72
C LEU J 46 34.26 35.28 29.71
N GLN J 47 34.55 33.99 29.42
CA GLN J 47 35.38 33.16 30.30
C GLN J 47 36.81 33.02 29.94
N ASP J 48 37.11 32.85 28.66
CA ASP J 48 38.51 32.69 28.29
C ASP J 48 38.67 33.02 26.84
N ILE J 49 39.84 33.58 26.50
CA ILE J 49 40.34 33.55 25.17
C ILE J 49 41.37 32.46 25.24
N VAL J 50 41.00 31.39 24.59
CA VAL J 50 41.70 30.16 24.64
C VAL J 50 42.84 30.17 23.72
N LYS J 51 42.62 30.56 22.45
CA LYS J 51 43.64 30.46 21.41
C LYS J 51 43.55 31.68 20.49
N ALA J 52 44.66 32.15 19.99
CA ALA J 52 44.67 33.17 18.93
C ALA J 52 45.66 32.71 17.86
N ASP J 53 45.15 32.45 16.66
CA ASP J 53 45.96 31.89 15.60
C ASP J 53 46.35 33.01 14.56
N SER J 54 47.61 33.44 14.59
CA SER J 54 48.07 34.47 13.69
C SER J 54 48.36 33.94 12.28
N SER J 55 48.52 32.61 12.09
CA SER J 55 48.58 32.04 10.71
C SER J 55 47.24 32.04 9.93
N THR J 56 46.09 32.06 10.62
CA THR J 56 44.81 31.99 9.91
C THR J 56 43.85 33.13 10.34
N ASN J 57 44.28 33.99 11.30
CA ASN J 57 43.40 35.03 11.84
C ASN J 57 42.06 34.46 12.34
N GLU J 58 42.19 33.58 13.35
CA GLU J 58 41.05 33.02 14.04
C GLU J 58 41.44 33.05 15.48
N VAL J 59 40.51 33.50 16.29
CA VAL J 59 40.64 33.51 17.72
C VAL J 59 39.52 32.65 18.30
N ASP J 60 39.78 31.92 19.40
CA ASP J 60 38.72 31.11 20.01
C ASP J 60 38.34 31.64 21.39
N LEU J 61 37.05 31.83 21.61
CA LEU J 61 36.51 32.32 22.87
C LEU J 61 35.69 31.20 23.55
N VAL J 62 35.66 31.18 24.86
CA VAL J 62 34.61 30.49 25.59
C VAL J 62 33.73 31.50 26.39
N TYR J 63 32.40 31.47 26.23
CA TYR J 63 31.58 32.43 26.93
C TYR J 63 30.25 31.81 27.25
N TYR J 64 29.47 32.47 28.11
CA TYR J 64 28.13 32.09 28.37
C TYR J 64 27.33 33.18 27.67
N GLU J 65 26.34 32.77 26.92
CA GLU J 65 25.44 33.68 26.28
C GLU J 65 24.07 33.62 26.94
N GLN J 66 23.71 34.65 27.65
CA GLN J 66 22.43 34.74 28.26
C GLN J 66 21.39 35.29 27.31
N GLN J 67 20.33 34.55 27.07
CA GLN J 67 19.25 35.02 26.19
C GLN J 67 18.00 35.04 27.01
N ARG J 68 17.15 36.04 26.75
CA ARG J 68 15.91 36.14 27.51
C ARG J 68 14.86 36.75 26.63
N TRP J 69 13.69 36.14 26.64
CA TRP J 69 12.59 36.67 25.90
C TRP J 69 11.31 36.34 26.68
N LYS J 70 10.16 36.86 26.24
CA LYS J 70 8.92 36.69 27.02
C LYS J 70 7.82 36.44 26.04
N LEU J 71 7.01 35.41 26.30
CA LEU J 71 5.94 35.01 25.40
C LEU J 71 4.64 34.94 26.20
N ASN J 72 3.56 35.49 25.64
CA ASN J 72 2.20 35.34 26.21
C ASN J 72 1.73 33.88 26.35
N SER J 73 1.91 33.11 25.30
CA SER J 73 1.61 31.70 25.31
C SER J 73 2.37 30.84 26.36
N LEU J 74 3.16 31.45 27.25
CA LEU J 74 3.89 30.71 28.28
C LEU J 74 3.59 31.24 29.68
N MET J 75 2.56 32.06 29.81
CA MET J 75 2.16 32.54 31.12
C MET J 75 1.17 31.51 31.68
N TRP J 76 1.12 31.46 32.99
CA TRP J 76 0.13 30.68 33.69
C TRP J 76 -0.02 31.46 35.00
N ASP J 77 -1.09 31.17 35.74
CA ASP J 77 -1.23 31.71 37.08
C ASP J 77 -0.80 30.61 38.05
N PRO J 78 0.13 30.95 38.97
CA PRO J 78 0.62 29.98 39.95
C PRO J 78 -0.46 29.31 40.85
N ASN J 79 -1.58 30.00 41.09
CA ASN J 79 -2.62 29.46 41.97
C ASN J 79 -3.45 28.34 41.36
N GLU J 80 -3.48 28.30 40.04
CA GLU J 80 -4.12 27.18 39.36
C GLU J 80 -3.16 25.99 39.27
N TYR J 81 -1.95 26.16 39.79
CA TYR J 81 -0.89 25.14 39.61
C TYR J 81 0.04 24.97 40.80
N GLY J 82 -0.50 25.07 42.02
CA GLY J 82 0.24 24.69 43.22
C GLY J 82 1.27 25.69 43.70
N ASN J 83 1.13 26.94 43.29
CA ASN J 83 2.16 27.96 43.56
C ASN J 83 3.50 27.59 42.88
N ILE J 84 3.41 26.92 41.72
CA ILE J 84 4.59 26.79 40.82
C ILE J 84 4.90 28.15 40.13
N THR J 85 6.07 28.73 40.42
CA THR J 85 6.45 29.99 39.75
C THR J 85 7.49 29.88 38.60
N ASP J 86 8.01 28.67 38.35
CA ASP J 86 8.92 28.47 37.26
C ASP J 86 9.20 27.01 37.13
N PHE J 87 9.75 26.64 35.97
CA PHE J 87 10.17 25.28 35.66
C PHE J 87 11.26 25.21 34.59
N ARG J 88 12.02 24.13 34.67
CA ARG J 88 13.16 23.88 33.84
C ARG J 88 12.70 22.97 32.77
N THR J 89 13.11 23.22 31.53
CA THR J 89 12.65 22.36 30.43
C THR J 89 13.70 22.30 29.37
N SER J 90 13.77 21.14 28.74
CA SER J 90 14.64 20.95 27.61
C SER J 90 14.38 22.02 26.57
N ALA J 91 15.43 22.60 25.96
CA ALA J 91 15.27 23.69 25.02
C ALA J 91 14.62 23.20 23.75
N ALA J 92 14.62 21.88 23.53
CA ALA J 92 13.98 21.37 22.33
C ALA J 92 12.45 21.36 22.51
N ASP J 93 11.98 21.50 23.75
CA ASP J 93 10.53 21.57 24.06
C ASP J 93 9.86 22.91 23.66
N ILE J 94 10.64 23.99 23.51
CA ILE J 94 10.09 25.34 23.29
C ILE J 94 10.80 25.97 22.09
N TRP J 95 10.20 27.00 21.52
CA TRP J 95 10.85 27.81 20.45
C TRP J 95 11.99 28.53 21.14
N THR J 96 13.13 28.66 20.45
CA THR J 96 14.26 29.47 20.98
C THR J 96 14.81 30.29 19.80
N PRO J 97 15.40 31.44 20.10
CA PRO J 97 15.77 32.29 18.99
C PRO J 97 17.01 31.77 18.24
N ASP J 98 17.08 32.01 16.93
CA ASP J 98 18.24 31.55 16.14
C ASP J 98 19.43 32.53 16.23
N ILE J 99 19.85 32.88 17.44
CA ILE J 99 20.93 33.87 17.58
C ILE J 99 22.27 33.23 17.15
N THR J 100 23.02 33.92 16.31
CA THR J 100 24.16 33.29 15.71
C THR J 100 25.21 34.33 15.63
N ALA J 101 26.50 33.95 15.72
CA ALA J 101 27.61 34.80 15.43
C ALA J 101 27.66 34.90 13.86
N TYR J 102 28.03 36.08 13.35
CA TYR J 102 27.91 36.35 11.88
C TYR J 102 29.22 36.08 11.18
N SER J 103 30.28 35.93 11.96
CA SER J 103 31.59 35.63 11.44
C SER J 103 32.33 34.50 12.13
N SER J 104 31.63 33.44 12.55
CA SER J 104 32.34 32.23 12.96
C SER J 104 33.10 31.58 11.79
N THR J 105 34.18 30.85 12.12
CA THR J 105 34.89 30.04 11.14
C THR J 105 34.71 28.48 11.30
N ARG J 106 33.96 28.06 12.31
CA ARG J 106 33.71 26.61 12.68
C ARG J 106 32.37 26.55 13.37
N PRO J 107 31.64 25.41 13.28
CA PRO J 107 30.35 25.36 14.00
C PRO J 107 30.56 25.70 15.46
N VAL J 108 29.65 26.46 16.04
CA VAL J 108 29.85 26.82 17.45
C VAL J 108 29.80 25.50 18.29
N GLN J 109 30.64 25.34 19.30
CA GLN J 109 30.50 24.11 20.11
C GLN J 109 29.82 24.42 21.41
N VAL J 110 28.83 23.60 21.76
CA VAL J 110 28.04 23.83 22.99
C VAL J 110 28.65 23.13 24.21
N LEU J 111 28.77 23.82 25.34
CA LEU J 111 29.56 23.26 26.50
C LEU J 111 28.64 22.93 27.68
N SER J 112 27.38 23.31 27.54
CA SER J 112 26.41 23.19 28.63
C SER J 112 25.13 22.51 28.16
N PRO J 113 24.35 21.97 29.10
CA PRO J 113 23.13 21.27 28.78
C PRO J 113 22.16 22.22 28.14
N GLN J 114 21.44 21.70 27.15
CA GLN J 114 20.51 22.50 26.38
C GLN J 114 19.15 22.60 27.10
N ILE J 115 19.14 23.33 28.22
CA ILE J 115 17.96 23.36 29.09
C ILE J 115 17.66 24.81 29.43
N ALA J 116 16.38 25.24 29.37
CA ALA J 116 15.93 26.62 29.69
C ALA J 116 15.11 26.69 30.96
N VAL J 117 14.96 27.90 31.54
CA VAL J 117 14.06 28.10 32.70
C VAL J 117 12.92 28.98 32.22
N VAL J 118 11.68 28.53 32.42
CA VAL J 118 10.48 29.25 32.04
C VAL J 118 9.83 29.75 33.34
N THR J 119 9.42 31.02 33.36
CA THR J 119 8.83 31.66 34.56
C THR J 119 7.37 32.03 34.26
N HIS J 120 6.52 32.16 35.31
CA HIS J 120 5.03 32.16 35.15
C HIS J 120 4.50 33.35 34.38
N ASP J 121 5.33 34.37 34.34
CA ASP J 121 5.05 35.59 33.59
C ASP J 121 5.37 35.44 32.12
N GLY J 122 5.53 34.20 31.66
CA GLY J 122 5.93 33.92 30.25
C GLY J 122 7.40 34.15 29.83
N SER J 123 8.24 34.62 30.74
CA SER J 123 9.64 34.83 30.39
C SER J 123 10.48 33.51 30.36
N VAL J 124 11.50 33.50 29.50
CA VAL J 124 12.38 32.34 29.34
C VAL J 124 13.77 32.87 29.46
N MET J 125 14.59 32.09 30.17
CA MET J 125 15.98 32.42 30.27
C MET J 125 16.77 31.18 29.82
N PHE J 126 17.72 31.37 28.93
CA PHE J 126 18.48 30.28 28.36
C PHE J 126 19.92 30.75 28.29
N ILE J 127 20.83 29.99 28.90
CA ILE J 127 22.17 30.48 28.97
C ILE J 127 23.15 29.42 28.46
N PRO J 128 23.32 29.26 27.10
CA PRO J 128 24.29 28.23 26.62
C PRO J 128 25.70 28.75 26.79
N ALA J 129 26.56 27.92 27.37
CA ALA J 129 27.97 28.10 27.29
C ALA J 129 28.47 27.54 25.93
N GLN J 130 29.41 28.26 25.31
CA GLN J 130 29.88 27.98 23.95
C GLN J 130 31.36 28.19 23.78
N ARG J 131 32.00 27.41 22.90
CA ARG J 131 33.35 27.66 22.41
C ARG J 131 33.12 28.09 20.95
N LEU J 132 33.74 29.19 20.55
CA LEU J 132 33.52 29.81 19.24
C LEU J 132 34.89 30.21 18.67
N SER J 133 35.18 29.72 17.48
CA SER J 133 36.22 30.23 16.60
C SER J 133 35.61 31.30 15.70
N PHE J 134 36.21 32.51 15.64
CA PHE J 134 35.73 33.56 14.77
C PHE J 134 36.92 34.34 14.18
N MET J 135 36.60 35.21 13.18
CA MET J 135 37.60 35.88 12.29
C MET J 135 38.10 37.03 13.10
N CYS J 136 39.40 37.06 13.33
CA CYS J 136 39.98 38.04 14.21
C CYS J 136 41.45 37.94 13.89
N ASP J 137 42.07 39.05 13.48
CA ASP J 137 43.48 39.20 13.30
C ASP J 137 44.09 39.61 14.64
N PRO J 138 44.83 38.72 15.34
CA PRO J 138 45.44 39.05 16.63
C PRO J 138 46.76 39.91 16.58
N THR J 139 47.00 40.58 15.47
CA THR J 139 48.20 41.44 15.29
C THR J 139 48.28 42.51 16.40
N GLY J 140 49.42 42.65 17.08
CA GLY J 140 49.48 43.59 18.22
C GLY J 140 49.21 42.96 19.60
N VAL J 141 48.88 41.66 19.62
CA VAL J 141 48.53 41.02 20.87
C VAL J 141 49.74 40.94 21.80
N ASP J 142 50.93 40.91 21.21
CA ASP J 142 52.19 40.84 21.94
C ASP J 142 52.72 42.23 22.22
N SER J 143 51.85 43.22 22.27
CA SER J 143 52.28 44.59 22.51
C SER J 143 51.46 45.15 23.69
N GLU J 144 51.87 46.30 24.18
CA GLU J 144 51.19 46.90 25.32
C GLU J 144 49.77 47.32 24.96
N GLU J 145 49.60 47.72 23.71
CA GLU J 145 48.31 48.16 23.13
C GLU J 145 47.33 47.00 22.90
N GLY J 146 47.81 45.79 22.67
CA GLY J 146 46.88 44.65 22.50
C GLY J 146 46.19 44.58 21.13
N ALA J 147 45.39 43.54 20.91
CA ALA J 147 44.77 43.33 19.62
C ALA J 147 43.36 43.72 19.84
N THR J 148 42.61 43.96 18.77
CA THR J 148 41.22 44.25 18.92
C THR J 148 40.50 43.39 17.90
N CYS J 149 39.41 42.75 18.35
CA CYS J 149 38.55 41.95 17.44
C CYS J 149 37.09 42.17 17.78
N ALA J 150 36.21 41.89 16.81
CA ALA J 150 34.79 42.16 16.95
C ALA J 150 34.06 41.03 16.27
N VAL J 151 32.89 40.66 16.81
CA VAL J 151 32.01 39.70 16.18
C VAL J 151 30.55 40.06 16.54
N LYS J 152 29.68 40.05 15.52
CA LYS J 152 28.31 40.46 15.67
C LYS J 152 27.47 39.24 15.92
N PHE J 153 26.47 39.39 16.78
CA PHE J 153 25.53 38.30 17.06
C PHE J 153 24.13 38.75 16.69
N GLY J 154 23.31 37.86 16.12
CA GLY J 154 21.94 38.25 15.83
C GLY J 154 21.22 37.10 15.19
N SER J 155 19.97 37.31 14.84
CA SER J 155 19.14 36.29 14.27
C SER J 155 19.67 36.05 12.87
N TRP J 156 19.67 34.79 12.45
CA TRP J 156 20.06 34.46 11.08
C TRP J 156 18.97 34.83 10.11
N VAL J 157 17.70 34.52 10.46
CA VAL J 157 16.65 34.57 9.47
C VAL J 157 15.58 35.62 9.76
N TYR J 158 15.55 36.23 10.94
CA TYR J 158 14.55 37.27 11.26
C TYR J 158 15.21 38.64 11.19
N SER J 159 14.61 39.58 10.46
CA SER J 159 15.12 40.96 10.47
C SER J 159 14.60 41.67 11.69
N GLY J 160 14.94 42.94 11.80
CA GLY J 160 14.45 43.79 12.87
C GLY J 160 12.91 44.03 12.91
N PHE J 161 12.18 43.64 11.87
CA PHE J 161 10.74 43.70 11.90
C PHE J 161 10.14 42.57 12.76
N GLU J 162 10.86 41.45 12.94
CA GLU J 162 10.29 40.33 13.71
C GLU J 162 11.06 40.09 15.02
N ILE J 163 12.39 40.27 15.03
CA ILE J 163 13.18 40.16 16.24
C ILE J 163 13.96 41.42 16.50
N ASP J 164 13.70 42.01 17.66
CA ASP J 164 14.50 43.17 18.07
C ASP J 164 15.44 42.63 19.15
N LEU J 165 16.64 43.14 19.25
CA LEU J 165 17.59 42.71 20.25
C LEU J 165 17.80 43.83 21.21
N LYS J 166 18.11 43.51 22.46
CA LYS J 166 18.53 44.52 23.44
C LYS J 166 19.60 43.94 24.41
N THR J 167 20.42 44.80 25.01
CA THR J 167 21.35 44.42 26.05
C THR J 167 20.92 45.21 27.32
N ASP J 168 21.17 44.61 28.47
CA ASP J 168 20.92 45.25 29.75
C ASP J 168 22.14 46.17 30.11
N THR J 169 23.32 45.87 29.59
CA THR J 169 24.43 46.77 29.77
C THR J 169 25.30 46.62 28.55
N ASP J 170 26.15 47.61 28.29
CA ASP J 170 27.13 47.39 27.19
C ASP J 170 28.47 46.87 27.69
N GLN J 171 28.52 46.50 28.97
CA GLN J 171 29.79 45.94 29.51
C GLN J 171 29.65 44.42 29.55
N VAL J 172 30.49 43.72 28.79
CA VAL J 172 30.61 42.27 28.87
C VAL J 172 30.96 41.90 30.33
N ASP J 173 30.25 40.92 30.87
CA ASP J 173 30.60 40.48 32.21
C ASP J 173 31.98 39.78 32.19
N LEU J 174 32.97 40.42 32.82
CA LEU J 174 34.27 39.85 32.97
C LEU J 174 34.50 39.25 34.39
N SER J 175 33.46 39.19 35.24
CA SER J 175 33.66 38.72 36.64
C SER J 175 34.19 37.23 36.74
N SER J 176 33.81 36.39 35.75
CA SER J 176 34.24 35.00 35.68
C SER J 176 35.42 34.83 34.76
N TYR J 177 36.07 35.91 34.31
CA TYR J 177 37.15 35.70 33.31
C TYR J 177 38.28 34.87 33.90
N TYR J 178 38.75 33.85 33.17
CA TYR J 178 39.81 32.98 33.73
C TYR J 178 41.12 33.71 34.08
N ALA J 179 41.48 33.65 35.37
CA ALA J 179 42.63 34.42 35.96
C ALA J 179 43.99 34.04 35.38
N SER J 180 44.14 32.81 34.90
CA SER J 180 45.43 32.43 34.31
C SER J 180 45.39 32.10 32.83
N SER J 181 44.50 32.81 32.12
CA SER J 181 44.45 32.82 30.65
C SER J 181 45.78 33.30 30.12
N LYS J 182 46.15 32.79 28.93
CA LYS J 182 47.23 33.32 28.11
C LYS J 182 46.99 34.78 27.78
N TYR J 183 45.72 35.21 27.78
CA TYR J 183 45.35 36.55 27.27
C TYR J 183 44.64 37.23 28.37
N GLU J 184 45.16 38.41 28.71
CA GLU J 184 44.50 39.39 29.57
C GLU J 184 43.50 40.26 28.77
N ILE J 185 42.34 40.58 29.36
CA ILE J 185 41.32 41.45 28.77
C ILE J 185 41.54 42.91 29.12
N LEU J 186 41.71 43.75 28.10
CA LEU J 186 41.80 45.21 28.30
C LEU J 186 40.43 45.86 28.30
N SER J 187 39.52 45.39 27.43
CA SER J 187 38.13 45.85 27.51
C SER J 187 37.23 44.89 26.72
N ALA J 188 35.98 44.80 27.08
CA ALA J 188 35.09 44.02 26.30
C ALA J 188 33.73 44.66 26.33
N THR J 189 33.16 44.98 25.18
CA THR J 189 31.85 45.63 25.20
C THR J 189 30.86 44.87 24.28
N GLN J 190 29.55 45.02 24.53
CA GLN J 190 28.49 44.42 23.75
C GLN J 190 27.50 45.54 23.42
N THR J 191 27.33 45.87 22.14
CA THR J 191 26.53 47.06 21.77
C THR J 191 25.53 46.72 20.71
N ARG J 192 24.24 46.98 20.98
CA ARG J 192 23.20 46.83 19.99
C ARG J 192 23.48 47.81 18.81
N GLN J 193 23.41 47.35 17.55
CA GLN J 193 23.44 48.25 16.42
C GLN J 193 22.29 48.04 15.47
N VAL J 194 21.91 49.10 14.73
CA VAL J 194 20.87 48.95 13.75
C VAL J 194 21.56 49.30 12.43
N GLN J 195 21.40 48.43 11.45
CA GLN J 195 21.92 48.56 10.07
C GLN J 195 20.76 48.66 9.10
N HIS J 196 20.84 49.59 8.14
CA HIS J 196 19.93 49.65 6.98
C HIS J 196 20.76 49.65 5.68
N TYR J 197 20.55 48.63 4.84
CA TYR J 197 21.28 48.56 3.59
C TYR J 197 20.48 49.07 2.41
N SER J 198 21.14 49.62 1.38
CA SER J 198 20.40 50.00 0.13
C SER J 198 19.54 48.87 -0.47
N CYS J 199 19.92 47.63 -0.23
CA CYS J 199 19.25 46.50 -0.89
C CYS J 199 17.87 46.24 -0.33
N CYS J 200 17.64 46.60 0.94
CA CYS J 200 16.56 45.98 1.68
C CYS J 200 15.76 46.95 2.55
N PRO J 201 14.43 46.84 2.57
CA PRO J 201 13.66 47.81 3.37
C PRO J 201 13.80 47.50 4.86
N GLU J 202 14.16 46.29 5.22
CA GLU J 202 14.17 45.95 6.67
C GLU J 202 15.38 46.38 7.53
N PRO J 203 15.16 46.88 8.74
CA PRO J 203 16.28 47.10 9.61
C PRO J 203 16.95 45.75 9.96
N TYR J 204 18.29 45.70 10.09
CA TYR J 204 19.00 44.52 10.61
C TYR J 204 19.61 44.92 11.92
N ILE J 205 19.42 44.12 12.94
CA ILE J 205 19.85 44.42 14.34
C ILE J 205 20.81 43.34 14.81
N ASP J 206 21.92 43.77 15.42
CA ASP J 206 22.87 42.82 15.91
C ASP J 206 23.39 43.36 17.24
N VAL J 207 24.10 42.50 17.97
CA VAL J 207 24.84 42.94 19.14
C VAL J 207 26.28 42.73 18.78
N ASN J 208 27.06 43.78 18.91
CA ASN J 208 28.43 43.77 18.47
C ASN J 208 29.35 43.58 19.65
N LEU J 209 30.14 42.51 19.60
CA LEU J 209 31.04 42.14 20.72
C LEU J 209 32.50 42.54 20.32
N VAL J 210 33.03 43.51 21.03
CA VAL J 210 34.32 44.04 20.72
C VAL J 210 35.19 43.71 21.95
N VAL J 211 36.28 43.04 21.70
CA VAL J 211 37.19 42.66 22.77
C VAL J 211 38.55 43.18 22.41
N LYS J 212 39.22 43.80 23.37
CA LYS J 212 40.65 44.21 23.27
C LYS J 212 41.38 43.41 24.30
N PHE J 213 42.48 42.83 23.89
CA PHE J 213 43.17 41.89 24.74
C PHE J 213 44.64 41.82 24.41
N ARG J 214 45.44 41.26 25.31
CA ARG J 214 46.87 41.10 25.00
C ARG J 214 47.46 39.92 25.76
N GLU J 215 48.64 39.49 25.39
CA GLU J 215 49.34 38.42 26.09
C GLU J 215 49.56 38.85 27.54
N ARG J 216 49.20 37.96 28.47
CA ARG J 216 49.40 38.23 29.90
C ARG J 216 50.92 38.34 30.17
N ARG J 217 51.31 39.27 31.05
CA ARG J 217 52.64 39.25 31.70
C ARG J 217 52.51 39.28 33.23
N1 CU9 K . -27.13 3.32 9.81
C2 CU9 K . -26.31 4.29 10.59
C3 CU9 K . -25.69 5.49 9.88
C4 CU9 K . -26.03 5.53 8.40
C5 CU9 K . -27.06 4.77 7.82
C6 CU9 K . -27.91 3.86 8.66
C7 CU9 K . -25.24 6.39 7.64
C8 CU9 K . -25.47 6.53 6.27
C9 CU9 K . -26.49 5.78 5.70
C10 CU9 K . -27.29 4.90 6.43
O11 CU9 K . -26.62 5.95 4.36
C12 CU9 K . -27.56 5.34 3.57
C13 CU9 K . -27.06 4.35 2.81
C14 CU9 K . -27.84 3.62 1.93
C15 CU9 K . -29.18 3.95 1.86
C16 CU9 K . -29.72 4.99 2.65
C17 CU9 K . -28.91 5.70 3.53
C18 CU9 K . -31.18 5.31 2.55
C19 CU9 K . -31.61 6.74 2.20
N20 CU9 K . -31.90 6.86 0.74
C21 CU9 K . -33.08 6.07 0.34
C22 CU9 K . -34.39 6.54 1.00
C23 CU9 K . -34.13 6.91 2.46
C24 CU9 K . -32.83 7.04 3.01
C25 CU9 K . -35.23 7.21 3.26
C26 CU9 K . -35.09 7.58 4.60
C27 CU9 K . -33.83 7.68 5.14
C28 CU9 K . -32.70 7.44 4.35
O29 CU9 K . -31.45 7.56 4.95
C30 CU9 K . -30.95 6.84 5.97
C31 CU9 K . -29.99 7.43 6.81
C32 CU9 K . -29.43 6.69 7.86
C33 CU9 K . -29.82 5.38 8.08
C34 CU9 K . -30.77 4.77 7.22
C35 CU9 K . -31.36 5.51 6.18
C36 CU9 K . -29.22 4.55 9.19
O37 CU9 K . -24.69 7.38 5.47
C38 CU9 K . -23.66 8.22 6.07
O39 CU9 K . -25.70 4.18 2.98
O40 CU9 K . -36.18 7.86 5.44
C41 CU9 K . -37.56 7.80 5.01
O42 CU9 K . -33.76 8.06 6.48
C43 CU9 K . -26.16 2.32 9.39
C44 CU9 K . -31.98 8.32 0.43
C45 CU9 K . -30.74 6.42 -0.07
C46 CU9 K . -33.08 9.20 6.98
C47 CU9 K . -28.08 2.64 10.75
C48 CU9 K . -25.05 3.05 2.45
N1 CU9 L . -26.07 -22.51 8.82
C2 CU9 L . -26.04 -22.72 7.33
C3 CU9 L . -25.94 -24.21 6.95
C4 CU9 L . -26.87 -25.04 7.77
C5 CU9 L . -27.52 -24.50 8.87
C6 CU9 L . -27.37 -23.05 9.31
C7 CU9 L . -27.11 -26.36 7.31
C8 CU9 L . -27.98 -27.21 7.98
C9 CU9 L . -28.62 -26.68 9.09
C10 CU9 L . -28.44 -25.35 9.50
O11 CU9 L . -29.48 -27.48 9.79
C12 CU9 L . -29.48 -27.31 11.16
C13 CU9 L . -28.45 -27.83 11.91
C14 CU9 L . -28.44 -27.65 13.30
C15 CU9 L . -29.48 -26.92 13.90
C16 CU9 L . -30.53 -26.38 13.13
C17 CU9 L . -30.50 -26.58 11.75
C18 CU9 L . -31.62 -25.53 13.81
C19 CU9 L . -33.06 -25.84 13.46
N20 CU9 L . -33.65 -26.89 14.34
C21 CU9 L . -33.82 -26.35 15.72
C22 CU9 L . -34.71 -25.10 15.78
C23 CU9 L . -34.68 -24.23 14.52
C24 CU9 L . -33.89 -24.61 13.42
C25 CU9 L . -35.54 -23.08 14.42
C26 CU9 L . -35.57 -22.30 13.24
C27 CU9 L . -34.75 -22.67 12.20
C28 CU9 L . -33.95 -23.82 12.26
O29 CU9 L . -33.27 -24.17 11.11
C30 CU9 L . -32.10 -23.63 10.60
C31 CU9 L . -31.86 -23.87 9.26
C32 CU9 L . -30.74 -23.34 8.68
C33 CU9 L . -29.83 -22.60 9.43
C34 CU9 L . -30.06 -22.33 10.81
C35 CU9 L . -31.25 -22.89 11.36
C36 CU9 L . -28.55 -22.18 8.74
O37 CU9 L . -28.24 -28.52 7.54
C38 CU9 L . -27.10 -29.26 7.09
O39 CU9 L . -27.49 -28.53 11.24
O40 CU9 L . -36.42 -21.20 13.07
C41 CU9 L . -37.46 -21.11 14.05
O42 CU9 L . -34.79 -21.88 11.07
C43 CU9 L . -24.94 -23.21 9.56
C44 CU9 L . -34.97 -27.28 13.82
C45 CU9 L . -32.63 -27.99 14.35
C46 CU9 L . -35.13 -22.43 9.81
C47 CU9 L . -25.90 -21.05 9.00
C48 CU9 L . -26.41 -29.23 11.84
N1 CU9 M . -29.55 -20.85 -39.83
C2 CU9 M . -29.45 -19.73 -38.82
C3 CU9 M . -29.86 -18.33 -39.31
C4 CU9 M . -30.98 -18.38 -40.33
C5 CU9 M . -31.45 -19.62 -40.80
C6 CU9 M . -30.90 -20.97 -40.34
C7 CU9 M . -31.55 -17.18 -40.80
C8 CU9 M . -32.58 -17.17 -41.74
C9 CU9 M . -33.06 -18.41 -42.25
C10 CU9 M . -32.47 -19.61 -41.78
O11 CU9 M . -34.08 -18.52 -43.18
C12 CU9 M . -34.05 -19.55 -44.09
C13 CU9 M . -33.12 -19.56 -45.14
C14 CU9 M . -33.10 -20.67 -46.04
C15 CU9 M . -34.05 -21.73 -45.82
C16 CU9 M . -34.98 -21.72 -44.75
C17 CU9 M . -34.96 -20.62 -43.88
C18 CU9 M . -35.98 -22.91 -44.52
C19 CU9 M . -37.47 -22.53 -44.22
N20 CU9 M . -38.32 -22.41 -45.45
C21 CU9 M . -38.57 -23.70 -46.14
C22 CU9 M . -39.17 -24.80 -45.24
C23 CU9 M . -38.78 -24.68 -43.75
C24 CU9 M . -38.01 -23.61 -43.26
C25 CU9 M . -39.23 -25.67 -42.82
C26 CU9 M . -38.91 -25.61 -41.42
C27 CU9 M . -38.14 -24.54 -40.94
C28 CU9 M . -37.69 -23.58 -41.87
O29 CU9 M . -37.00 -22.52 -41.38
C30 CU9 M . -35.74 -22.41 -40.89
C31 CU9 M . -35.52 -21.36 -39.99
C32 CU9 M . -34.25 -21.15 -39.45
C33 CU9 M . -33.19 -21.99 -39.85
C34 CU9 M . -33.43 -23.01 -40.78
C35 CU9 M . -34.71 -23.26 -41.30
C36 CU9 M . -31.79 -21.73 -39.31
O37 CU9 M . -33.14 -16.00 -42.18
C38 CU9 M . -32.54 -14.69 -42.07
O39 CU9 M . -32.26 -18.45 -45.22
O40 CU9 M . -39.30 -26.57 -40.51
C41 CU9 M . -40.39 -27.48 -40.76
O42 CU9 M . -37.79 -24.47 -39.58
C43 CU9 M . -28.61 -20.65 -40.94
C44 CU9 M . -39.66 -21.95 -45.03
C45 CU9 M . -37.71 -21.47 -46.42
C46 CU9 M . -38.38 -23.54 -38.69
C47 CU9 M . -29.12 -22.09 -39.17
C48 CU9 M . -31.42 -18.00 -46.29
N1 CU9 N . -33.07 7.40 -29.74
C2 CU9 N . -32.13 7.54 -28.60
C3 CU9 N . -32.57 7.76 -27.14
C4 CU9 N . -33.83 8.57 -27.12
C5 CU9 N . -34.68 8.62 -28.22
C6 CU9 N . -34.43 7.90 -29.53
C7 CU9 N . -34.16 9.28 -25.94
C8 CU9 N . -35.34 10.04 -25.84
C9 CU9 N . -36.20 10.11 -26.94
C10 CU9 N . -35.85 9.39 -28.11
O11 CU9 N . -37.38 10.85 -26.94
C12 CU9 N . -37.69 11.53 -28.11
C13 CU9 N . -37.05 12.76 -28.42
C14 CU9 N . -37.38 13.37 -29.64
C15 CU9 N . -38.29 12.75 -30.50
C16 CU9 N . -38.91 11.53 -30.21
C17 CU9 N . -38.60 10.92 -29.00
C18 CU9 N . -39.87 10.95 -31.24
C19 CU9 N . -41.29 10.64 -30.74
N20 CU9 N . -42.28 11.77 -30.97
C21 CU9 N . -42.42 12.04 -32.42
C22 CU9 N . -42.90 10.83 -33.25
C23 CU9 N . -42.60 9.49 -32.58
C24 CU9 N . -41.82 9.38 -31.40
C25 CU9 N . -43.11 8.33 -33.19
C26 CU9 N . -42.86 7.06 -32.63
C27 CU9 N . -42.10 6.92 -31.46
C28 CU9 N . -41.60 8.09 -30.84
O29 CU9 N . -40.87 7.97 -29.67
C30 CU9 N . -39.52 7.69 -29.73
C31 CU9 N . -38.94 7.07 -28.62
C32 CU9 N . -37.60 6.75 -28.65
C33 CU9 N . -36.80 7.03 -29.75
C34 CU9 N . -37.36 7.65 -30.89
C35 CU9 N . -38.72 7.99 -30.89
C36 CU9 N . -35.34 6.68 -29.65
O37 CU9 N . -35.62 10.74 -24.68
C38 CU9 N . -34.64 11.49 -23.94
O39 CU9 N . -36.16 13.40 -27.55
O40 CU9 N . -43.39 5.96 -33.26
C41 CU9 N . -44.72 5.56 -32.92
O42 CU9 N . -41.96 5.60 -31.01
C43 CU9 N . -32.54 8.03 -30.96
C44 CU9 N . -43.61 11.42 -30.41
C45 CU9 N . -41.88 13.01 -30.28
C46 CU9 N . -40.95 4.94 -30.27
C47 CU9 N . -33.09 6.00 -30.10
C48 CU9 N . -35.03 14.24 -27.87
N1 CU9 O . 27.53 14.34 -10.45
C2 CU9 O . 27.58 13.61 -9.14
C3 CU9 O . 28.17 12.19 -9.30
C4 CU9 O . 29.30 12.12 -10.30
C5 CU9 O . 29.68 13.25 -11.05
C6 CU9 O . 28.93 14.56 -10.91
C7 CU9 O . 30.01 10.92 -10.44
C8 CU9 O . 31.09 10.81 -11.32
C9 CU9 O . 31.48 11.90 -12.08
C10 CU9 O . 30.78 13.11 -11.96
O11 CU9 O . 32.53 11.73 -12.93
C12 CU9 O . 32.35 12.40 -14.13
C13 CU9 O . 31.51 11.84 -15.10
C14 CU9 O . 31.29 12.56 -16.28
C15 CU9 O . 31.94 13.79 -16.47
C16 CU9 O . 32.79 14.36 -15.51
C17 CU9 O . 32.96 13.66 -14.30
C18 CU9 O . 33.41 15.75 -15.71
C19 CU9 O . 34.94 15.80 -15.49
N20 CU9 O . 35.76 15.50 -16.66
C21 CU9 O . 35.63 16.59 -17.66
C22 CU9 O . 36.10 17.98 -17.19
C23 CU9 O . 35.79 18.21 -15.72
C24 CU9 O . 35.28 17.18 -14.92
C25 CU9 O . 36.09 19.48 -15.16
C26 CU9 O . 35.81 19.70 -13.80
C27 CU9 O . 35.32 18.70 -13.00
C28 CU9 O . 35.05 17.45 -13.54
O29 CU9 O . 34.62 16.51 -12.65
C30 CU9 O . 33.40 16.37 -12.04
C31 CU9 O . 33.36 15.61 -10.85
C32 CU9 O . 32.14 15.41 -10.21
C33 CU9 O . 30.96 15.95 -10.75
C34 CU9 O . 31.02 16.71 -11.95
C35 CU9 O . 32.27 16.94 -12.57
C36 CU9 O . 29.65 15.62 -10.06
O37 CU9 O . 31.80 9.64 -11.46
C38 CU9 O . 31.25 8.39 -10.95
O39 CU9 O . 30.94 10.62 -14.85
O40 CU9 O . 36.12 20.89 -13.18
C41 CU9 O . 37.17 21.69 -13.80
O42 CU9 O . 35.08 18.94 -11.69
C43 CU9 O . 26.70 13.58 -11.49
C44 CU9 O . 37.19 15.38 -16.22
C45 CU9 O . 35.43 14.25 -17.41
C46 CU9 O . 36.04 18.47 -10.76
C47 CU9 O . 26.84 15.67 -10.30
C48 CU9 O . 30.07 9.92 -15.75
N1 CU9 P . 18.83 37.13 -1.68
C2 CU9 P . 17.73 38.05 -2.08
C3 CU9 P . 16.58 38.23 -1.08
C4 CU9 P . 17.00 37.97 0.37
C5 CU9 P . 18.31 37.59 0.73
C6 CU9 P . 19.39 37.46 -0.32
C7 CU9 P . 15.99 38.07 1.34
C8 CU9 P . 16.28 37.84 2.70
C9 CU9 P . 17.56 37.47 3.08
C10 CU9 P . 18.57 37.33 2.10
O11 CU9 P . 17.76 37.27 4.43
C12 CU9 P . 18.93 36.74 4.96
C13 CU9 P . 18.87 35.40 5.19
C14 CU9 P . 19.95 34.70 5.76
C15 CU9 P . 21.12 35.43 5.96
C16 CU9 P . 21.21 36.78 5.69
C17 CU9 P . 20.11 37.48 5.21
C18 CU9 P . 22.50 37.50 6.03
C19 CU9 P . 22.32 38.80 6.87
N20 CU9 P . 22.54 38.48 8.31
C21 CU9 P . 23.95 37.99 8.48
C22 CU9 P . 24.89 39.19 8.27
C23 CU9 P . 24.52 40.03 7.01
C24 CU9 P . 23.30 39.86 6.37
C25 CU9 P . 25.43 41.00 6.56
C26 CU9 P . 25.10 41.79 5.42
C27 CU9 P . 23.88 41.63 4.80
C28 CU9 P . 22.96 40.68 5.28
O29 CU9 P . 21.70 40.58 4.65
C30 CU9 P . 21.35 40.15 3.41
C31 CU9 P . 20.19 40.71 2.85
C32 CU9 P . 19.77 40.28 1.60
C33 CU9 P . 20.52 39.32 0.95
C34 CU9 P . 21.70 38.77 1.52
C35 CU9 P . 22.14 39.17 2.76
C36 CU9 P . 20.12 38.80 -0.42
O37 CU9 P . 15.34 37.94 3.71
C38 CU9 P . 14.08 38.62 3.61
O39 CU9 P . 17.65 34.84 4.93
O40 CU9 P . 25.94 42.79 4.89
C41 CU9 P . 27.29 42.99 5.34
O42 CU9 P . 23.62 42.42 3.71
C43 CU9 P . 18.33 35.73 -1.82
C44 CU9 P . 22.29 39.69 9.13
C45 CU9 P . 21.56 37.55 8.88
C46 CU9 P . 22.46 43.24 3.51
C47 CU9 P . 19.88 37.29 -2.70
C48 CU9 P . 17.51 33.46 4.59
N1 CU9 Q . 33.75 -0.94 35.49
C2 CU9 Q . 33.31 0.37 34.98
C3 CU9 Q . 33.14 1.51 35.98
C4 CU9 Q . 34.27 1.44 36.97
C5 CU9 Q . 35.17 0.40 36.96
C6 CU9 Q . 35.12 -0.77 35.97
C7 CU9 Q . 34.36 2.51 37.87
C8 CU9 Q . 35.36 2.54 38.81
C9 CU9 Q . 36.28 1.48 38.86
C10 CU9 Q . 36.16 0.42 37.94
O11 CU9 Q . 37.29 1.46 39.78
C12 CU9 Q . 37.77 0.26 40.17
C13 CU9 Q . 37.01 -0.52 41.04
C14 CU9 Q . 37.48 -1.80 41.41
C15 CU9 Q . 38.71 -2.21 40.92
C16 CU9 Q . 39.46 -1.41 40.05
C17 CU9 Q . 38.97 -0.16 39.64
C18 CU9 Q . 40.78 -1.96 39.47
C19 CU9 Q . 42.00 -1.03 39.42
N20 CU9 Q . 42.74 -1.14 40.70
C21 CU9 Q . 43.34 -2.51 40.84
C22 CU9 Q . 44.39 -2.77 39.71
C23 CU9 Q . 43.94 -2.25 38.34
C24 CU9 Q . 42.82 -1.42 38.22
C25 CU9 Q . 44.65 -2.61 37.17
C26 CU9 Q . 44.26 -2.10 35.88
C27 CU9 Q . 43.16 -1.26 35.80
C28 CU9 Q . 42.46 -0.98 36.94
O29 CU9 Q . 41.41 -0.15 36.80
C30 CU9 Q . 40.17 -0.42 36.31
C31 CU9 Q . 39.47 0.73 35.91
C32 CU9 Q . 38.18 0.62 35.42
C33 CU9 Q . 37.58 -0.63 35.32
C34 CU9 Q . 38.31 -1.77 35.71
C35 CU9 Q . 39.62 -1.69 36.19
C36 CU9 Q . 36.16 -0.70 34.80
O37 CU9 Q . 35.45 3.57 39.71
C38 CU9 Q . 34.40 4.49 40.14
O39 CU9 Q . 35.80 0.03 41.45
O40 CU9 Q . 44.92 -2.41 34.70
C41 CU9 Q . 46.22 -3.05 34.70
O42 CU9 Q . 42.71 -0.82 34.57
C43 CU9 Q . 32.82 -1.38 36.58
C44 CU9 Q . 43.83 -0.14 40.73
C45 CU9 Q . 41.88 -0.94 41.90
C46 CU9 Q . 42.61 0.50 34.07
C47 CU9 Q . 33.67 -1.97 34.43
C48 CU9 Q . 35.01 -0.35 42.58
N1 CU9 R . 25.42 28.25 36.56
C2 CU9 R . 25.14 28.11 35.11
C3 CU9 R . 24.61 29.40 34.45
C4 CU9 R . 25.62 30.43 34.85
C5 CU9 R . 26.55 30.28 35.90
C6 CU9 R . 26.63 29.05 36.79
C7 CU9 R . 25.58 31.58 34.08
C8 CU9 R . 26.46 32.62 34.32
C9 CU9 R . 27.38 32.50 35.35
C10 CU9 R . 27.42 31.33 36.14
O11 CU9 R . 28.25 33.53 35.64
C12 CU9 R . 28.34 33.80 36.99
C13 CU9 R . 27.30 34.48 37.71
C14 CU9 R . 27.46 34.66 39.07
C15 CU9 R . 28.60 34.16 39.71
C16 CU9 R . 29.62 33.48 39.04
C17 CU9 R . 29.47 33.28 37.66
C18 CU9 R . 30.79 32.93 39.88
C19 CU9 R . 32.17 33.45 39.50
N20 CU9 R . 32.55 34.68 40.29
C21 CU9 R . 32.89 34.37 41.71
C22 CU9 R . 34.09 33.40 41.84
C23 CU9 R . 34.15 32.40 40.71
C24 CU9 R . 33.24 32.39 39.60
C25 CU9 R . 35.16 31.46 40.79
C26 CU9 R . 35.31 30.46 39.79
C27 CU9 R . 34.43 30.44 38.70
C28 CU9 R . 33.43 31.39 38.61
O29 CU9 R . 32.63 31.28 37.51
C30 CU9 R . 31.47 30.48 37.41
C31 CU9 R . 31.13 30.06 36.13
C32 CU9 R . 29.98 29.31 35.94
C33 CU9 R . 29.13 28.98 36.99
C34 CU9 R . 29.44 29.42 38.28
C35 CU9 R . 30.62 30.17 38.49
C36 CU9 R . 27.89 28.18 36.66
O37 CU9 R . 26.40 33.77 33.56
C38 CU9 R . 25.24 34.14 32.79
O39 CU9 R . 26.17 35.03 37.11
O40 CU9 R . 36.37 29.58 39.94
C41 CU9 R . 37.68 30.17 39.86
O42 CU9 R . 34.55 29.48 37.69
C43 CU9 R . 24.26 28.88 37.22
C44 CU9 R . 33.70 35.37 39.68
C45 CU9 R . 31.46 35.70 40.31
C46 CU9 R . 33.60 29.25 36.62
C47 CU9 R . 25.61 26.92 37.16
C48 CU9 R . 24.78 34.73 37.40
#